data_3E1I
#
_entry.id   3E1I
#
_cell.length_a   54.476
_cell.length_b   146.596
_cell.length_c   228.960
_cell.angle_alpha   90.00
_cell.angle_beta   90.00
_cell.angle_gamma   90.00
#
_symmetry.space_group_name_H-M   'P 21 21 21'
#
loop_
_entity.id
_entity.type
_entity.pdbx_description
1 polymer 'Fibrinogen alpha chain'
2 polymer 'Fibrinogen beta chain'
3 polymer 'Fibrinogen gamma chain'
4 polymer Gly-His-Arg-Pro-amide
5 non-polymer 2-acetamido-2-deoxy-beta-D-glucopyranose
6 non-polymer 'CALCIUM ION'
7 water water
#
loop_
_entity_poly.entity_id
_entity_poly.type
_entity_poly.pdbx_seq_one_letter_code
_entity_poly.pdbx_strand_id
1 'polypeptide(L)'
;VSEDLRSRIEVLKRKVIEKVQHIQLLQKNVRAQLVDMKRLEVDIDIKIRSCRGSCSRALAREVDLKDYEDQQKQLEQVIA
KDLLPSR
;
A,D
2 'polypeptide(L)'
;DNENVVNEYSSELEKHQLYIDETVNSNIPTNLRVLRSILENLRSKIQKLESDVSAQMEYCRTPCTVSCNIPVVSGKECEE
IIRKGGETSEMYLIQPDSSVKPYRVYCDMNTENGGWTVIQNRQDGSVDFGRKWDPYKQGFGNVATNTDGKNYCGLPGEYW
LGNDKISQLTRMGPTELLIEMEDWKGDKVKAHYGGFTVQNEANKYQISVNKYRGTAGNALMDGASQLMGENRTMTIHNGM
FFSTYDRDNDGWLTSDPRKQCSKEDGGGWWYNRCHAANPNGRYYWGGQYTWDMAKHGTADGVVWMNWKGSWYSMRKMSMK
IRPFFPQQ
;
B,E
3 'polypeptide(L)'
;KMLEEIMKYEASILTHDSSIRYLQEIYNSNNQKIVNLKEKVAQLEAQCQEPCKDTVQIHDITGKDCQDIANKGAKQSGLY
FIKPLKANQQFLVYCEIDGSGNGWTVFQKRLDGSVDFKKNWIQYKEGFGHLSPTGTTEFWLGNEKIHLISTQSAIPYALR
VELEDWNGRTSTADYAMFKVGPEADKYRLTYAYFAGGDAGDAFDGFDFGDDPSDKFFTSHNGMQFSTWDNDNDKFEGNCA
EQDGSGWWMNKCHAGHLNGVYYQGGTYSKASTPNGYDNGIIWATWKTRWYSMKKTTMKIIPFNRLTIGEGQQHHLGGAK
;
C,F
4 'polypeptide(L)' GHRP(NH2) G,H
#
# COMPACT_ATOMS: atom_id res chain seq x y z
N GLN A 24 56.55 41.43 13.93
CA GLN A 24 56.13 42.59 13.08
C GLN A 24 54.63 42.80 13.18
N LEU A 25 53.89 42.42 12.13
CA LEU A 25 52.44 42.56 12.07
C LEU A 25 51.77 41.59 13.05
N LEU A 26 51.32 42.12 14.18
CA LEU A 26 50.68 41.31 15.22
C LEU A 26 49.15 41.27 15.05
N GLN A 27 48.70 41.16 13.80
CA GLN A 27 47.27 41.08 13.49
C GLN A 27 46.74 39.66 13.75
N LYS A 28 46.48 39.39 15.03
CA LYS A 28 45.98 38.09 15.47
C LYS A 28 44.45 38.12 15.57
N ASN A 29 43.85 39.10 14.91
CA ASN A 29 42.40 39.25 14.83
C ASN A 29 41.72 38.20 13.95
N VAL A 30 42.39 37.06 13.76
CA VAL A 30 41.81 35.90 13.10
C VAL A 30 40.82 35.23 14.06
N ARG A 31 40.95 35.54 15.34
CA ARG A 31 39.98 35.11 16.36
C ARG A 31 38.67 35.91 16.23
N ALA A 32 38.73 37.06 15.57
CA ALA A 32 37.55 37.87 15.30
C ALA A 32 36.82 37.37 14.05
N GLN A 33 37.57 36.88 13.07
CA GLN A 33 37.00 36.31 11.85
C GLN A 33 36.45 34.90 12.11
N LEU A 34 37.05 34.21 13.08
CA LEU A 34 36.61 32.89 13.50
C LEU A 34 35.24 32.96 14.17
N VAL A 35 35.01 34.03 14.92
CA VAL A 35 33.73 34.30 15.59
C VAL A 35 32.63 34.64 14.58
N ASP A 36 33.00 35.40 13.54
CA ASP A 36 32.06 35.79 12.48
C ASP A 36 31.62 34.60 11.64
N MET A 37 32.53 33.64 11.46
CA MET A 37 32.25 32.42 10.70
C MET A 37 31.33 31.45 11.45
N LYS A 38 31.53 31.36 12.77
CA LYS A 38 30.70 30.52 13.64
C LYS A 38 29.24 30.98 13.61
N ARG A 39 29.00 32.27 13.85
CA ARG A 39 27.67 32.88 13.70
C ARG A 39 27.06 32.63 12.34
N LEU A 40 27.85 32.87 11.29
CA LEU A 40 27.39 32.74 9.91
C LEU A 40 27.06 31.29 9.53
N GLU A 41 27.88 30.35 9.97
CA GLU A 41 27.63 28.92 9.78
C GLU A 41 26.26 28.54 10.37
N VAL A 42 26.04 28.94 11.63
CA VAL A 42 24.78 28.69 12.33
C VAL A 42 23.60 29.39 11.65
N ASP A 43 23.80 30.67 11.30
CA ASP A 43 22.78 31.49 10.63
C ASP A 43 22.35 30.88 9.29
N ILE A 44 23.32 30.37 8.54
CA ILE A 44 23.09 29.75 7.25
C ILE A 44 22.40 28.40 7.41
N ASP A 45 22.81 27.65 8.44
CA ASP A 45 22.17 26.39 8.79
C ASP A 45 20.67 26.59 9.04
N ILE A 46 20.34 27.61 9.84
CA ILE A 46 18.95 27.96 10.15
C ILE A 46 18.18 28.36 8.89
N LYS A 47 18.78 29.24 8.08
CA LYS A 47 18.17 29.77 6.88
C LYS A 47 17.92 28.72 5.80
N ILE A 48 18.89 27.82 5.58
CA ILE A 48 18.70 26.70 4.65
C ILE A 48 17.58 25.78 5.13
N ARG A 49 17.56 25.51 6.43
CA ARG A 49 16.51 24.70 7.04
C ARG A 49 15.12 25.30 6.83
N SER A 50 15.01 26.63 6.94
CA SER A 50 13.71 27.31 6.73
C SER A 50 13.21 27.24 5.29
N CYS A 51 14.04 26.69 4.40
CA CYS A 51 13.67 26.46 3.00
C CYS A 51 12.92 25.14 2.77
N ARG A 52 13.05 24.21 3.73
CA ARG A 52 12.35 22.92 3.70
C ARG A 52 10.83 23.07 3.62
N GLY A 53 10.30 24.17 4.16
CA GLY A 53 8.87 24.46 4.09
C GLY A 53 8.45 25.35 2.93
N SER A 54 9.41 25.69 2.06
CA SER A 54 9.16 26.55 0.91
C SER A 54 9.46 25.91 -0.45
N CYS A 55 10.50 25.09 -0.49
CA CYS A 55 11.09 24.65 -1.75
C CYS A 55 10.98 23.15 -1.98
N SER A 56 11.11 22.76 -3.26
CA SER A 56 10.99 21.38 -3.70
C SER A 56 11.85 20.42 -2.88
N ARG A 57 13.11 20.78 -2.70
CA ARG A 57 14.08 19.94 -2.01
C ARG A 57 14.78 20.70 -0.89
N ALA A 58 15.10 20.00 0.19
CA ALA A 58 15.83 20.57 1.30
C ALA A 58 17.22 19.96 1.39
N LEU A 59 18.22 20.82 1.38
CA LEU A 59 19.62 20.40 1.40
C LEU A 59 19.98 19.78 2.75
N ALA A 60 20.33 18.49 2.72
CA ALA A 60 20.77 17.78 3.90
C ALA A 60 22.20 18.18 4.24
N ARG A 61 22.36 18.88 5.35
CA ARG A 61 23.67 19.37 5.77
C ARG A 61 23.79 19.46 7.29
N GLU A 62 25.00 19.74 7.76
CA GLU A 62 25.30 19.82 9.19
C GLU A 62 26.19 21.03 9.51
N VAL A 63 26.41 21.26 10.81
CA VAL A 63 27.35 22.28 11.28
C VAL A 63 28.35 21.62 12.22
N ASP A 64 29.63 21.78 11.92
CA ASP A 64 30.68 21.22 12.76
C ASP A 64 31.20 22.26 13.74
N LEU A 65 30.47 22.41 14.85
CA LEU A 65 30.86 23.31 15.94
C LEU A 65 32.09 22.79 16.68
N LYS A 66 32.32 21.48 16.57
CA LYS A 66 33.49 20.83 17.18
C LYS A 66 34.78 21.25 16.49
N ASP A 67 34.76 21.28 15.15
CA ASP A 67 35.92 21.70 14.36
C ASP A 67 36.24 23.18 14.60
N TYR A 68 35.20 24.00 14.68
CA TYR A 68 35.36 25.43 14.95
C TYR A 68 35.96 25.71 16.32
N GLU A 69 35.56 24.93 17.33
CA GLU A 69 36.03 25.14 18.70
C GLU A 69 37.41 24.52 19.00
N ASP A 70 37.78 23.50 18.23
CA ASP A 70 39.09 22.85 18.36
C ASP A 70 40.22 23.78 17.95
N GLN A 71 39.99 24.53 16.86
CA GLN A 71 40.96 25.50 16.37
C GLN A 71 40.73 26.89 16.97
N GLN A 72 39.61 27.04 17.68
CA GLN A 72 39.33 28.24 18.46
C GLN A 72 40.00 28.12 19.83
N LYS A 73 40.21 26.87 20.26
CA LYS A 73 40.96 26.56 21.47
C LYS A 73 42.43 26.90 21.26
N GLN A 74 42.91 26.69 20.03
CA GLN A 74 44.20 27.19 19.59
C GLN A 74 44.10 28.71 19.40
N LEU A 75 45.10 29.31 18.73
CA LEU A 75 45.20 30.77 18.62
C LEU A 75 45.38 31.44 19.99
N GLU A 76 44.40 31.26 20.86
CA GLU A 76 44.50 31.69 22.26
C GLU A 76 45.59 30.88 22.97
N GLN A 77 45.86 29.69 22.44
CA GLN A 77 46.92 28.80 22.93
C GLN A 77 48.30 29.27 22.47
N VAL A 78 48.44 29.53 21.17
CA VAL A 78 49.73 29.98 20.61
C VAL A 78 50.04 31.44 20.92
N ILE A 79 49.02 32.19 21.37
CA ILE A 79 49.21 33.54 21.88
C ILE A 79 48.97 33.55 23.39
N ALA A 80 50.02 33.25 24.14
CA ALA A 80 49.95 33.19 25.60
C ALA A 80 51.28 33.61 26.22
N ILE B 28 56.26 32.28 19.81
CA ILE B 28 56.51 33.31 18.77
C ILE B 28 57.08 32.72 17.46
N PRO B 29 58.11 31.83 17.54
CA PRO B 29 58.57 31.18 16.31
C PRO B 29 57.53 30.23 15.69
N THR B 30 56.82 29.49 16.54
CA THR B 30 55.74 28.59 16.09
C THR B 30 54.41 29.33 16.13
N ASN B 31 54.25 30.30 15.23
CA ASN B 31 53.06 31.15 15.18
C ASN B 31 52.50 31.27 13.78
N LEU B 32 53.36 31.05 12.77
CA LEU B 32 52.96 31.09 11.37
C LEU B 32 52.54 29.70 10.86
N ARG B 33 52.45 28.74 11.79
CA ARG B 33 52.10 27.36 11.47
C ARG B 33 50.59 27.15 11.52
N VAL B 34 50.01 27.38 12.69
CA VAL B 34 48.58 27.18 12.92
C VAL B 34 47.77 28.37 12.39
N LEU B 35 48.36 29.57 12.47
CA LEU B 35 47.70 30.79 12.01
C LEU B 35 47.59 30.86 10.47
N ARG B 36 48.37 30.02 9.79
CA ARG B 36 48.28 29.87 8.35
C ARG B 36 47.20 28.84 7.99
N SER B 37 47.10 27.80 8.81
CA SER B 37 46.14 26.71 8.59
C SER B 37 44.72 27.07 9.03
N ILE B 38 44.61 27.98 10.01
CA ILE B 38 43.31 28.46 10.50
C ILE B 38 42.56 29.25 9.42
N LEU B 39 43.29 30.11 8.72
CA LEU B 39 42.71 30.94 7.66
C LEU B 39 42.41 30.12 6.39
N GLU B 40 43.24 29.11 6.15
CA GLU B 40 43.02 28.18 5.03
C GLU B 40 41.88 27.22 5.30
N ASN B 41 41.60 26.98 6.58
CA ASN B 41 40.42 26.23 7.00
C ASN B 41 39.17 27.06 6.74
N LEU B 42 39.21 28.33 7.14
CA LEU B 42 38.07 29.25 7.00
C LEU B 42 37.68 29.51 5.55
N ARG B 43 38.67 29.62 4.66
CA ARG B 43 38.41 29.88 3.24
C ARG B 43 37.77 28.68 2.54
N SER B 44 38.09 27.47 3.01
CA SER B 44 37.45 26.25 2.52
C SER B 44 36.05 26.10 3.11
N LYS B 45 35.84 26.70 4.28
CA LYS B 45 34.52 26.74 4.93
C LYS B 45 33.59 27.71 4.22
N ILE B 46 34.15 28.81 3.70
CA ILE B 46 33.39 29.78 2.92
C ILE B 46 32.99 29.19 1.56
N GLN B 47 33.90 28.39 0.99
CA GLN B 47 33.61 27.68 -0.27
C GLN B 47 32.50 26.65 -0.10
N LYS B 48 32.48 25.96 1.03
CA LYS B 48 31.44 24.98 1.34
C LYS B 48 30.08 25.66 1.55
N LEU B 49 30.07 26.73 2.33
CA LEU B 49 28.87 27.54 2.57
C LEU B 49 28.35 28.17 1.29
N GLU B 50 29.27 28.67 0.48
CA GLU B 50 28.98 29.25 -0.83
C GLU B 50 28.26 28.25 -1.71
N SER B 51 28.71 26.99 -1.64
CA SER B 51 28.15 25.89 -2.42
C SER B 51 26.79 25.46 -1.87
N ASP B 52 26.71 25.32 -0.55
CA ASP B 52 25.46 24.97 0.14
C ASP B 52 24.32 25.94 -0.19
N VAL B 53 24.54 27.23 0.05
CA VAL B 53 23.56 28.29 -0.23
C VAL B 53 23.13 28.28 -1.69
N SER B 54 24.09 28.10 -2.59
CA SER B 54 23.83 28.06 -4.03
C SER B 54 22.98 26.86 -4.46
N ALA B 55 23.28 25.69 -3.90
CA ALA B 55 22.52 24.48 -4.18
C ALA B 55 21.05 24.62 -3.74
N GLN B 56 20.84 25.12 -2.53
CA GLN B 56 19.50 25.35 -1.99
C GLN B 56 18.72 26.35 -2.86
N MET B 57 19.41 27.38 -3.35
CA MET B 57 18.82 28.35 -4.26
C MET B 57 18.24 27.72 -5.54
N GLU B 58 18.95 26.71 -6.06
CA GLU B 58 18.44 25.97 -7.23
C GLU B 58 17.20 25.15 -6.90
N TYR B 59 17.18 24.53 -5.72
CA TYR B 59 16.00 23.83 -5.22
C TYR B 59 14.79 24.75 -5.10
N CYS B 60 15.05 26.02 -4.80
CA CYS B 60 14.00 27.02 -4.61
C CYS B 60 13.52 27.69 -5.92
N ARG B 61 13.93 27.11 -7.05
CA ARG B 61 13.45 27.51 -8.37
C ARG B 61 11.97 27.13 -8.53
N THR B 62 11.59 26.07 -7.84
CA THR B 62 10.21 25.57 -7.76
C THR B 62 9.83 25.33 -6.29
N PRO B 63 8.54 25.47 -5.95
CA PRO B 63 8.14 25.32 -4.55
C PRO B 63 7.87 23.86 -4.14
N CYS B 64 7.76 23.62 -2.83
CA CYS B 64 7.17 22.37 -2.33
C CYS B 64 5.67 22.42 -2.55
N THR B 65 5.04 21.26 -2.67
CA THR B 65 3.60 21.18 -2.91
C THR B 65 2.88 20.29 -1.90
N VAL B 66 1.59 20.54 -1.73
CA VAL B 66 0.68 19.65 -1.00
C VAL B 66 -0.61 19.55 -1.79
N SER B 67 -1.40 18.54 -1.48
CA SER B 67 -2.76 18.40 -1.98
C SER B 67 -3.66 18.09 -0.79
N CYS B 68 -4.14 19.15 -0.15
CA CYS B 68 -4.94 18.99 1.05
C CYS B 68 -6.42 19.06 0.68
N ASN B 69 -6.97 17.92 0.25
CA ASN B 69 -8.40 17.78 0.04
C ASN B 69 -9.13 18.07 1.35
N ILE B 70 -10.28 18.72 1.25
CA ILE B 70 -10.91 19.36 2.40
C ILE B 70 -12.00 18.48 3.04
N PRO B 71 -11.86 18.20 4.37
CA PRO B 71 -12.92 17.47 5.05
C PRO B 71 -14.28 18.13 4.81
N VAL B 72 -15.30 17.31 4.60
CA VAL B 72 -16.66 17.79 4.47
C VAL B 72 -17.07 18.57 5.73
N VAL B 73 -16.76 18.01 6.91
CA VAL B 73 -17.17 18.61 8.16
C VAL B 73 -16.43 19.93 8.46
N SER B 74 -17.22 20.95 8.78
CA SER B 74 -16.73 22.29 9.07
C SER B 74 -17.52 22.87 10.26
N GLY B 75 -17.04 23.98 10.80
CA GLY B 75 -17.72 24.68 11.89
C GLY B 75 -16.98 25.98 12.17
N LYS B 76 -17.34 26.64 13.27
CA LYS B 76 -16.73 27.91 13.67
C LYS B 76 -15.26 27.74 14.04
N GLU B 77 -14.94 26.62 14.69
CA GLU B 77 -13.55 26.23 14.99
C GLU B 77 -13.49 24.74 15.32
N CYS B 78 -12.36 24.28 15.85
CA CYS B 78 -12.10 22.85 15.99
C CYS B 78 -12.93 22.13 17.06
N GLU B 79 -13.43 22.88 18.03
CA GLU B 79 -14.30 22.34 19.08
C GLU B 79 -15.67 21.97 18.53
N GLU B 80 -16.28 22.89 17.79
CA GLU B 80 -17.53 22.62 17.11
C GLU B 80 -17.37 21.43 16.15
N ILE B 81 -16.24 21.40 15.45
CA ILE B 81 -15.95 20.32 14.50
C ILE B 81 -15.93 18.94 15.17
N ILE B 82 -15.28 18.81 16.34
CA ILE B 82 -15.25 17.52 17.05
C ILE B 82 -16.63 17.16 17.61
N ARG B 83 -17.42 18.18 17.96
CA ARG B 83 -18.82 17.98 18.35
C ARG B 83 -19.70 17.56 17.17
N LYS B 84 -19.27 17.90 15.95
CA LYS B 84 -19.95 17.45 14.74
C LYS B 84 -19.40 16.13 14.19
N GLY B 85 -18.60 15.43 14.99
CA GLY B 85 -18.09 14.12 14.59
C GLY B 85 -16.75 14.10 13.87
N GLY B 86 -16.11 15.27 13.73
CA GLY B 86 -14.78 15.33 13.15
C GLY B 86 -13.77 14.92 14.20
N GLU B 87 -13.40 13.64 14.17
CA GLU B 87 -12.65 13.04 15.28
C GLU B 87 -11.19 12.72 15.01
N THR B 88 -10.72 13.00 13.79
CA THR B 88 -9.32 12.78 13.46
C THR B 88 -8.55 14.10 13.39
N SER B 89 -7.30 14.09 13.86
CA SER B 89 -6.43 15.26 13.76
C SER B 89 -5.99 15.46 12.33
N GLU B 90 -6.33 16.61 11.76
CA GLU B 90 -5.96 16.94 10.39
C GLU B 90 -6.30 18.40 10.09
N MET B 91 -6.09 18.82 8.85
CA MET B 91 -6.51 20.12 8.38
C MET B 91 -8.02 20.15 8.20
N TYR B 92 -8.64 21.24 8.65
CA TYR B 92 -10.05 21.46 8.40
C TYR B 92 -10.22 22.90 7.95
N LEU B 93 -11.32 23.17 7.27
CA LEU B 93 -11.75 24.52 6.97
C LEU B 93 -12.67 24.95 8.10
N ILE B 94 -12.40 26.11 8.69
CA ILE B 94 -13.33 26.72 9.65
C ILE B 94 -13.79 28.11 9.22
N GLN B 95 -15.03 28.46 9.60
CA GLN B 95 -15.53 29.81 9.38
C GLN B 95 -16.08 30.40 10.70
N PRO B 96 -15.20 31.04 11.50
CA PRO B 96 -15.61 31.59 12.81
C PRO B 96 -16.82 32.50 12.72
N ASP B 97 -16.93 33.27 11.64
CA ASP B 97 -18.02 34.22 11.48
C ASP B 97 -18.42 34.29 10.01
N SER B 98 -19.72 34.48 9.75
CA SER B 98 -20.20 34.62 8.38
C SER B 98 -19.60 35.84 7.69
N SER B 99 -19.05 36.77 8.48
CA SER B 99 -18.35 37.93 7.94
C SER B 99 -16.90 37.60 7.62
N VAL B 100 -16.41 36.48 8.17
CA VAL B 100 -15.03 36.04 7.98
C VAL B 100 -14.94 35.01 6.85
N LYS B 101 -13.95 35.17 5.99
CA LYS B 101 -13.69 34.21 4.92
C LYS B 101 -13.24 32.87 5.55
N PRO B 102 -13.87 31.74 5.16
CA PRO B 102 -13.47 30.44 5.70
C PRO B 102 -11.98 30.17 5.47
N TYR B 103 -11.30 29.63 6.47
CA TYR B 103 -9.86 29.42 6.35
C TYR B 103 -9.38 28.13 6.96
N ARG B 104 -8.21 27.67 6.51
CA ARG B 104 -7.65 26.39 6.91
C ARG B 104 -6.91 26.46 8.25
N VAL B 105 -7.07 25.41 9.04
CA VAL B 105 -6.39 25.29 10.30
C VAL B 105 -6.10 23.81 10.55
N TYR B 106 -5.09 23.52 11.38
CA TYR B 106 -4.89 22.16 11.86
C TYR B 106 -5.68 21.96 13.17
N CYS B 107 -6.53 20.94 13.21
CA CYS B 107 -7.27 20.59 14.41
C CYS B 107 -6.64 19.39 15.08
N ASP B 108 -6.25 19.55 16.33
CA ASP B 108 -5.79 18.44 17.15
C ASP B 108 -6.97 17.85 17.90
N MET B 109 -7.40 16.66 17.49
CA MET B 109 -8.59 16.05 18.06
C MET B 109 -8.28 14.96 19.12
N ASN B 110 -7.00 14.82 19.45
CA ASN B 110 -6.53 13.70 20.27
C ASN B 110 -5.96 14.08 21.63
N THR B 111 -5.27 15.22 21.69
CA THR B 111 -4.72 15.76 22.94
C THR B 111 -5.85 16.13 23.91
N GLU B 112 -5.72 15.62 25.13
CA GLU B 112 -6.70 15.85 26.19
C GLU B 112 -8.10 15.47 25.67
N ASN B 113 -9.00 16.43 25.62
CA ASN B 113 -10.35 16.15 25.13
C ASN B 113 -10.57 16.51 23.66
N GLY B 114 -9.50 16.90 22.96
CA GLY B 114 -9.59 17.29 21.55
C GLY B 114 -10.34 18.60 21.36
N GLY B 115 -10.57 18.97 20.10
CA GLY B 115 -11.23 20.23 19.78
C GLY B 115 -10.28 21.42 19.78
N TRP B 116 -8.99 21.13 19.68
CA TRP B 116 -7.94 22.16 19.72
C TRP B 116 -7.64 22.76 18.36
N THR B 117 -7.76 24.09 18.26
CA THR B 117 -7.33 24.83 17.09
C THR B 117 -5.86 25.22 17.28
N VAL B 118 -5.00 24.66 16.44
CA VAL B 118 -3.56 24.99 16.48
C VAL B 118 -3.37 26.39 15.90
N ILE B 119 -2.74 27.26 16.69
CA ILE B 119 -2.42 28.60 16.23
C ILE B 119 -0.93 28.79 15.95
N GLN B 120 -0.11 27.89 16.49
CA GLN B 120 1.35 27.96 16.38
C GLN B 120 1.95 26.56 16.50
N ASN B 121 2.90 26.24 15.64
CA ASN B 121 3.56 24.94 15.70
C ASN B 121 5.01 25.00 15.21
N ARG B 122 5.91 24.36 15.95
CA ARG B 122 7.33 24.22 15.58
C ARG B 122 7.71 22.77 15.82
N GLN B 123 8.52 22.20 14.93
CA GLN B 123 8.87 20.78 14.99
C GLN B 123 10.16 20.40 14.27
N ASP B 124 10.62 21.25 13.34
CA ASP B 124 11.75 20.90 12.48
C ASP B 124 12.49 22.09 11.87
N GLY B 125 12.07 23.30 12.20
CA GLY B 125 12.72 24.51 11.66
C GLY B 125 12.55 24.73 10.17
N SER B 126 11.49 24.16 9.60
CA SER B 126 11.23 24.25 8.16
C SER B 126 10.66 25.60 7.73
N VAL B 127 10.28 26.44 8.70
CA VAL B 127 9.67 27.74 8.40
C VAL B 127 10.39 28.90 9.13
N ASP B 128 10.58 29.99 8.42
CA ASP B 128 11.18 31.21 8.95
C ASP B 128 10.14 31.97 9.78
N PHE B 129 10.42 32.10 11.09
CA PHE B 129 9.58 32.86 12.02
C PHE B 129 10.13 34.27 12.28
N GLY B 130 11.28 34.60 11.69
CA GLY B 130 11.85 35.94 11.77
C GLY B 130 11.18 36.84 10.73
N ARG B 131 9.97 37.26 11.03
CA ARG B 131 9.16 37.95 10.02
C ARG B 131 8.64 39.28 10.52
N LYS B 132 8.16 40.10 9.59
CA LYS B 132 7.76 41.46 9.90
C LYS B 132 6.30 41.50 10.39
N TRP B 133 5.78 42.70 10.57
CA TRP B 133 4.44 42.92 11.14
C TRP B 133 3.34 42.30 10.28
N ASP B 134 3.34 42.61 8.98
CA ASP B 134 2.29 42.12 8.09
C ASP B 134 2.18 40.59 7.99
N PRO B 135 3.32 39.87 7.77
CA PRO B 135 3.28 38.40 7.85
C PRO B 135 2.71 37.85 9.17
N TYR B 136 3.10 38.43 10.31
CA TYR B 136 2.52 38.01 11.58
C TYR B 136 1.04 38.38 11.68
N LYS B 137 0.66 39.52 11.09
CA LYS B 137 -0.73 39.91 10.98
C LYS B 137 -1.58 38.91 10.17
N GLN B 138 -1.08 38.52 8.99
CA GLN B 138 -1.85 37.70 8.04
C GLN B 138 -1.79 36.21 8.31
N GLY B 139 -0.70 35.77 8.94
CA GLY B 139 -0.39 34.34 9.10
C GLY B 139 0.64 33.91 8.08
N PHE B 140 1.43 32.90 8.43
CA PHE B 140 2.45 32.37 7.52
C PHE B 140 2.77 30.92 7.84
N GLY B 141 3.49 30.27 6.94
CA GLY B 141 3.93 28.88 7.13
C GLY B 141 2.94 27.89 6.56
N ASN B 142 3.16 26.62 6.88
CA ASN B 142 2.37 25.51 6.32
C ASN B 142 1.40 24.96 7.34
N VAL B 143 0.11 25.05 7.04
CA VAL B 143 -0.90 24.56 7.97
C VAL B 143 -0.79 23.05 8.19
N ALA B 144 -0.66 22.30 7.09
CA ALA B 144 -0.68 20.85 7.10
C ALA B 144 -0.01 20.25 5.86
N THR B 145 0.48 19.01 5.99
CA THR B 145 1.07 18.30 4.85
C THR B 145 0.51 16.88 4.73
N ASN B 146 0.64 16.29 3.55
CA ASN B 146 0.17 14.93 3.28
C ASN B 146 1.04 13.88 3.98
N THR B 147 0.38 12.88 4.57
CA THR B 147 1.09 11.77 5.20
C THR B 147 1.11 10.58 4.26
N ASP B 148 2.19 9.80 4.33
CA ASP B 148 2.46 8.66 3.44
C ASP B 148 1.87 8.80 2.03
N GLY B 149 0.88 7.97 1.68
CA GLY B 149 0.13 8.12 0.44
C GLY B 149 -1.35 8.31 0.72
N LYS B 150 -1.67 9.35 1.49
CA LYS B 150 -3.04 9.72 1.83
C LYS B 150 -3.46 10.94 1.03
N ASN B 151 -4.73 11.00 0.66
CA ASN B 151 -5.27 12.15 -0.09
C ASN B 151 -5.71 13.33 0.78
N TYR B 152 -5.27 13.35 2.05
CA TYR B 152 -5.60 14.43 2.97
C TYR B 152 -4.38 14.77 3.84
N CYS B 153 -4.37 15.96 4.41
CA CYS B 153 -3.23 16.46 5.20
C CYS B 153 -3.42 16.27 6.72
N GLY B 154 -2.99 15.12 7.21
CA GLY B 154 -3.11 14.75 8.62
C GLY B 154 -1.94 15.11 9.52
N LEU B 155 -0.87 15.64 8.92
CA LEU B 155 0.29 16.10 9.70
C LEU B 155 0.33 17.63 9.72
N PRO B 156 0.62 18.23 10.89
CA PRO B 156 0.69 19.69 10.89
C PRO B 156 2.01 20.16 10.29
N GLY B 157 2.00 21.33 9.68
CA GLY B 157 3.25 21.98 9.27
C GLY B 157 3.67 22.96 10.34
N GLU B 158 4.80 23.63 10.14
CA GLU B 158 5.16 24.76 10.98
C GLU B 158 4.42 26.00 10.48
N TYR B 159 3.69 26.67 11.37
CA TYR B 159 3.01 27.90 10.98
C TYR B 159 2.63 28.80 12.14
N TRP B 160 2.29 30.03 11.78
CA TRP B 160 1.66 30.98 12.69
C TRP B 160 0.32 31.35 12.05
N LEU B 161 -0.76 31.14 12.77
CA LEU B 161 -2.10 31.31 12.18
C LEU B 161 -2.35 32.75 11.70
N GLY B 162 -1.87 33.72 12.46
CA GLY B 162 -2.04 35.12 12.08
C GLY B 162 -2.80 35.87 13.15
N ASN B 163 -2.31 37.07 13.46
CA ASN B 163 -2.81 37.84 14.60
C ASN B 163 -4.27 38.30 14.50
N ASP B 164 -4.69 38.71 13.31
CA ASP B 164 -6.09 39.05 13.06
C ASP B 164 -7.00 37.83 13.35
N LYS B 165 -6.56 36.65 12.91
CA LYS B 165 -7.35 35.44 13.10
C LYS B 165 -7.35 34.97 14.54
N ILE B 166 -6.17 35.02 15.18
CA ILE B 166 -6.05 34.64 16.59
C ILE B 166 -6.88 35.57 17.47
N SER B 167 -6.81 36.87 17.21
CA SER B 167 -7.61 37.83 17.98
C SER B 167 -9.11 37.55 17.86
N GLN B 168 -9.59 37.39 16.63
CA GLN B 168 -11.00 37.10 16.38
C GLN B 168 -11.50 35.84 17.12
N LEU B 169 -10.70 34.78 17.13
CA LEU B 169 -11.05 33.51 17.76
C LEU B 169 -11.12 33.60 19.29
N THR B 170 -10.13 34.26 19.90
CA THR B 170 -10.08 34.41 21.36
C THR B 170 -11.18 35.32 21.90
N ARG B 171 -11.67 36.23 21.07
CA ARG B 171 -12.65 37.22 21.47
C ARG B 171 -14.11 36.77 21.23
N MET B 172 -14.28 35.58 20.64
CA MET B 172 -15.61 34.97 20.38
C MET B 172 -16.32 34.53 21.66
N GLY B 173 -15.52 34.20 22.66
CA GLY B 173 -16.00 33.79 23.97
C GLY B 173 -14.79 33.42 24.80
N PRO B 174 -14.99 33.02 26.07
CA PRO B 174 -13.86 32.57 26.88
C PRO B 174 -13.08 31.43 26.22
N THR B 175 -11.77 31.60 26.12
CA THR B 175 -10.90 30.74 25.35
C THR B 175 -9.75 30.28 26.24
N GLU B 176 -9.41 28.99 26.19
CA GLU B 176 -8.25 28.47 26.90
C GLU B 176 -7.09 28.21 25.94
N LEU B 177 -5.89 28.07 26.50
CA LEU B 177 -4.67 27.93 25.73
C LEU B 177 -3.79 26.80 26.26
N LEU B 178 -3.34 25.93 25.35
CA LEU B 178 -2.41 24.88 25.68
C LEU B 178 -1.11 25.06 24.89
N ILE B 179 -0.03 25.28 25.62
CA ILE B 179 1.31 25.34 25.06
C ILE B 179 2.08 24.09 25.47
N GLU B 180 2.55 23.35 24.47
CA GLU B 180 3.31 22.13 24.70
C GLU B 180 4.68 22.20 24.05
N MET B 181 5.67 21.60 24.70
CA MET B 181 7.04 21.59 24.21
C MET B 181 7.77 20.31 24.53
N GLU B 182 8.81 20.02 23.75
CA GLU B 182 9.59 18.79 23.88
C GLU B 182 11.06 19.11 23.60
N ASP B 183 11.96 18.53 24.40
CA ASP B 183 13.39 18.73 24.20
C ASP B 183 13.99 17.70 23.24
N TRP B 184 15.31 17.71 23.11
CA TRP B 184 15.98 16.85 22.14
C TRP B 184 16.26 15.43 22.67
N LYS B 185 15.97 15.20 23.94
CA LYS B 185 16.05 13.87 24.57
C LYS B 185 14.70 13.15 24.63
N GLY B 186 13.63 13.86 24.27
CA GLY B 186 12.29 13.26 24.20
C GLY B 186 11.43 13.53 25.42
N ASP B 187 11.98 14.24 26.40
CA ASP B 187 11.22 14.69 27.56
C ASP B 187 10.28 15.81 27.15
N LYS B 188 9.17 15.96 27.87
CA LYS B 188 8.21 17.02 27.57
C LYS B 188 7.51 17.62 28.79
N VAL B 189 7.07 18.86 28.63
CA VAL B 189 6.27 19.58 29.62
C VAL B 189 5.19 20.40 28.90
N LYS B 190 4.26 20.95 29.67
CA LYS B 190 3.17 21.75 29.13
C LYS B 190 2.86 22.96 30.01
N ALA B 191 2.24 23.97 29.41
CA ALA B 191 1.75 25.14 30.13
C ALA B 191 0.31 25.40 29.70
N HIS B 192 -0.61 25.17 30.61
CA HIS B 192 -2.02 25.33 30.34
C HIS B 192 -2.52 26.63 30.97
N TYR B 193 -3.14 27.49 30.17
CA TYR B 193 -3.72 28.74 30.63
C TYR B 193 -5.22 28.71 30.38
N GLY B 194 -5.98 28.51 31.46
CA GLY B 194 -7.44 28.41 31.38
C GLY B 194 -8.12 29.59 30.70
N GLY B 195 -7.49 30.76 30.77
CA GLY B 195 -8.01 31.96 30.11
C GLY B 195 -6.96 32.58 29.21
N PHE B 196 -7.36 32.93 27.98
CA PHE B 196 -6.45 33.48 26.97
C PHE B 196 -7.18 34.42 26.00
N THR B 197 -6.67 35.64 25.87
CA THR B 197 -7.27 36.65 24.97
C THR B 197 -6.20 37.42 24.21
N VAL B 198 -6.50 37.76 22.96
CA VAL B 198 -5.62 38.59 22.12
C VAL B 198 -6.46 39.69 21.50
N GLN B 199 -6.12 40.93 21.83
CA GLN B 199 -6.88 42.08 21.32
C GLN B 199 -6.52 42.34 19.84
N ASN B 200 -7.20 43.30 19.21
CA ASN B 200 -7.02 43.50 17.76
C ASN B 200 -5.80 44.36 17.40
N GLU B 201 -5.65 44.68 16.10
CA GLU B 201 -4.50 45.45 15.63
C GLU B 201 -4.46 46.85 16.24
N ALA B 202 -5.63 47.49 16.30
CA ALA B 202 -5.79 48.80 16.96
C ALA B 202 -5.24 48.80 18.38
N ASN B 203 -5.28 47.64 19.03
CA ASN B 203 -4.75 47.48 20.38
C ASN B 203 -3.42 46.74 20.42
N LYS B 204 -2.72 46.74 19.29
CA LYS B 204 -1.39 46.14 19.14
C LYS B 204 -1.34 44.65 19.51
N TYR B 205 -2.47 43.97 19.35
CA TYR B 205 -2.65 42.54 19.65
C TYR B 205 -2.27 42.16 21.09
N GLN B 206 -2.69 42.99 22.03
CA GLN B 206 -2.32 42.82 23.44
C GLN B 206 -2.81 41.50 24.02
N ILE B 207 -1.91 40.80 24.73
CA ILE B 207 -2.19 39.49 25.30
C ILE B 207 -2.57 39.54 26.78
N SER B 208 -3.47 38.64 27.16
CA SER B 208 -3.80 38.40 28.55
C SER B 208 -3.93 36.88 28.76
N VAL B 209 -3.32 36.39 29.84
CA VAL B 209 -3.41 34.98 30.22
C VAL B 209 -3.67 34.87 31.72
N ASN B 210 -4.40 33.82 32.11
CA ASN B 210 -4.60 33.49 33.52
C ASN B 210 -4.93 32.01 33.69
N LYS B 211 -5.18 31.60 34.94
CA LYS B 211 -5.51 30.23 35.32
C LYS B 211 -4.47 29.23 34.80
N TYR B 212 -3.24 29.42 35.24
CA TYR B 212 -2.14 28.56 34.88
C TYR B 212 -2.21 27.21 35.59
N ARG B 213 -1.83 26.16 34.88
CA ARG B 213 -1.45 24.89 35.48
C ARG B 213 -0.49 24.18 34.52
N GLY B 214 0.38 23.31 35.05
CA GLY B 214 1.25 22.52 34.18
C GLY B 214 2.59 22.15 34.75
N THR B 215 3.51 21.85 33.83
CA THR B 215 4.83 21.35 34.20
C THR B 215 5.97 22.19 33.65
N ALA B 216 5.69 23.00 32.63
CA ALA B 216 6.71 23.82 31.96
C ALA B 216 7.15 25.03 32.78
N GLY B 217 6.30 25.44 33.72
CA GLY B 217 6.56 26.63 34.52
C GLY B 217 5.81 27.81 33.95
N ASN B 218 5.26 28.64 34.83
CA ASN B 218 4.41 29.78 34.45
C ASN B 218 5.22 30.97 33.92
N ALA B 219 5.88 30.77 32.78
CA ALA B 219 6.71 31.82 32.16
C ALA B 219 5.92 33.08 31.78
N LEU B 220 4.71 32.88 31.25
CA LEU B 220 3.91 33.98 30.72
C LEU B 220 3.40 34.94 31.80
N MET B 221 3.06 34.41 32.98
CA MET B 221 2.51 35.22 34.06
C MET B 221 3.54 35.63 35.13
N ASP B 222 4.53 34.77 35.37
CA ASP B 222 5.46 34.91 36.50
C ASP B 222 6.87 35.37 36.10
N GLY B 223 7.17 35.33 34.80
CA GLY B 223 8.51 35.63 34.32
C GLY B 223 9.47 34.47 34.56
N ALA B 224 10.75 34.69 34.27
CA ALA B 224 11.76 33.65 34.40
C ALA B 224 12.06 33.27 35.85
N SER B 225 12.03 31.97 36.12
CA SER B 225 12.21 31.42 37.47
C SER B 225 13.64 31.57 38.02
N GLN B 226 14.60 31.82 37.14
CA GLN B 226 16.00 32.02 37.54
C GLN B 226 16.33 33.47 37.89
N LEU B 227 15.42 34.40 37.57
CA LEU B 227 15.59 35.82 37.88
C LEU B 227 14.75 36.21 39.09
N MET B 228 15.08 37.35 39.70
CA MET B 228 14.37 37.83 40.90
C MET B 228 14.11 39.34 40.85
N GLY B 229 13.05 39.79 41.52
CA GLY B 229 12.71 41.21 41.62
C GLY B 229 12.34 41.89 40.32
N GLU B 230 12.97 43.05 40.07
CA GLU B 230 12.76 43.83 38.84
C GLU B 230 13.06 43.00 37.60
N ASN B 231 14.18 42.27 37.65
CA ASN B 231 14.71 41.51 36.52
C ASN B 231 13.81 40.35 36.09
N ARG B 232 13.09 39.77 37.05
CA ARG B 232 12.08 38.76 36.77
C ARG B 232 10.80 39.40 36.23
N THR B 233 10.35 40.45 36.90
CA THR B 233 9.16 41.21 36.53
C THR B 233 9.19 41.66 35.06
N MET B 234 10.35 42.13 34.61
CA MET B 234 10.51 42.61 33.24
C MET B 234 10.54 41.49 32.17
N THR B 235 10.23 40.26 32.58
CA THR B 235 10.14 39.13 31.65
C THR B 235 8.72 38.53 31.55
N ILE B 236 7.79 39.12 32.28
CA ILE B 236 6.37 38.72 32.23
C ILE B 236 5.76 39.17 30.92
N HIS B 237 5.08 38.25 30.24
CA HIS B 237 4.50 38.49 28.92
C HIS B 237 3.05 38.92 29.01
N ASN B 238 2.37 38.49 30.06
CA ASN B 238 0.99 38.88 30.32
C ASN B 238 0.85 40.41 30.27
N GLY B 239 -0.12 40.89 29.50
CA GLY B 239 -0.36 42.32 29.36
C GLY B 239 0.45 43.01 28.27
N MET B 240 1.40 42.29 27.66
CA MET B 240 2.30 42.90 26.67
C MET B 240 1.65 43.06 25.31
N PHE B 241 2.18 44.00 24.52
CA PHE B 241 1.80 44.15 23.12
C PHE B 241 2.68 43.26 22.27
N PHE B 242 2.24 43.02 21.04
CA PHE B 242 3.01 42.27 20.08
C PHE B 242 3.99 43.19 19.40
N SER B 243 5.24 42.73 19.25
CA SER B 243 6.19 43.41 18.38
C SER B 243 6.92 42.47 17.42
N THR B 244 7.21 43.00 16.23
CA THR B 244 8.07 42.38 15.25
C THR B 244 9.29 43.29 15.06
N TYR B 245 10.31 42.80 14.37
CA TYR B 245 11.55 43.56 14.23
C TYR B 245 11.45 44.87 13.45
N ASP B 246 10.35 45.04 12.72
CA ASP B 246 10.04 46.29 12.03
C ASP B 246 8.93 47.11 12.73
N ARG B 247 8.42 46.58 13.86
CA ARG B 247 7.37 47.27 14.61
C ARG B 247 7.55 47.08 16.11
N ASP B 248 8.19 48.06 16.73
CA ASP B 248 8.56 48.02 18.14
C ASP B 248 7.40 48.45 19.06
N ASN B 249 6.90 47.49 19.84
CA ASN B 249 5.88 47.74 20.85
C ASN B 249 6.27 47.11 22.18
N ASP B 250 7.57 46.92 22.40
CA ASP B 250 8.04 46.20 23.59
C ASP B 250 8.01 47.05 24.86
N GLY B 251 8.57 46.53 25.95
CA GLY B 251 8.63 47.25 27.23
C GLY B 251 9.66 48.37 27.32
N TRP B 252 10.68 48.33 26.45
CA TRP B 252 11.76 49.33 26.48
C TRP B 252 11.37 50.64 25.82
N LEU B 253 11.36 51.71 26.60
CA LEU B 253 10.89 53.02 26.12
C LEU B 253 12.02 53.96 25.68
N THR B 254 13.25 53.46 25.67
CA THR B 254 14.42 54.25 25.28
C THR B 254 14.48 54.48 23.77
N SER B 255 14.88 55.69 23.39
CA SER B 255 14.86 56.11 21.98
C SER B 255 16.17 55.83 21.23
N ASP B 256 16.61 54.57 21.30
CA ASP B 256 17.77 54.11 20.53
C ASP B 256 17.50 52.75 19.90
N PRO B 257 17.84 52.60 18.60
CA PRO B 257 17.58 51.36 17.85
C PRO B 257 18.29 50.12 18.43
N ARG B 258 19.30 50.35 19.28
CA ARG B 258 20.07 49.26 19.88
C ARG B 258 19.27 48.49 20.94
N LYS B 259 18.35 49.19 21.62
CA LYS B 259 17.49 48.58 22.63
C LYS B 259 16.14 48.14 22.06
N GLN B 260 16.14 46.99 21.39
CA GLN B 260 14.93 46.38 20.88
C GLN B 260 14.94 44.88 21.16
N CYS B 261 13.83 44.38 21.70
CA CYS B 261 13.68 42.96 22.00
C CYS B 261 13.68 42.13 20.72
N SER B 262 12.94 42.58 19.72
CA SER B 262 12.92 41.92 18.42
C SER B 262 13.84 42.64 17.43
N LYS B 263 14.96 41.98 17.11
CA LYS B 263 15.89 42.49 16.12
C LYS B 263 15.74 41.68 14.83
N GLU B 264 16.47 42.08 13.79
CA GLU B 264 16.36 41.46 12.46
C GLU B 264 16.41 39.94 12.49
N ASP B 265 15.43 39.33 11.83
CA ASP B 265 15.25 37.87 11.76
C ASP B 265 14.88 37.27 13.13
N GLY B 266 14.45 38.13 14.04
CA GLY B 266 13.95 37.69 15.33
C GLY B 266 12.46 37.44 15.22
N GLY B 267 11.96 36.56 16.08
CA GLY B 267 10.54 36.23 16.08
C GLY B 267 9.65 37.37 16.51
N GLY B 268 8.37 37.27 16.13
CA GLY B 268 7.33 38.13 16.68
C GLY B 268 6.84 37.50 17.95
N TRP B 269 6.70 38.31 18.99
CA TRP B 269 6.26 37.82 20.29
C TRP B 269 5.76 38.96 21.19
N TRP B 270 5.14 38.59 22.29
CA TRP B 270 4.70 39.56 23.27
C TRP B 270 5.85 39.89 24.22
N TYR B 271 6.79 40.67 23.71
CA TYR B 271 8.02 41.00 24.43
C TYR B 271 7.78 42.03 25.52
N ASN B 272 8.46 41.82 26.65
CA ASN B 272 8.54 42.82 27.69
C ASN B 272 9.92 43.46 27.68
N ARG B 273 10.78 43.08 28.62
CA ARG B 273 12.18 43.53 28.66
C ARG B 273 13.14 42.39 29.10
N CYS B 274 13.23 41.29 28.34
CA CYS B 274 12.51 41.10 27.09
C CYS B 274 11.57 39.90 27.12
N HIS B 275 12.02 38.77 27.66
CA HIS B 275 11.24 37.54 27.63
C HIS B 275 11.68 36.46 28.62
N ALA B 276 10.71 35.64 29.02
CA ALA B 276 10.96 34.38 29.75
C ALA B 276 10.66 33.20 28.84
N ALA B 277 10.12 33.50 27.65
CA ALA B 277 9.65 32.51 26.69
C ALA B 277 9.47 33.12 25.30
N ASN B 278 9.86 32.36 24.28
CA ASN B 278 9.63 32.77 22.89
C ASN B 278 9.43 31.55 21.97
N PRO B 279 8.18 31.04 21.90
CA PRO B 279 7.79 29.98 20.97
C PRO B 279 8.13 30.29 19.52
N ASN B 280 8.21 31.58 19.19
CA ASN B 280 8.45 32.02 17.82
C ASN B 280 9.91 32.35 17.53
N GLY B 281 10.80 31.93 18.43
CA GLY B 281 12.24 32.18 18.28
C GLY B 281 12.88 31.38 17.16
N ARG B 282 14.19 31.55 17.00
CA ARG B 282 14.92 30.83 15.96
C ARG B 282 15.17 29.37 16.35
N TYR B 283 15.03 28.47 15.38
CA TYR B 283 15.13 27.04 15.61
C TYR B 283 16.59 26.58 15.56
N TYR B 284 17.22 26.44 16.74
CA TYR B 284 18.56 25.88 16.84
C TYR B 284 18.49 24.38 16.91
N TRP B 285 19.31 23.71 16.11
CA TRP B 285 19.32 22.25 16.07
C TRP B 285 20.12 21.67 17.22
N GLY B 286 19.57 20.63 17.84
CA GLY B 286 20.21 19.96 18.97
C GLY B 286 19.88 20.52 20.34
N GLY B 287 19.24 21.69 20.36
CA GLY B 287 18.78 22.29 21.62
C GLY B 287 19.72 23.32 22.22
N GLN B 288 20.91 22.86 22.61
CA GLN B 288 21.92 23.75 23.20
C GLN B 288 22.48 24.74 22.16
N TYR B 289 22.54 26.00 22.57
CA TYR B 289 23.18 27.06 21.78
C TYR B 289 23.80 28.10 22.73
N THR B 290 24.67 28.95 22.20
CA THR B 290 25.38 29.94 23.01
C THR B 290 25.29 31.34 22.38
N TRP B 291 25.65 32.35 23.16
CA TRP B 291 25.63 33.75 22.71
C TRP B 291 26.41 33.99 21.41
N ASP B 292 27.52 33.26 21.23
CA ASP B 292 28.37 33.43 20.05
C ASP B 292 27.90 32.64 18.82
N MET B 293 26.76 31.95 18.94
CA MET B 293 26.09 31.34 17.79
C MET B 293 24.93 32.22 17.32
N ALA B 294 24.49 33.14 18.20
CA ALA B 294 23.32 33.98 17.95
C ALA B 294 23.63 35.26 17.17
N LYS B 295 22.81 35.54 16.16
CA LYS B 295 23.03 36.65 15.23
C LYS B 295 23.37 37.99 15.89
N HIS B 296 22.64 38.34 16.95
CA HIS B 296 22.83 39.60 17.65
C HIS B 296 23.37 39.38 19.07
N GLY B 297 23.88 38.17 19.33
CA GLY B 297 24.41 37.79 20.64
C GLY B 297 23.39 37.60 21.74
N THR B 298 22.12 37.43 21.37
CA THR B 298 21.05 37.30 22.35
C THR B 298 20.43 35.89 22.38
N ALA B 299 19.61 35.64 23.39
CA ALA B 299 18.96 34.36 23.59
C ALA B 299 17.68 34.27 22.75
N ASP B 300 17.84 34.23 21.43
CA ASP B 300 16.73 34.41 20.50
C ASP B 300 16.10 33.10 20.00
N GLY B 301 16.31 32.02 20.72
CA GLY B 301 15.89 30.69 20.29
C GLY B 301 14.47 30.34 20.67
N VAL B 302 14.09 29.09 20.43
CA VAL B 302 12.76 28.61 20.82
C VAL B 302 12.82 28.28 22.31
N VAL B 303 12.52 29.28 23.13
CA VAL B 303 12.89 29.29 24.54
C VAL B 303 11.71 29.20 25.51
N TRP B 304 11.91 28.46 26.60
CA TRP B 304 11.03 28.49 27.77
C TRP B 304 11.88 28.44 29.05
N MET B 305 12.35 29.60 29.48
CA MET B 305 13.38 29.69 30.53
C MET B 305 13.04 28.89 31.78
N ASN B 306 11.75 28.93 32.14
CA ASN B 306 11.21 28.24 33.31
C ASN B 306 11.35 26.72 33.28
N TRP B 307 11.72 26.17 32.12
CA TRP B 307 12.02 24.75 32.01
C TRP B 307 13.50 24.45 31.76
N LYS B 308 14.08 25.07 30.74
CA LYS B 308 15.42 24.71 30.26
C LYS B 308 16.45 25.86 30.27
N GLY B 309 16.00 27.08 30.55
CA GLY B 309 16.88 28.25 30.54
C GLY B 309 16.83 29.01 29.22
N SER B 310 17.69 30.03 29.12
CA SER B 310 17.70 30.95 27.97
C SER B 310 18.47 30.41 26.76
N TRP B 311 19.28 29.38 26.98
CA TRP B 311 20.22 28.92 25.96
C TRP B 311 19.93 27.51 25.51
N TYR B 312 18.67 27.12 25.69
CA TYR B 312 18.15 25.88 25.17
C TYR B 312 16.99 26.18 24.22
N SER B 313 17.05 25.57 23.04
CA SER B 313 16.04 25.76 22.01
C SER B 313 15.23 24.47 21.81
N MET B 314 13.93 24.53 22.08
CA MET B 314 13.04 23.36 22.01
C MET B 314 13.07 22.60 20.68
N ARG B 315 12.84 21.29 20.75
CA ARG B 315 12.72 20.47 19.56
C ARG B 315 11.31 20.59 19.00
N LYS B 316 10.33 20.56 19.89
CA LYS B 316 8.93 20.79 19.53
C LYS B 316 8.36 21.89 20.41
N MET B 317 7.53 22.73 19.80
CA MET B 317 6.80 23.79 20.49
C MET B 317 5.51 24.03 19.72
N SER B 318 4.41 24.21 20.44
CA SER B 318 3.11 24.46 19.81
C SER B 318 2.17 25.22 20.72
N MET B 319 1.21 25.91 20.10
CA MET B 319 0.16 26.64 20.81
C MET B 319 -1.21 26.28 20.22
N LYS B 320 -2.14 25.93 21.10
CA LYS B 320 -3.47 25.44 20.72
C LYS B 320 -4.52 26.12 21.57
N ILE B 321 -5.60 26.59 20.94
CA ILE B 321 -6.71 27.17 21.69
C ILE B 321 -8.05 26.41 21.52
N ARG B 322 -8.99 26.70 22.43
CA ARG B 322 -10.29 26.05 22.47
C ARG B 322 -11.24 26.90 23.35
N PRO B 323 -12.51 27.05 22.92
CA PRO B 323 -13.55 27.61 23.80
C PRO B 323 -13.52 26.98 25.21
N PHE B 324 -13.49 27.82 26.24
CA PHE B 324 -13.46 27.37 27.63
C PHE B 324 -14.85 26.98 28.08
N PHE B 325 -14.95 25.87 28.82
CA PHE B 325 -16.20 25.41 29.44
C PHE B 325 -15.95 25.13 30.91
N SER C 18 63.51 31.34 11.45
CA SER C 18 62.65 32.56 11.46
C SER C 18 62.42 33.09 10.04
N SER C 19 61.16 33.08 9.62
CA SER C 19 60.77 33.53 8.27
C SER C 19 59.88 34.78 8.31
N ILE C 20 59.99 35.62 7.29
CA ILE C 20 59.20 36.86 7.19
C ILE C 20 58.32 36.93 5.94
N ARG C 21 57.15 36.30 6.03
CA ARG C 21 56.14 36.35 4.98
C ARG C 21 54.77 36.55 5.63
N TYR C 22 54.12 37.66 5.27
CA TYR C 22 52.80 37.98 5.83
C TYR C 22 51.66 37.36 5.02
N LEU C 23 51.75 37.46 3.69
CA LEU C 23 50.66 37.10 2.76
C LEU C 23 49.39 37.90 3.09
N GLN C 24 48.61 37.40 4.04
CA GLN C 24 47.45 38.10 4.65
C GLN C 24 46.36 38.58 3.68
N GLU C 25 46.59 38.39 2.37
CA GLU C 25 45.57 38.65 1.37
C GLU C 25 44.46 37.62 1.53
N ILE C 26 44.84 36.46 2.08
CA ILE C 26 43.92 35.38 2.41
C ILE C 26 42.89 35.82 3.45
N TYR C 27 43.33 36.63 4.41
CA TYR C 27 42.43 37.21 5.43
C TYR C 27 41.46 38.23 4.84
N ASN C 28 41.98 39.21 4.11
CA ASN C 28 41.15 40.26 3.50
C ASN C 28 40.25 39.75 2.39
N SER C 29 40.71 38.72 1.67
CA SER C 29 39.94 38.07 0.63
C SER C 29 38.79 37.24 1.22
N ASN C 30 38.97 36.77 2.46
CA ASN C 30 37.94 36.05 3.18
C ASN C 30 36.83 36.98 3.70
N ASN C 31 37.22 38.13 4.26
CA ASN C 31 36.27 39.17 4.67
C ASN C 31 35.37 39.61 3.53
N GLN C 32 35.96 39.78 2.34
CA GLN C 32 35.23 40.17 1.14
C GLN C 32 34.35 39.04 0.62
N LYS C 33 34.83 37.80 0.81
CA LYS C 33 34.08 36.61 0.44
C LYS C 33 32.87 36.42 1.36
N ILE C 34 33.03 36.85 2.62
CA ILE C 34 31.95 36.80 3.63
C ILE C 34 30.85 37.82 3.32
N VAL C 35 31.25 39.07 3.07
CA VAL C 35 30.33 40.16 2.74
C VAL C 35 29.49 39.82 1.50
N ASN C 36 30.11 39.16 0.53
CA ASN C 36 29.41 38.69 -0.68
C ASN C 36 28.55 37.45 -0.43
N LEU C 37 28.97 36.60 0.50
CA LEU C 37 28.19 35.42 0.89
C LEU C 37 26.92 35.84 1.63
N LYS C 38 27.06 36.80 2.55
CA LYS C 38 25.93 37.38 3.27
C LYS C 38 24.87 37.98 2.33
N GLU C 39 25.32 38.50 1.20
CA GLU C 39 24.42 38.99 0.15
C GLU C 39 23.63 37.83 -0.46
N LYS C 40 24.32 36.73 -0.73
CA LYS C 40 23.71 35.52 -1.29
C LYS C 40 22.71 34.91 -0.32
N VAL C 41 23.07 34.92 0.97
CA VAL C 41 22.23 34.40 2.05
C VAL C 41 20.92 35.19 2.18
N ALA C 42 21.02 36.52 2.08
CA ALA C 42 19.84 37.40 2.11
C ALA C 42 18.91 37.14 0.93
N GLN C 43 19.48 36.78 -0.21
CA GLN C 43 18.73 36.49 -1.43
C GLN C 43 17.99 35.16 -1.34
N LEU C 44 18.61 34.19 -0.68
CA LEU C 44 17.98 32.89 -0.44
C LEU C 44 16.83 33.01 0.56
N GLU C 45 17.00 33.88 1.56
CA GLU C 45 15.96 34.14 2.57
C GLU C 45 14.64 34.60 1.92
N ALA C 46 14.73 35.52 0.96
CA ALA C 46 13.57 36.04 0.23
C ALA C 46 12.90 35.00 -0.67
N GLN C 47 13.61 33.90 -0.94
CA GLN C 47 13.08 32.82 -1.75
C GLN C 47 12.46 31.71 -0.89
N CYS C 48 12.58 31.85 0.44
CA CYS C 48 12.04 30.85 1.36
C CYS C 48 11.08 31.48 2.35
N GLN C 49 10.14 32.27 1.84
CA GLN C 49 9.16 32.96 2.67
C GLN C 49 7.78 32.39 2.48
N GLU C 50 7.50 31.92 1.27
CA GLU C 50 6.20 31.42 0.90
C GLU C 50 6.01 29.98 1.37
N PRO C 51 4.75 29.56 1.63
CA PRO C 51 4.50 28.19 2.03
C PRO C 51 4.48 27.25 0.82
N CYS C 52 4.38 25.94 1.06
CA CYS C 52 4.13 24.98 0.00
C CYS C 52 2.85 25.38 -0.74
N LYS C 53 2.87 25.21 -2.05
CA LYS C 53 1.73 25.52 -2.90
C LYS C 53 0.73 24.36 -2.79
N ASP C 54 -0.52 24.68 -2.45
CA ASP C 54 -1.57 23.68 -2.32
C ASP C 54 -2.29 23.58 -3.65
N THR C 55 -2.36 22.37 -4.22
CA THR C 55 -3.07 22.16 -5.49
C THR C 55 -4.58 22.33 -5.33
N VAL C 56 -5.08 22.17 -4.11
CA VAL C 56 -6.50 22.29 -3.83
C VAL C 56 -6.92 23.75 -3.62
N GLN C 57 -7.73 24.26 -4.54
CA GLN C 57 -8.28 25.60 -4.44
C GLN C 57 -9.80 25.56 -4.55
N ILE C 58 -10.45 26.54 -3.91
CA ILE C 58 -11.89 26.71 -3.96
C ILE C 58 -12.21 27.85 -4.93
N HIS C 59 -13.20 27.64 -5.79
CA HIS C 59 -13.67 28.69 -6.71
C HIS C 59 -14.38 29.83 -5.98
N ASP C 60 -14.43 30.99 -6.63
CA ASP C 60 -14.99 32.24 -6.09
C ASP C 60 -16.49 32.38 -6.28
N ILE C 61 -17.00 31.94 -7.42
CA ILE C 61 -18.42 31.98 -7.71
C ILE C 61 -19.17 31.17 -6.66
N THR C 62 -20.28 31.72 -6.20
CA THR C 62 -21.11 31.06 -5.22
C THR C 62 -22.57 31.20 -5.64
N GLY C 63 -23.47 30.52 -4.93
CA GLY C 63 -24.89 30.50 -5.27
C GLY C 63 -25.67 29.60 -4.34
N LYS C 64 -26.94 29.34 -4.69
CA LYS C 64 -27.83 28.52 -3.87
C LYS C 64 -27.48 27.04 -3.97
N ASP C 65 -27.02 26.65 -5.16
CA ASP C 65 -26.60 25.28 -5.43
C ASP C 65 -25.68 25.29 -6.65
N CYS C 66 -25.28 24.10 -7.12
CA CYS C 66 -24.34 24.00 -8.23
C CYS C 66 -24.95 24.43 -9.56
N GLN C 67 -26.28 24.36 -9.66
CA GLN C 67 -26.95 24.77 -10.89
C GLN C 67 -26.97 26.29 -11.01
N ASP C 68 -27.23 26.95 -9.89
CA ASP C 68 -27.19 28.40 -9.79
C ASP C 68 -25.79 28.90 -10.14
N ILE C 69 -24.78 28.19 -9.67
CA ILE C 69 -23.37 28.49 -9.95
C ILE C 69 -23.04 28.32 -11.44
N ALA C 70 -23.57 27.27 -12.06
CA ALA C 70 -23.40 27.05 -13.50
C ALA C 70 -24.08 28.17 -14.29
N ASN C 71 -25.30 28.53 -13.88
CA ASN C 71 -26.05 29.63 -14.49
C ASN C 71 -25.31 30.97 -14.47
N LYS C 72 -24.48 31.18 -13.44
CA LYS C 72 -23.64 32.39 -13.32
C LYS C 72 -22.35 32.30 -14.14
N GLY C 73 -22.20 31.23 -14.92
CA GLY C 73 -21.09 31.14 -15.87
C GLY C 73 -19.91 30.25 -15.49
N ALA C 74 -19.94 29.64 -14.31
CA ALA C 74 -18.90 28.66 -13.95
C ALA C 74 -18.91 27.48 -14.91
N LYS C 75 -17.73 27.10 -15.38
CA LYS C 75 -17.57 26.02 -16.37
C LYS C 75 -16.83 24.79 -15.87
N GLN C 76 -16.14 24.93 -14.73
CA GLN C 76 -15.27 23.87 -14.23
C GLN C 76 -15.87 23.12 -13.04
N SER C 77 -15.89 21.80 -13.15
CA SER C 77 -16.20 20.95 -12.01
C SER C 77 -15.16 21.19 -10.93
N GLY C 78 -15.60 21.18 -9.68
CA GLY C 78 -14.68 21.41 -8.56
C GLY C 78 -15.36 21.93 -7.33
N LEU C 79 -14.59 22.54 -6.44
CA LEU C 79 -15.09 22.92 -5.12
C LEU C 79 -15.62 24.35 -5.12
N TYR C 80 -16.83 24.51 -4.57
CA TYR C 80 -17.54 25.77 -4.51
C TYR C 80 -18.30 25.86 -3.19
N PHE C 81 -18.44 27.07 -2.65
CA PHE C 81 -19.36 27.33 -1.56
C PHE C 81 -20.76 27.54 -2.16
N ILE C 82 -21.78 27.00 -1.48
CA ILE C 82 -23.16 27.32 -1.79
C ILE C 82 -23.90 27.68 -0.50
N LYS C 83 -24.99 28.41 -0.64
CA LYS C 83 -25.83 28.76 0.50
C LYS C 83 -27.28 28.79 0.07
N PRO C 84 -27.99 27.64 0.19
CA PRO C 84 -29.45 27.65 0.00
C PRO C 84 -30.05 28.75 0.87
N LEU C 85 -31.15 29.34 0.40
CA LEU C 85 -31.82 30.45 1.10
C LEU C 85 -32.00 30.19 2.60
N LYS C 86 -32.50 29.01 2.95
CA LYS C 86 -32.80 28.68 4.36
C LYS C 86 -31.58 28.24 5.17
N ALA C 87 -30.44 28.05 4.52
CA ALA C 87 -29.21 27.68 5.23
C ALA C 87 -28.70 28.85 6.07
N ASN C 88 -28.29 28.55 7.29
CA ASN C 88 -27.77 29.55 8.21
C ASN C 88 -26.35 29.96 7.85
N GLN C 89 -25.58 29.01 7.35
CA GLN C 89 -24.24 29.29 6.87
C GLN C 89 -24.02 28.63 5.51
N GLN C 90 -23.09 29.17 4.74
CA GLN C 90 -22.64 28.57 3.50
C GLN C 90 -21.81 27.30 3.82
N PHE C 91 -21.73 26.41 2.85
CA PHE C 91 -20.92 25.20 3.02
C PHE C 91 -20.32 24.78 1.69
N LEU C 92 -19.21 24.07 1.77
CA LEU C 92 -18.47 23.59 0.61
C LEU C 92 -19.11 22.35 -0.01
N VAL C 93 -19.10 22.30 -1.34
CA VAL C 93 -19.59 21.15 -2.10
C VAL C 93 -18.69 20.86 -3.32
N TYR C 94 -18.77 19.65 -3.85
CA TYR C 94 -18.22 19.36 -5.18
C TYR C 94 -19.32 19.60 -6.19
N CYS C 95 -19.04 20.44 -7.18
CA CYS C 95 -19.97 20.70 -8.28
C CYS C 95 -19.50 19.97 -9.52
N GLU C 96 -20.39 19.19 -10.12
CA GLU C 96 -20.14 18.65 -11.46
C GLU C 96 -20.83 19.52 -12.50
N ILE C 97 -20.04 20.13 -13.37
CA ILE C 97 -20.56 21.01 -14.42
C ILE C 97 -20.20 20.43 -15.78
N ASP C 98 -21.21 20.16 -16.61
CA ASP C 98 -20.97 19.56 -17.93
C ASP C 98 -20.94 20.60 -19.05
N GLY C 99 -20.74 20.15 -20.29
CA GLY C 99 -20.68 21.04 -21.45
C GLY C 99 -22.01 21.70 -21.84
N SER C 100 -23.08 21.39 -21.12
CA SER C 100 -24.43 21.90 -21.41
C SER C 100 -24.98 22.83 -20.33
N GLY C 101 -24.13 23.22 -19.39
CA GLY C 101 -24.52 24.16 -18.34
C GLY C 101 -25.31 23.54 -17.19
N ASN C 102 -25.34 22.21 -17.13
CA ASN C 102 -25.92 21.51 -16.00
C ASN C 102 -24.93 21.50 -14.84
N GLY C 103 -25.37 21.96 -13.67
CA GLY C 103 -24.57 21.94 -12.45
C GLY C 103 -25.15 21.00 -11.41
N TRP C 104 -24.53 19.83 -11.30
CA TRP C 104 -24.89 18.81 -10.32
C TRP C 104 -24.18 19.05 -9.00
N THR C 105 -24.94 18.97 -7.91
CA THR C 105 -24.39 19.00 -6.56
C THR C 105 -24.22 17.54 -6.11
N VAL C 106 -22.98 17.14 -5.87
CA VAL C 106 -22.67 15.74 -5.55
C VAL C 106 -22.71 15.59 -4.05
N PHE C 107 -23.54 14.67 -3.55
CA PHE C 107 -23.63 14.45 -2.12
C PHE C 107 -23.05 13.12 -1.60
N GLN C 108 -22.73 12.20 -2.51
CA GLN C 108 -22.08 10.94 -2.11
C GLN C 108 -21.17 10.46 -3.20
N LYS C 109 -20.02 9.93 -2.80
CA LYS C 109 -19.03 9.37 -3.71
C LYS C 109 -18.32 8.18 -3.08
N ARG C 110 -18.26 7.06 -3.81
CA ARG C 110 -17.44 5.90 -3.45
C ARG C 110 -16.54 5.61 -4.63
N LEU C 111 -15.32 5.19 -4.35
CA LEU C 111 -14.28 5.12 -5.38
C LEU C 111 -13.21 4.07 -5.12
N ASP C 112 -12.85 3.83 -3.85
CA ASP C 112 -11.67 3.01 -3.55
C ASP C 112 -11.61 2.40 -2.14
N GLY C 113 -12.61 2.69 -1.31
CA GLY C 113 -12.67 2.15 0.05
C GLY C 113 -11.82 2.87 1.07
N SER C 114 -11.36 4.07 0.74
CA SER C 114 -10.47 4.82 1.65
C SER C 114 -11.20 5.44 2.85
N VAL C 115 -12.52 5.60 2.76
CA VAL C 115 -13.28 6.23 3.85
C VAL C 115 -14.23 5.23 4.52
N ASP C 116 -14.23 5.25 5.84
CA ASP C 116 -15.11 4.40 6.62
C ASP C 116 -16.52 5.01 6.67
N PHE C 117 -17.51 4.22 6.25
CA PHE C 117 -18.90 4.69 6.20
C PHE C 117 -19.74 4.14 7.34
N LYS C 118 -19.09 3.45 8.27
CA LYS C 118 -19.72 3.04 9.50
C LYS C 118 -19.59 4.22 10.47
N LYS C 119 -20.55 5.13 10.37
CA LYS C 119 -20.51 6.41 11.05
C LYS C 119 -21.80 6.59 11.81
N ASN C 120 -21.82 7.50 12.79
CA ASN C 120 -23.00 7.67 13.62
C ASN C 120 -23.97 8.71 13.04
N TRP C 121 -25.04 8.98 13.79
CA TRP C 121 -26.09 9.92 13.38
C TRP C 121 -25.55 11.32 13.11
N ILE C 122 -24.79 11.85 14.05
CA ILE C 122 -24.18 13.19 13.94
C ILE C 122 -23.27 13.28 12.72
N GLN C 123 -22.43 12.27 12.54
CA GLN C 123 -21.52 12.23 11.39
C GLN C 123 -22.26 12.17 10.04
N TYR C 124 -23.32 11.37 9.95
CA TYR C 124 -24.16 11.38 8.75
C TYR C 124 -24.98 12.68 8.61
N LYS C 125 -25.36 13.29 9.74
CA LYS C 125 -26.00 14.59 9.71
C LYS C 125 -25.08 15.68 9.15
N GLU C 126 -23.82 15.70 9.61
CA GLU C 126 -22.90 16.81 9.36
C GLU C 126 -21.99 16.60 8.16
N GLY C 127 -21.80 15.35 7.79
CA GLY C 127 -20.97 14.98 6.66
C GLY C 127 -19.63 14.43 7.11
N PHE C 128 -19.01 13.63 6.26
CA PHE C 128 -17.66 13.10 6.50
C PHE C 128 -16.99 12.77 5.17
N GLY C 129 -15.72 12.36 5.25
CA GLY C 129 -14.90 12.18 4.07
C GLY C 129 -14.33 13.52 3.62
N HIS C 130 -13.81 13.56 2.40
CA HIS C 130 -13.08 14.73 1.89
C HIS C 130 -13.57 15.14 0.52
N LEU C 131 -13.43 16.45 0.26
CA LEU C 131 -13.80 17.06 -1.01
C LEU C 131 -12.53 17.43 -1.78
N SER C 132 -12.54 17.10 -3.07
CA SER C 132 -11.41 17.31 -3.96
C SER C 132 -11.87 18.01 -5.23
N PRO C 133 -11.03 18.91 -5.78
CA PRO C 133 -11.32 19.57 -7.06
C PRO C 133 -11.44 18.56 -8.18
N THR C 134 -10.74 17.44 -8.02
CA THR C 134 -10.61 16.39 -9.03
C THR C 134 -11.73 15.33 -8.93
N GLY C 135 -12.56 15.42 -7.90
CA GLY C 135 -13.63 14.45 -7.70
C GLY C 135 -13.11 13.02 -7.56
N THR C 136 -12.02 12.87 -6.80
CA THR C 136 -11.33 11.59 -6.67
C THR C 136 -11.32 11.11 -5.22
N THR C 137 -12.20 11.66 -4.41
CA THR C 137 -12.26 11.35 -2.99
C THR C 137 -13.64 10.87 -2.61
N GLU C 138 -13.69 10.04 -1.58
CA GLU C 138 -14.94 9.53 -1.04
C GLU C 138 -15.51 10.47 0.02
N PHE C 139 -16.82 10.67 0.00
CA PHE C 139 -17.47 11.51 1.00
C PHE C 139 -18.97 11.27 1.14
N TRP C 140 -19.49 11.67 2.29
CA TRP C 140 -20.92 11.88 2.49
C TRP C 140 -21.13 13.36 2.85
N LEU C 141 -21.90 14.09 2.04
CA LEU C 141 -22.03 15.55 2.24
C LEU C 141 -22.67 15.93 3.58
N GLY C 142 -23.58 15.10 4.07
CA GLY C 142 -24.31 15.38 5.32
C GLY C 142 -25.80 15.57 5.07
N ASN C 143 -26.62 14.88 5.84
CA ASN C 143 -28.08 14.89 5.67
C ASN C 143 -28.69 16.29 5.79
N GLU C 144 -28.16 17.10 6.68
CA GLU C 144 -28.71 18.42 6.90
C GLU C 144 -28.57 19.26 5.64
N LYS C 145 -27.40 19.18 5.02
CA LYS C 145 -27.12 19.85 3.75
C LYS C 145 -27.97 19.34 2.59
N ILE C 146 -28.12 18.01 2.47
CA ILE C 146 -28.95 17.42 1.39
C ILE C 146 -30.37 17.92 1.54
N HIS C 147 -30.86 17.94 2.79
CA HIS C 147 -32.17 18.45 3.12
C HIS C 147 -32.31 19.91 2.66
N LEU C 148 -31.35 20.76 3.02
CA LEU C 148 -31.37 22.19 2.63
C LEU C 148 -31.39 22.43 1.13
N ILE C 149 -30.57 21.68 0.40
CA ILE C 149 -30.48 21.81 -1.05
C ILE C 149 -31.75 21.33 -1.75
N SER C 150 -32.28 20.18 -1.33
CA SER C 150 -33.40 19.55 -2.01
C SER C 150 -34.77 20.08 -1.59
N THR C 151 -34.83 20.94 -0.57
CA THR C 151 -36.11 21.50 -0.11
C THR C 151 -36.22 23.03 -0.25
N GLN C 152 -35.39 23.60 -1.11
CA GLN C 152 -35.50 25.01 -1.50
C GLN C 152 -36.88 25.30 -2.07
N SER C 153 -37.43 26.44 -1.73
CA SER C 153 -38.87 26.69 -1.95
C SER C 153 -39.27 26.63 -3.42
N ALA C 154 -40.16 25.68 -3.74
CA ALA C 154 -40.75 25.50 -5.06
C ALA C 154 -39.73 25.32 -6.18
N ILE C 155 -38.80 24.39 -5.96
CA ILE C 155 -37.79 24.04 -6.96
C ILE C 155 -37.70 22.50 -6.95
N PRO C 156 -38.46 21.83 -7.84
CA PRO C 156 -38.41 20.37 -7.89
C PRO C 156 -36.99 19.89 -8.22
N TYR C 157 -36.54 18.89 -7.49
CA TYR C 157 -35.19 18.37 -7.66
C TYR C 157 -35.20 16.95 -8.21
N ALA C 158 -34.08 16.56 -8.82
CA ALA C 158 -33.88 15.20 -9.28
C ALA C 158 -32.61 14.61 -8.69
N LEU C 159 -32.64 13.30 -8.46
CA LEU C 159 -31.45 12.57 -8.04
C LEU C 159 -31.00 11.64 -9.16
N ARG C 160 -29.70 11.66 -9.46
CA ARG C 160 -29.08 10.63 -10.27
C ARG C 160 -28.09 9.79 -9.45
N VAL C 161 -28.28 8.48 -9.54
CA VAL C 161 -27.36 7.51 -8.96
C VAL C 161 -26.56 6.99 -10.15
N GLU C 162 -25.24 7.10 -10.10
CA GLU C 162 -24.41 6.43 -11.11
C GLU C 162 -23.53 5.38 -10.47
N LEU C 163 -23.48 4.21 -11.10
CA LEU C 163 -22.74 3.06 -10.60
C LEU C 163 -21.68 2.58 -11.59
N GLU C 164 -20.56 2.09 -11.07
CA GLU C 164 -19.53 1.50 -11.91
C GLU C 164 -19.18 0.13 -11.34
N ASP C 165 -19.13 -0.88 -12.21
CA ASP C 165 -18.71 -2.21 -11.78
C ASP C 165 -17.19 -2.37 -11.90
N TRP C 166 -16.70 -3.58 -11.68
CA TRP C 166 -15.26 -3.83 -11.67
C TRP C 166 -14.70 -4.10 -13.07
N ASN C 167 -15.57 -4.06 -14.08
CA ASN C 167 -15.17 -4.20 -15.48
C ASN C 167 -15.37 -2.93 -16.28
N GLY C 168 -15.44 -1.78 -15.60
CA GLY C 168 -15.56 -0.49 -16.26
C GLY C 168 -16.91 -0.13 -16.90
N ARG C 169 -17.94 -0.94 -16.66
CA ARG C 169 -19.29 -0.60 -17.13
C ARG C 169 -20.00 0.30 -16.12
N THR C 170 -20.74 1.28 -16.65
CA THR C 170 -21.47 2.20 -15.81
C THR C 170 -22.96 2.13 -16.10
N SER C 171 -23.75 2.47 -15.11
CA SER C 171 -25.20 2.53 -15.26
C SER C 171 -25.76 3.65 -14.37
N THR C 172 -26.98 4.08 -14.66
CA THR C 172 -27.60 5.13 -13.87
C THR C 172 -29.05 4.82 -13.48
N ALA C 173 -29.50 5.50 -12.44
CA ALA C 173 -30.90 5.46 -12.07
C ALA C 173 -31.31 6.88 -11.63
N ASP C 174 -32.41 7.36 -12.19
CA ASP C 174 -32.92 8.71 -11.91
C ASP C 174 -34.22 8.67 -11.12
N TYR C 175 -34.33 9.57 -10.15
CA TYR C 175 -35.53 9.71 -9.32
C TYR C 175 -36.04 11.14 -9.36
N ALA C 176 -37.31 11.29 -9.74
CA ALA C 176 -37.91 12.63 -9.88
C ALA C 176 -38.53 13.12 -8.58
N MET C 177 -38.45 14.44 -8.37
CA MET C 177 -38.96 15.14 -7.19
C MET C 177 -38.32 14.63 -5.91
N PHE C 178 -37.01 14.46 -5.96
CA PHE C 178 -36.20 13.98 -4.84
C PHE C 178 -36.20 15.02 -3.72
N LYS C 179 -36.45 14.56 -2.50
CA LYS C 179 -36.41 15.44 -1.32
C LYS C 179 -35.88 14.64 -0.13
N VAL C 180 -35.04 15.28 0.68
CA VAL C 180 -34.67 14.71 1.98
C VAL C 180 -35.28 15.61 3.05
N GLY C 181 -36.03 15.00 3.96
CA GLY C 181 -36.80 15.74 4.96
C GLY C 181 -35.93 16.26 6.08
N PRO C 182 -36.52 17.03 7.01
CA PRO C 182 -35.74 17.64 8.10
C PRO C 182 -35.34 16.63 9.16
N GLU C 183 -34.43 17.01 10.05
CA GLU C 183 -34.03 16.11 11.14
C GLU C 183 -35.22 15.65 11.99
N ALA C 184 -36.23 16.52 12.11
CA ALA C 184 -37.45 16.19 12.87
C ALA C 184 -38.21 15.01 12.25
N ASP C 185 -38.08 14.83 10.93
CA ASP C 185 -38.62 13.63 10.27
C ASP C 185 -37.52 12.62 9.92
N LYS C 186 -36.45 12.62 10.72
CA LYS C 186 -35.32 11.69 10.56
C LYS C 186 -34.78 11.62 9.14
N TYR C 187 -34.71 12.77 8.48
CA TYR C 187 -34.14 12.89 7.14
C TYR C 187 -34.72 11.90 6.15
N ARG C 188 -36.05 11.74 6.23
CA ARG C 188 -36.78 10.85 5.35
C ARG C 188 -36.47 11.10 3.86
N LEU C 189 -36.15 10.01 3.15
CA LEU C 189 -36.02 10.02 1.70
C LEU C 189 -37.38 10.02 1.03
N THR C 190 -37.60 10.94 0.10
CA THR C 190 -38.83 10.94 -0.68
C THR C 190 -38.53 11.28 -2.14
N TYR C 191 -39.32 10.70 -3.04
CA TYR C 191 -39.34 11.10 -4.43
C TYR C 191 -40.73 10.78 -5.01
N ALA C 192 -41.10 11.38 -6.14
CA ALA C 192 -42.40 11.13 -6.74
C ALA C 192 -42.41 9.83 -7.53
N TYR C 193 -41.45 9.68 -8.45
CA TYR C 193 -41.34 8.48 -9.29
C TYR C 193 -39.91 8.22 -9.80
N PHE C 194 -39.66 6.96 -10.18
CA PHE C 194 -38.48 6.54 -10.91
C PHE C 194 -38.55 7.08 -12.33
N ALA C 195 -37.48 7.75 -12.77
CA ALA C 195 -37.46 8.47 -14.05
C ALA C 195 -36.61 7.76 -15.10
N GLY C 196 -36.18 6.54 -14.79
CA GLY C 196 -35.54 5.70 -15.78
C GLY C 196 -34.06 5.49 -15.52
N GLY C 197 -33.47 4.62 -16.33
CA GLY C 197 -32.04 4.36 -16.26
C GLY C 197 -31.75 2.88 -16.25
N ASP C 198 -30.64 2.49 -16.88
CA ASP C 198 -30.29 1.06 -17.05
C ASP C 198 -29.82 0.31 -15.79
N ALA C 199 -29.56 1.04 -14.69
CA ALA C 199 -29.27 0.39 -13.40
C ALA C 199 -30.52 -0.21 -12.77
N GLY C 200 -31.68 0.22 -13.25
CA GLY C 200 -32.97 -0.21 -12.69
C GLY C 200 -33.30 0.52 -11.40
N ASP C 201 -34.49 0.25 -10.88
CA ASP C 201 -35.07 0.97 -9.76
C ASP C 201 -34.96 0.17 -8.46
N ALA C 202 -33.78 0.18 -7.85
CA ALA C 202 -33.59 -0.57 -6.61
C ALA C 202 -34.38 0.05 -5.45
N PHE C 203 -34.66 1.36 -5.54
CA PHE C 203 -35.48 2.03 -4.51
C PHE C 203 -36.93 1.51 -4.41
N ASP C 204 -37.37 0.78 -5.44
CA ASP C 204 -38.67 0.11 -5.46
C ASP C 204 -38.60 -1.27 -4.77
N GLY C 205 -37.43 -1.63 -4.24
CA GLY C 205 -37.23 -2.93 -3.60
C GLY C 205 -37.00 -4.04 -4.61
N PHE C 206 -36.63 -5.23 -4.13
CA PHE C 206 -36.38 -6.34 -5.04
C PHE C 206 -37.05 -7.64 -4.58
N ASP C 207 -37.60 -8.38 -5.55
CA ASP C 207 -38.19 -9.70 -5.30
C ASP C 207 -37.07 -10.75 -5.23
N PHE C 208 -36.41 -10.85 -4.07
CA PHE C 208 -35.24 -11.73 -3.89
C PHE C 208 -35.54 -13.22 -3.89
N GLY C 209 -36.67 -13.60 -3.31
CA GLY C 209 -36.97 -15.00 -3.13
C GLY C 209 -38.43 -15.30 -2.89
N ASP C 210 -38.68 -16.33 -2.09
CA ASP C 210 -40.01 -16.92 -1.92
C ASP C 210 -40.99 -16.09 -1.09
N ASP C 211 -40.45 -15.38 -0.10
CA ASP C 211 -41.23 -14.51 0.77
C ASP C 211 -41.99 -13.50 -0.08
N PRO C 212 -43.33 -13.45 0.06
CA PRO C 212 -44.17 -12.54 -0.73
C PRO C 212 -44.02 -11.06 -0.35
N SER C 213 -43.36 -10.78 0.76
CA SER C 213 -43.24 -9.40 1.23
C SER C 213 -41.82 -8.82 1.14
N ASP C 214 -40.90 -9.53 0.48
CA ASP C 214 -39.50 -9.05 0.45
C ASP C 214 -39.28 -7.77 -0.35
N LYS C 215 -39.99 -7.62 -1.46
CA LYS C 215 -39.92 -6.43 -2.32
C LYS C 215 -40.48 -5.20 -1.59
N PHE C 216 -41.63 -5.35 -0.95
CA PHE C 216 -42.21 -4.32 -0.06
C PHE C 216 -41.26 -3.89 1.06
N PHE C 217 -40.58 -4.87 1.68
CA PHE C 217 -39.70 -4.55 2.80
C PHE C 217 -38.27 -4.14 2.40
N THR C 218 -37.97 -4.14 1.10
CA THR C 218 -36.65 -3.68 0.66
C THR C 218 -36.69 -2.41 -0.18
N SER C 219 -37.86 -1.78 -0.27
CA SER C 219 -38.02 -0.49 -0.96
C SER C 219 -37.58 0.66 -0.04
N HIS C 220 -37.26 1.79 -0.65
CA HIS C 220 -36.61 2.89 0.06
C HIS C 220 -37.35 4.22 0.07
N ASN C 221 -38.32 4.39 -0.83
CA ASN C 221 -39.16 5.59 -0.81
C ASN C 221 -39.92 5.76 0.50
N GLY C 222 -39.86 6.94 1.08
CA GLY C 222 -40.49 7.21 2.37
C GLY C 222 -39.81 6.62 3.58
N MET C 223 -38.63 6.01 3.40
CA MET C 223 -37.88 5.51 4.55
C MET C 223 -37.15 6.62 5.29
N GLN C 224 -37.28 6.63 6.61
CA GLN C 224 -36.45 7.51 7.44
C GLN C 224 -34.99 7.05 7.40
N PHE C 225 -34.06 7.95 7.71
CA PHE C 225 -32.63 7.60 7.76
C PHE C 225 -32.29 6.88 9.07
N SER C 226 -31.42 5.87 8.97
CA SER C 226 -30.94 5.12 10.15
C SER C 226 -29.43 5.04 10.22
N THR C 227 -28.91 5.20 11.43
CA THR C 227 -27.54 4.84 11.77
C THR C 227 -27.61 3.86 12.95
N TRP C 228 -26.46 3.28 13.34
CA TRP C 228 -26.43 2.32 14.46
C TRP C 228 -27.01 2.89 15.75
N ASP C 229 -26.75 4.17 16.01
CA ASP C 229 -27.21 4.86 17.24
C ASP C 229 -28.52 5.63 17.10
N ASN C 230 -29.18 5.46 15.97
CA ASN C 230 -30.46 6.13 15.70
C ASN C 230 -31.24 5.29 14.70
N ASP C 231 -31.97 4.33 15.25
CA ASP C 231 -32.66 3.31 14.47
C ASP C 231 -34.09 3.74 14.17
N ASN C 232 -34.35 3.96 12.88
CA ASN C 232 -35.65 4.44 12.41
C ASN C 232 -36.18 3.56 11.26
N ASP C 233 -35.78 2.29 11.24
CA ASP C 233 -36.15 1.37 10.17
C ASP C 233 -37.40 0.58 10.51
N LYS C 234 -37.76 -0.38 9.65
CA LYS C 234 -38.99 -1.18 9.77
C LYS C 234 -38.71 -2.62 10.22
N PHE C 235 -37.57 -2.80 10.88
CA PHE C 235 -37.06 -4.08 11.31
C PHE C 235 -37.07 -4.10 12.85
N GLU C 236 -37.34 -5.27 13.40
CA GLU C 236 -37.27 -5.49 14.84
C GLU C 236 -35.84 -5.27 15.36
N GLY C 237 -34.85 -5.70 14.58
CA GLY C 237 -33.44 -5.44 14.88
C GLY C 237 -32.96 -4.10 14.29
N ASN C 238 -31.64 -4.00 14.10
CA ASN C 238 -30.98 -2.76 13.73
C ASN C 238 -30.23 -2.92 12.41
N CYS C 239 -30.89 -2.60 11.30
CA CYS C 239 -30.35 -2.80 9.95
C CYS C 239 -29.01 -2.10 9.78
N ALA C 240 -28.97 -0.83 10.14
CA ALA C 240 -27.78 -0.01 10.00
C ALA C 240 -26.60 -0.54 10.82
N GLU C 241 -26.87 -0.96 12.06
CA GLU C 241 -25.84 -1.60 12.90
C GLU C 241 -25.36 -2.94 12.31
N GLN C 242 -26.30 -3.77 11.86
CA GLN C 242 -25.95 -5.05 11.22
C GLN C 242 -25.12 -4.88 9.96
N ASP C 243 -25.55 -3.98 9.08
CA ASP C 243 -24.92 -3.82 7.77
C ASP C 243 -23.82 -2.75 7.75
N GLY C 244 -23.52 -2.19 8.94
CA GLY C 244 -22.39 -1.27 9.14
C GLY C 244 -22.43 0.06 8.40
N SER C 245 -23.59 0.70 8.36
CA SER C 245 -23.76 1.89 7.55
C SER C 245 -24.76 2.90 8.11
N GLY C 246 -24.95 3.99 7.37
CA GLY C 246 -26.10 4.87 7.55
C GLY C 246 -26.83 4.86 6.22
N TRP C 247 -28.14 4.65 6.26
CA TRP C 247 -28.95 4.56 5.06
C TRP C 247 -30.41 4.66 5.41
N TRP C 248 -31.23 4.87 4.38
CA TRP C 248 -32.68 4.86 4.51
C TRP C 248 -33.15 3.40 4.49
N MET C 249 -32.98 2.74 5.63
CA MET C 249 -33.25 1.32 5.79
C MET C 249 -34.73 1.02 5.94
N ASN C 250 -35.11 -0.13 5.41
CA ASN C 250 -36.47 -0.63 5.51
C ASN C 250 -36.37 -1.91 6.36
N LYS C 251 -36.40 -3.06 5.70
CA LYS C 251 -36.14 -4.32 6.39
C LYS C 251 -35.50 -5.34 5.44
N CYS C 252 -34.28 -5.10 4.94
CA CYS C 252 -33.52 -3.88 5.20
C CYS C 252 -33.30 -3.04 3.95
N HIS C 253 -32.81 -3.64 2.87
CA HIS C 253 -32.51 -2.85 1.66
C HIS C 253 -32.43 -3.61 0.33
N ALA C 254 -32.60 -2.89 -0.78
CA ALA C 254 -32.30 -3.42 -2.13
C ALA C 254 -31.25 -2.58 -2.88
N GLY C 255 -31.09 -1.32 -2.46
CA GLY C 255 -30.02 -0.46 -2.92
C GLY C 255 -29.36 0.10 -1.68
N HIS C 256 -28.03 -0.01 -1.59
CA HIS C 256 -27.30 0.23 -0.33
C HIS C 256 -25.92 0.81 -0.62
N LEU C 257 -25.86 2.11 -0.91
CA LEU C 257 -24.64 2.67 -1.49
C LEU C 257 -23.60 3.09 -0.46
N ASN C 258 -24.03 3.18 0.80
CA ASN C 258 -23.16 3.52 1.92
C ASN C 258 -22.62 2.30 2.64
N GLY C 259 -22.69 1.14 1.96
CA GLY C 259 -22.20 -0.14 2.51
C GLY C 259 -20.69 -0.32 2.51
N VAL C 260 -20.25 -1.51 2.89
CA VAL C 260 -18.83 -1.84 3.02
C VAL C 260 -18.19 -1.96 1.65
N TYR C 261 -17.03 -1.35 1.48
CA TYR C 261 -16.30 -1.43 0.22
C TYR C 261 -15.58 -2.78 0.08
N TYR C 262 -15.94 -3.53 -0.96
CA TYR C 262 -15.28 -4.81 -1.22
C TYR C 262 -14.49 -4.72 -2.52
N GLN C 263 -13.19 -4.94 -2.40
CA GLN C 263 -12.26 -5.01 -3.53
C GLN C 263 -12.62 -6.19 -4.43
N GLY C 264 -12.78 -5.92 -5.72
CA GLY C 264 -13.07 -6.96 -6.72
C GLY C 264 -14.54 -7.24 -6.92
N GLY C 265 -15.39 -6.64 -6.08
CA GLY C 265 -16.84 -6.72 -6.23
C GLY C 265 -17.51 -7.86 -5.49
N THR C 266 -17.07 -9.08 -5.82
CA THR C 266 -17.57 -10.34 -5.27
C THR C 266 -17.23 -10.47 -3.79
N TYR C 267 -18.24 -10.79 -3.00
CA TYR C 267 -18.08 -11.13 -1.59
C TYR C 267 -19.17 -12.14 -1.24
N SER C 268 -19.18 -12.65 -0.01
CA SER C 268 -20.17 -13.65 0.37
C SER C 268 -20.60 -13.49 1.81
N LYS C 269 -21.54 -14.31 2.25
CA LYS C 269 -21.96 -14.32 3.65
C LYS C 269 -20.77 -14.52 4.57
N ALA C 270 -19.84 -15.39 4.16
CA ALA C 270 -18.62 -15.65 4.93
C ALA C 270 -17.70 -14.43 5.07
N SER C 271 -17.89 -13.45 4.20
CA SER C 271 -17.14 -12.18 4.25
C SER C 271 -17.55 -11.29 5.43
N THR C 272 -18.76 -11.51 5.97
CA THR C 272 -19.38 -10.54 6.87
C THR C 272 -19.48 -11.08 8.31
N PRO C 273 -19.46 -10.16 9.30
CA PRO C 273 -19.58 -10.58 10.70
C PRO C 273 -20.97 -11.10 11.06
N ASN C 274 -22.00 -10.45 10.50
CA ASN C 274 -23.40 -10.74 10.81
C ASN C 274 -24.10 -11.70 9.84
N GLY C 275 -23.41 -12.06 8.75
CA GLY C 275 -23.97 -12.96 7.74
C GLY C 275 -24.86 -12.31 6.68
N TYR C 276 -24.99 -10.98 6.71
CA TYR C 276 -25.88 -10.31 5.75
C TYR C 276 -25.14 -9.58 4.64
N ASP C 277 -25.84 -9.34 3.52
CA ASP C 277 -25.29 -8.55 2.41
C ASP C 277 -25.14 -7.09 2.84
N ASN C 278 -23.92 -6.65 3.07
CA ASN C 278 -23.66 -5.31 3.59
C ASN C 278 -22.78 -4.48 2.67
N GLY C 279 -22.59 -4.93 1.43
CA GLY C 279 -21.76 -4.23 0.48
C GLY C 279 -22.45 -3.05 -0.18
N ILE C 280 -21.83 -2.57 -1.24
CA ILE C 280 -22.36 -1.44 -2.00
C ILE C 280 -23.22 -1.96 -3.14
N ILE C 281 -24.49 -2.14 -2.86
CA ILE C 281 -25.34 -2.93 -3.72
C ILE C 281 -26.43 -2.11 -4.41
N TRP C 282 -26.90 -2.65 -5.53
CA TRP C 282 -28.02 -2.11 -6.26
C TRP C 282 -28.64 -3.33 -6.92
N ALA C 283 -29.63 -3.92 -6.24
CA ALA C 283 -30.11 -5.27 -6.57
C ALA C 283 -30.70 -5.46 -7.97
N THR C 284 -31.14 -4.37 -8.60
CA THR C 284 -31.72 -4.43 -9.95
C THR C 284 -30.65 -4.48 -11.05
N TRP C 285 -29.40 -4.19 -10.70
CA TRP C 285 -28.28 -4.21 -11.65
C TRP C 285 -27.34 -5.40 -11.46
N LYS C 286 -27.01 -5.72 -10.22
CA LYS C 286 -26.13 -6.84 -9.91
C LYS C 286 -26.62 -7.53 -8.67
N THR C 287 -26.35 -8.83 -8.55
CA THR C 287 -26.63 -9.58 -7.33
C THR C 287 -26.18 -8.80 -6.08
N ARG C 288 -26.89 -8.97 -4.98
CA ARG C 288 -26.55 -8.34 -3.70
C ARG C 288 -25.20 -8.79 -3.13
N TRP C 289 -24.60 -9.82 -3.74
CA TRP C 289 -23.28 -10.30 -3.35
C TRP C 289 -22.22 -9.77 -4.30
N TYR C 290 -22.58 -8.72 -5.02
CA TYR C 290 -21.66 -7.98 -5.85
C TYR C 290 -21.64 -6.51 -5.44
N SER C 291 -20.46 -6.03 -5.07
CA SER C 291 -20.26 -4.70 -4.51
C SER C 291 -19.61 -3.76 -5.54
N MET C 292 -20.24 -2.60 -5.75
CA MET C 292 -19.81 -1.62 -6.77
C MET C 292 -18.38 -1.13 -6.59
N LYS C 293 -17.70 -0.85 -7.71
CA LYS C 293 -16.40 -0.20 -7.68
C LYS C 293 -16.52 1.30 -7.34
N LYS C 294 -17.54 1.96 -7.92
CA LYS C 294 -17.77 3.38 -7.71
C LYS C 294 -19.26 3.68 -7.69
N THR C 295 -19.63 4.67 -6.90
CA THR C 295 -20.98 5.20 -6.88
C THR C 295 -20.90 6.72 -6.76
N THR C 296 -21.93 7.36 -7.31
CA THR C 296 -22.12 8.77 -7.21
C THR C 296 -23.60 8.98 -6.98
N MET C 297 -23.94 9.79 -5.97
CA MET C 297 -25.30 10.28 -5.79
C MET C 297 -25.24 11.79 -5.94
N LYS C 298 -26.01 12.32 -6.87
CA LYS C 298 -25.92 13.75 -7.19
C LYS C 298 -27.29 14.31 -7.53
N ILE C 299 -27.48 15.59 -7.22
CA ILE C 299 -28.77 16.25 -7.42
C ILE C 299 -28.69 17.52 -8.27
N ILE C 300 -29.78 17.75 -9.00
CA ILE C 300 -29.92 18.85 -9.91
C ILE C 300 -31.42 19.23 -9.97
N PRO C 301 -31.75 20.52 -10.20
CA PRO C 301 -33.15 20.87 -10.47
C PRO C 301 -33.74 20.00 -11.58
N PHE C 302 -34.93 19.46 -11.37
CA PHE C 302 -35.53 18.50 -12.30
C PHE C 302 -35.67 19.05 -13.74
N ASN C 303 -35.93 20.35 -13.88
CA ASN C 303 -36.09 20.98 -15.21
C ASN C 303 -34.85 20.93 -16.11
N ARG C 304 -33.69 20.60 -15.53
CA ARG C 304 -32.45 20.45 -16.29
C ARG C 304 -32.40 19.13 -17.06
N LEU C 305 -33.33 18.23 -16.73
CA LEU C 305 -33.44 16.91 -17.36
C LEU C 305 -34.50 16.86 -18.47
N GLN D 24 58.55 -19.40 16.04
CA GLN D 24 58.01 -19.21 17.42
C GLN D 24 57.23 -17.90 17.54
N LEU D 25 57.91 -16.78 17.29
CA LEU D 25 57.36 -15.42 17.49
C LEU D 25 55.86 -15.30 17.18
N LEU D 26 55.13 -14.72 18.13
CA LEU D 26 53.67 -14.70 18.14
C LEU D 26 53.02 -14.51 16.78
N GLN D 27 52.48 -15.61 16.24
CA GLN D 27 51.87 -15.62 14.92
C GLN D 27 50.38 -15.26 14.96
N LYS D 28 50.06 -14.06 14.47
CA LYS D 28 48.67 -13.61 14.34
C LYS D 28 47.98 -14.27 13.16
N ASN D 29 48.07 -15.60 13.09
CA ASN D 29 47.34 -16.41 12.12
C ASN D 29 45.88 -16.54 12.49
N VAL D 30 45.57 -16.30 13.76
CA VAL D 30 44.21 -16.33 14.29
C VAL D 30 43.29 -15.30 13.64
N ARG D 31 43.86 -14.16 13.23
CA ARG D 31 43.11 -13.10 12.55
C ARG D 31 42.59 -13.58 11.20
N ALA D 32 43.42 -14.38 10.52
CA ALA D 32 43.05 -14.94 9.20
C ALA D 32 42.06 -16.09 9.34
N GLN D 33 42.26 -16.95 10.35
CA GLN D 33 41.39 -18.10 10.58
C GLN D 33 40.05 -17.68 11.19
N LEU D 34 40.04 -16.54 11.88
CA LEU D 34 38.83 -15.95 12.44
C LEU D 34 37.91 -15.43 11.33
N VAL D 35 38.49 -14.68 10.39
CA VAL D 35 37.80 -14.24 9.18
C VAL D 35 37.33 -15.46 8.38
N ASP D 36 38.23 -16.44 8.24
CA ASP D 36 37.95 -17.68 7.50
C ASP D 36 36.77 -18.48 8.08
N MET D 37 36.70 -18.56 9.41
CA MET D 37 35.61 -19.26 10.08
C MET D 37 34.31 -18.48 9.98
N LYS D 38 34.41 -17.15 10.07
CA LYS D 38 33.27 -16.27 9.86
C LYS D 38 32.73 -16.43 8.43
N ARG D 39 33.65 -16.57 7.47
CA ARG D 39 33.30 -16.88 6.07
C ARG D 39 32.57 -18.21 5.99
N LEU D 40 33.16 -19.24 6.60
CA LEU D 40 32.61 -20.61 6.58
C LEU D 40 31.24 -20.68 7.26
N GLU D 41 31.08 -19.95 8.35
CA GLU D 41 29.84 -19.88 9.12
C GLU D 41 28.69 -19.37 8.25
N VAL D 42 28.91 -18.22 7.61
CA VAL D 42 27.91 -17.60 6.74
C VAL D 42 27.61 -18.47 5.52
N ASP D 43 28.66 -19.04 4.93
CA ASP D 43 28.54 -19.97 3.81
C ASP D 43 27.65 -21.18 4.13
N ILE D 44 27.79 -21.72 5.34
CA ILE D 44 27.02 -22.88 5.82
C ILE D 44 25.56 -22.51 6.15
N ASP D 45 25.38 -21.35 6.78
CA ASP D 45 24.05 -20.83 7.08
C ASP D 45 23.23 -20.69 5.79
N ILE D 46 23.85 -20.09 4.76
CA ILE D 46 23.22 -19.88 3.46
C ILE D 46 22.94 -21.24 2.78
N LYS D 47 23.92 -22.14 2.81
CA LYS D 47 23.77 -23.43 2.14
C LYS D 47 22.77 -24.37 2.79
N ILE D 48 22.75 -24.43 4.12
CA ILE D 48 21.74 -25.23 4.84
C ILE D 48 20.33 -24.72 4.53
N ARG D 49 20.15 -23.39 4.57
CA ARG D 49 18.86 -22.78 4.31
C ARG D 49 18.35 -23.04 2.88
N SER D 50 19.27 -23.10 1.92
CA SER D 50 18.91 -23.40 0.52
C SER D 50 18.48 -24.87 0.33
N CYS D 51 18.53 -25.65 1.40
CA CYS D 51 18.02 -27.02 1.41
C CYS D 51 16.53 -27.08 1.74
N ARG D 52 16.02 -26.01 2.34
CA ARG D 52 14.58 -25.84 2.58
C ARG D 52 13.75 -26.05 1.30
N GLY D 53 14.27 -25.61 0.16
CA GLY D 53 13.58 -25.77 -1.12
C GLY D 53 13.80 -27.10 -1.82
N SER D 54 14.65 -27.96 -1.25
CA SER D 54 15.00 -29.24 -1.87
C SER D 54 14.68 -30.45 -0.99
N CYS D 55 14.97 -30.31 0.31
CA CYS D 55 14.92 -31.43 1.25
C CYS D 55 13.70 -31.36 2.14
N SER D 56 13.43 -32.46 2.86
CA SER D 56 12.26 -32.59 3.73
C SER D 56 12.03 -31.37 4.62
N ARG D 57 13.13 -30.79 5.12
CA ARG D 57 13.11 -29.60 5.97
C ARG D 57 14.52 -29.04 6.10
N ALA D 58 14.62 -27.77 6.50
CA ALA D 58 15.91 -27.18 6.83
C ALA D 58 16.06 -27.05 8.36
N LEU D 59 17.30 -27.23 8.82
CA LEU D 59 17.63 -27.06 10.24
C LEU D 59 17.43 -25.62 10.69
N ALA D 60 16.60 -25.44 11.71
CA ALA D 60 16.41 -24.12 12.33
C ALA D 60 17.65 -23.78 13.17
N ARG D 61 18.30 -22.68 12.81
CA ARG D 61 19.59 -22.33 13.40
C ARG D 61 19.80 -20.81 13.40
N GLU D 62 20.98 -20.39 13.85
CA GLU D 62 21.41 -18.99 13.75
C GLU D 62 22.92 -18.87 13.81
N VAL D 63 23.45 -17.78 13.23
CA VAL D 63 24.88 -17.48 13.28
C VAL D 63 25.18 -16.47 14.39
N ASP D 64 26.27 -16.70 15.12
CA ASP D 64 26.67 -15.82 16.21
C ASP D 64 27.75 -14.84 15.74
N LEU D 65 27.33 -13.83 14.97
CA LEU D 65 28.23 -12.83 14.43
C LEU D 65 28.85 -11.95 15.52
N LYS D 66 28.07 -11.67 16.56
CA LYS D 66 28.51 -10.85 17.70
C LYS D 66 29.72 -11.44 18.41
N ASP D 67 29.72 -12.75 18.61
CA ASP D 67 30.83 -13.46 19.26
C ASP D 67 32.09 -13.43 18.39
N TYR D 68 31.92 -13.62 17.08
CA TYR D 68 33.02 -13.58 16.12
C TYR D 68 33.73 -12.22 16.09
N GLU D 69 32.98 -11.15 16.29
CA GLU D 69 33.55 -9.80 16.31
C GLU D 69 33.99 -9.34 17.70
N ASP D 70 33.69 -10.15 18.72
CA ASP D 70 34.19 -9.93 20.08
C ASP D 70 35.61 -10.45 20.21
N GLN D 71 35.86 -11.62 19.62
CA GLN D 71 37.19 -12.21 19.56
C GLN D 71 38.04 -11.51 18.50
N GLN D 72 37.37 -10.77 17.62
CA GLN D 72 38.02 -9.97 16.58
C GLN D 72 38.33 -8.57 17.09
N LYS D 73 37.55 -8.14 18.09
CA LYS D 73 37.77 -6.87 18.77
C LYS D 73 38.95 -6.98 19.73
N GLN D 74 40.07 -7.50 19.21
CA GLN D 74 41.28 -7.69 20.00
C GLN D 74 42.54 -7.29 19.22
N LEU D 75 42.65 -5.99 18.93
CA LEU D 75 43.86 -5.44 18.32
C LEU D 75 44.98 -5.42 19.35
N GLU D 76 46.21 -5.68 18.90
CA GLU D 76 47.38 -5.86 19.78
C GLU D 76 47.32 -7.18 20.56
N GLN D 77 46.15 -7.84 20.49
CA GLN D 77 45.86 -9.10 21.20
C GLN D 77 46.18 -9.04 22.70
N ILE E 28 57.17 -8.96 29.86
CA ILE E 28 56.51 -10.28 29.66
C ILE E 28 54.99 -10.07 29.50
N PRO E 29 54.53 -9.81 28.26
CA PRO E 29 53.10 -9.59 27.99
C PRO E 29 52.26 -10.86 28.11
N THR E 30 52.81 -12.00 27.67
CA THR E 30 52.14 -13.31 27.71
C THR E 30 50.78 -13.31 26.99
N ASN E 31 50.84 -13.32 25.66
CA ASN E 31 49.65 -13.38 24.81
C ASN E 31 49.02 -14.78 24.79
N LEU E 32 49.52 -15.66 25.65
CA LEU E 32 49.02 -17.03 25.78
C LEU E 32 47.62 -17.08 26.43
N ARG E 33 47.21 -15.96 27.00
CA ARG E 33 45.86 -15.84 27.60
C ARG E 33 44.82 -15.49 26.53
N VAL E 34 45.20 -14.58 25.62
CA VAL E 34 44.32 -14.15 24.53
C VAL E 34 44.12 -15.27 23.52
N LEU E 35 45.23 -15.85 23.05
CA LEU E 35 45.21 -17.09 22.28
C LEU E 35 44.87 -18.22 23.25
N ARG E 36 44.77 -19.46 22.75
CA ARG E 36 44.36 -20.60 23.58
C ARG E 36 42.91 -20.42 24.04
N SER E 37 42.34 -19.26 23.70
CA SER E 37 40.96 -18.93 24.04
C SER E 37 40.15 -18.76 22.76
N ILE E 38 40.75 -18.14 21.77
CA ILE E 38 40.16 -17.99 20.44
C ILE E 38 40.17 -19.34 19.73
N LEU E 39 41.30 -20.03 19.78
CA LEU E 39 41.48 -21.32 19.13
C LEU E 39 40.61 -22.41 19.74
N GLU E 40 40.47 -22.38 21.05
CA GLU E 40 39.61 -23.33 21.78
C GLU E 40 38.14 -23.09 21.46
N ASN E 41 37.77 -21.81 21.35
CA ASN E 41 36.42 -21.40 20.99
C ASN E 41 36.08 -21.76 19.53
N LEU E 42 37.03 -21.54 18.62
CA LEU E 42 36.86 -21.85 17.21
C LEU E 42 36.80 -23.35 16.91
N ARG E 43 37.49 -24.14 17.72
CA ARG E 43 37.47 -25.61 17.60
C ARG E 43 36.07 -26.16 17.93
N SER E 44 35.40 -25.49 18.86
CA SER E 44 34.06 -25.86 19.27
C SER E 44 33.05 -25.56 18.15
N LYS E 45 33.22 -24.40 17.51
CA LYS E 45 32.35 -23.99 16.41
C LYS E 45 32.49 -24.89 15.18
N ILE E 46 33.69 -25.41 14.94
CA ILE E 46 33.93 -26.40 13.88
C ILE E 46 33.02 -27.64 14.03
N GLN E 47 33.02 -28.25 15.21
CA GLN E 47 32.24 -29.47 15.42
C GLN E 47 30.74 -29.21 15.49
N LYS E 48 30.37 -28.00 15.91
CA LYS E 48 28.97 -27.57 15.86
C LYS E 48 28.51 -27.41 14.40
N LEU E 49 29.32 -26.76 13.57
CA LEU E 49 29.07 -26.67 12.14
C LEU E 49 29.05 -28.06 11.50
N GLU E 50 29.91 -28.94 11.99
CA GLU E 50 29.98 -30.32 11.52
C GLU E 50 28.69 -31.11 11.80
N SER E 51 28.12 -30.93 12.99
CA SER E 51 26.86 -31.63 13.32
C SER E 51 25.65 -31.02 12.63
N ASP E 52 25.70 -29.71 12.38
CA ASP E 52 24.66 -29.03 11.60
C ASP E 52 24.62 -29.52 10.14
N VAL E 53 25.79 -29.61 9.51
CA VAL E 53 25.90 -30.11 8.14
C VAL E 53 25.53 -31.60 8.09
N SER E 54 25.94 -32.35 9.12
CA SER E 54 25.63 -33.76 9.25
C SER E 54 24.13 -34.03 9.41
N ALA E 55 23.44 -33.18 10.17
CA ALA E 55 22.00 -33.30 10.38
C ALA E 55 21.21 -32.92 9.12
N GLN E 56 21.69 -31.90 8.41
CA GLN E 56 21.07 -31.49 7.16
C GLN E 56 21.22 -32.57 6.09
N MET E 57 22.40 -33.20 6.04
CA MET E 57 22.64 -34.34 5.16
C MET E 57 21.57 -35.42 5.36
N GLU E 58 21.21 -35.65 6.63
CA GLU E 58 20.18 -36.60 7.01
C GLU E 58 18.78 -36.20 6.47
N TYR E 59 18.44 -34.91 6.62
CA TYR E 59 17.17 -34.38 6.15
C TYR E 59 17.05 -34.48 4.63
N CYS E 60 18.20 -34.43 3.98
CA CYS E 60 18.28 -34.44 2.53
C CYS E 60 18.24 -35.84 1.94
N ARG E 61 18.13 -36.84 2.80
CA ARG E 61 17.90 -38.22 2.35
C ARG E 61 16.48 -38.38 1.81
N THR E 62 15.60 -37.45 2.18
CA THR E 62 14.23 -37.36 1.67
C THR E 62 13.96 -35.95 1.14
N PRO E 63 13.29 -35.84 -0.02
CA PRO E 63 13.05 -34.50 -0.57
C PRO E 63 11.81 -33.84 0.03
N CYS E 64 11.67 -32.52 -0.14
CA CYS E 64 10.38 -31.88 0.09
C CYS E 64 9.42 -32.32 -1.01
N THR E 65 8.13 -32.26 -0.72
CA THR E 65 7.11 -32.65 -1.66
C THR E 65 6.01 -31.60 -1.70
N VAL E 66 5.35 -31.49 -2.84
CA VAL E 66 4.16 -30.66 -3.01
C VAL E 66 3.12 -31.43 -3.83
N SER E 67 1.85 -31.07 -3.65
CA SER E 67 0.77 -31.58 -4.49
C SER E 67 0.04 -30.40 -5.11
N CYS E 68 0.50 -29.97 -6.28
CA CYS E 68 0.00 -28.76 -6.90
C CYS E 68 -1.04 -29.08 -7.98
N ASN E 69 -2.23 -29.44 -7.52
CA ASN E 69 -3.36 -29.68 -8.42
C ASN E 69 -3.58 -28.47 -9.31
N ILE E 70 -3.87 -28.72 -10.58
CA ILE E 70 -3.84 -27.68 -11.61
C ILE E 70 -5.20 -27.00 -11.74
N PRO E 71 -5.22 -25.66 -11.65
CA PRO E 71 -6.48 -24.96 -11.89
C PRO E 71 -7.01 -25.27 -13.28
N VAL E 72 -8.31 -25.45 -13.39
CA VAL E 72 -8.93 -25.64 -14.70
C VAL E 72 -8.58 -24.49 -15.65
N VAL E 73 -8.74 -23.25 -15.21
CA VAL E 73 -8.49 -22.09 -16.10
C VAL E 73 -7.02 -21.92 -16.48
N SER E 74 -6.78 -21.64 -17.76
CA SER E 74 -5.45 -21.46 -18.31
C SER E 74 -5.52 -20.42 -19.43
N GLY E 75 -4.35 -20.01 -19.92
CA GLY E 75 -4.27 -18.99 -20.95
C GLY E 75 -2.82 -18.79 -21.39
N LYS E 76 -2.58 -17.75 -22.19
CA LYS E 76 -1.24 -17.45 -22.71
C LYS E 76 -0.30 -17.04 -21.61
N GLU E 77 -0.84 -16.29 -20.65
CA GLU E 77 -0.10 -15.82 -19.49
C GLU E 77 -1.10 -15.39 -18.41
N CYS E 78 -0.62 -14.86 -17.28
CA CYS E 78 -1.49 -14.54 -16.13
C CYS E 78 -2.50 -13.42 -16.36
N GLU E 79 -2.21 -12.50 -17.28
CA GLU E 79 -3.16 -11.44 -17.61
C GLU E 79 -4.41 -12.00 -18.32
N GLU E 80 -4.20 -12.89 -19.28
CA GLU E 80 -5.33 -13.56 -19.93
C GLU E 80 -6.14 -14.39 -18.92
N ILE E 81 -5.46 -15.04 -18.00
CA ILE E 81 -6.11 -15.88 -16.99
C ILE E 81 -7.03 -15.06 -16.10
N ILE E 82 -6.54 -13.91 -15.62
CA ILE E 82 -7.34 -12.99 -14.83
C ILE E 82 -8.59 -12.49 -15.59
N ARG E 83 -8.43 -12.22 -16.89
CA ARG E 83 -9.59 -11.88 -17.74
C ARG E 83 -10.53 -13.07 -17.96
N LYS E 84 -10.02 -14.29 -17.73
CA LYS E 84 -10.81 -15.52 -17.83
C LYS E 84 -11.43 -15.97 -16.50
N GLY E 85 -11.32 -15.14 -15.47
CA GLY E 85 -12.00 -15.39 -14.20
C GLY E 85 -11.14 -16.01 -13.11
N GLY E 86 -9.88 -16.29 -13.43
CA GLY E 86 -8.91 -16.77 -12.44
C GLY E 86 -8.52 -15.62 -11.52
N GLU E 87 -9.27 -15.47 -10.43
CA GLU E 87 -9.18 -14.28 -9.58
C GLU E 87 -8.27 -14.43 -8.36
N THR E 88 -7.79 -15.66 -8.11
CA THR E 88 -6.96 -15.93 -6.94
C THR E 88 -5.48 -16.08 -7.30
N SER E 89 -4.60 -15.62 -6.40
CA SER E 89 -3.16 -15.74 -6.54
C SER E 89 -2.73 -17.17 -6.20
N GLU E 90 -2.17 -17.86 -7.19
CA GLU E 90 -1.73 -19.26 -7.04
C GLU E 90 -0.97 -19.71 -8.27
N MET E 91 -0.53 -20.97 -8.27
CA MET E 91 0.14 -21.55 -9.42
C MET E 91 -0.88 -21.85 -10.51
N TYR E 92 -0.56 -21.44 -11.73
CA TYR E 92 -1.35 -21.80 -12.89
C TYR E 92 -0.48 -22.37 -14.00
N LEU E 93 -1.14 -23.06 -14.91
CA LEU E 93 -0.51 -23.50 -16.13
C LEU E 93 -0.73 -22.44 -17.21
N ILE E 94 0.33 -22.07 -17.91
CA ILE E 94 0.21 -21.15 -19.04
C ILE E 94 0.84 -21.73 -20.30
N GLN E 95 0.28 -21.39 -21.46
CA GLN E 95 0.90 -21.73 -22.73
C GLN E 95 1.03 -20.50 -23.66
N PRO E 96 2.16 -19.77 -23.53
CA PRO E 96 2.42 -18.54 -24.31
C PRO E 96 2.38 -18.75 -25.83
N ASP E 97 3.04 -19.79 -26.32
CA ASP E 97 2.91 -20.21 -27.74
C ASP E 97 2.49 -21.66 -27.87
N SER E 98 1.62 -21.93 -28.83
CA SER E 98 1.17 -23.29 -29.15
C SER E 98 2.31 -24.24 -29.52
N SER E 99 3.50 -23.68 -29.78
CA SER E 99 4.68 -24.47 -30.14
C SER E 99 5.44 -25.02 -28.94
N VAL E 100 5.34 -24.33 -27.82
CA VAL E 100 5.96 -24.76 -26.56
C VAL E 100 4.93 -25.54 -25.72
N LYS E 101 5.41 -26.44 -24.87
CA LYS E 101 4.54 -27.16 -23.94
C LYS E 101 4.12 -26.23 -22.81
N PRO E 102 2.86 -26.38 -22.33
CA PRO E 102 2.40 -25.59 -21.20
C PRO E 102 3.27 -25.76 -19.96
N TYR E 103 3.37 -24.71 -19.16
CA TYR E 103 4.24 -24.74 -17.98
C TYR E 103 3.69 -23.95 -16.79
N ARG E 104 4.20 -24.30 -15.60
CA ARG E 104 3.75 -23.72 -14.35
C ARG E 104 4.40 -22.38 -14.06
N VAL E 105 3.58 -21.40 -13.70
CA VAL E 105 4.03 -20.10 -13.17
C VAL E 105 3.17 -19.77 -11.95
N TYR E 106 3.65 -18.82 -11.14
CA TYR E 106 2.81 -18.21 -10.12
C TYR E 106 2.22 -16.92 -10.69
N CYS E 107 0.89 -16.80 -10.56
CA CYS E 107 0.18 -15.59 -10.94
C CYS E 107 -0.18 -14.77 -9.71
N ASP E 108 0.22 -13.51 -9.70
CA ASP E 108 -0.19 -12.58 -8.66
C ASP E 108 -1.41 -11.86 -9.20
N MET E 109 -2.56 -12.11 -8.60
CA MET E 109 -3.82 -11.58 -9.09
C MET E 109 -4.34 -10.43 -8.24
N ASN E 110 -3.52 -9.99 -7.29
CA ASN E 110 -3.95 -8.97 -6.34
C ASN E 110 -3.21 -7.63 -6.46
N THR E 111 -1.89 -7.68 -6.64
CA THR E 111 -1.08 -6.47 -6.70
C THR E 111 -1.40 -5.67 -7.95
N GLU E 112 -1.73 -4.39 -7.74
CA GLU E 112 -1.97 -3.44 -8.83
C GLU E 112 -2.78 -4.04 -9.99
N ASN E 113 -3.99 -4.48 -9.65
CA ASN E 113 -4.98 -5.00 -10.60
C ASN E 113 -4.72 -6.42 -11.12
N GLY E 114 -3.69 -7.08 -10.59
CA GLY E 114 -3.42 -8.48 -10.90
C GLY E 114 -2.97 -8.76 -12.33
N GLY E 115 -2.98 -10.03 -12.70
CA GLY E 115 -2.55 -10.47 -14.02
C GLY E 115 -1.04 -10.50 -14.20
N TRP E 116 -0.31 -10.57 -13.10
CA TRP E 116 1.16 -10.55 -13.13
C TRP E 116 1.73 -11.96 -13.14
N THR E 117 2.59 -12.23 -14.11
CA THR E 117 3.32 -13.48 -14.21
C THR E 117 4.62 -13.33 -13.45
N VAL E 118 4.80 -14.09 -12.37
CA VAL E 118 6.04 -14.03 -11.59
C VAL E 118 7.19 -14.73 -12.35
N ILE E 119 8.29 -14.00 -12.55
CA ILE E 119 9.46 -14.55 -13.22
C ILE E 119 10.63 -14.81 -12.26
N GLN E 120 10.64 -14.10 -11.14
CA GLN E 120 11.65 -14.30 -10.09
C GLN E 120 11.06 -13.99 -8.71
N ASN E 121 11.49 -14.75 -7.71
CA ASN E 121 10.96 -14.58 -6.36
C ASN E 121 11.96 -14.97 -5.29
N ARG E 122 12.13 -14.07 -4.32
CA ARG E 122 12.96 -14.30 -3.13
C ARG E 122 12.13 -13.92 -1.90
N GLN E 123 12.22 -14.72 -0.84
CA GLN E 123 11.43 -14.46 0.38
C GLN E 123 11.95 -15.17 1.65
N ASP E 124 12.81 -16.16 1.48
CA ASP E 124 13.19 -17.04 2.60
C ASP E 124 14.55 -17.74 2.44
N GLY E 125 15.24 -17.51 1.33
CA GLY E 125 16.55 -18.14 1.10
C GLY E 125 16.54 -19.64 0.85
N SER E 126 15.37 -20.19 0.54
CA SER E 126 15.17 -21.63 0.44
C SER E 126 15.74 -22.26 -0.84
N VAL E 127 16.17 -21.41 -1.78
CA VAL E 127 16.66 -21.85 -3.09
C VAL E 127 18.05 -21.27 -3.40
N ASP E 128 18.89 -22.14 -3.96
CA ASP E 128 20.23 -21.77 -4.39
C ASP E 128 20.17 -21.02 -5.74
N PHE E 129 20.55 -19.74 -5.71
CA PHE E 129 20.58 -18.92 -6.91
C PHE E 129 21.98 -18.77 -7.53
N GLY E 130 22.98 -19.31 -6.85
CA GLY E 130 24.33 -19.39 -7.41
C GLY E 130 24.40 -20.54 -8.39
N ARG E 131 23.83 -20.36 -9.58
CA ARG E 131 23.78 -21.45 -10.55
C ARG E 131 24.40 -21.07 -11.88
N LYS E 132 24.63 -22.09 -12.72
CA LYS E 132 25.30 -21.94 -14.00
C LYS E 132 24.34 -21.57 -15.14
N TRP E 133 24.87 -21.50 -16.36
CA TRP E 133 24.11 -21.03 -17.52
C TRP E 133 22.90 -21.88 -17.84
N ASP E 134 23.08 -23.21 -17.86
CA ASP E 134 21.99 -24.13 -18.22
C ASP E 134 20.81 -24.05 -17.24
N PRO E 135 21.05 -24.12 -15.91
CA PRO E 135 19.97 -23.85 -14.95
C PRO E 135 19.24 -22.52 -15.14
N TYR E 136 19.96 -21.43 -15.39
CA TYR E 136 19.33 -20.13 -15.66
C TYR E 136 18.60 -20.07 -17.01
N LYS E 137 19.09 -20.82 -17.99
CA LYS E 137 18.40 -21.02 -19.26
C LYS E 137 17.07 -21.76 -19.06
N GLN E 138 17.10 -22.82 -18.27
CA GLN E 138 15.97 -23.74 -18.13
C GLN E 138 14.98 -23.29 -17.07
N GLY E 139 15.49 -22.60 -16.06
CA GLY E 139 14.72 -22.23 -14.88
C GLY E 139 14.98 -23.21 -13.75
N PHE E 140 14.83 -22.73 -12.51
CA PHE E 140 15.05 -23.55 -11.32
C PHE E 140 14.22 -23.03 -10.15
N GLY E 141 14.20 -23.80 -9.06
CA GLY E 141 13.48 -23.42 -7.86
C GLY E 141 12.07 -23.98 -7.84
N ASN E 142 11.28 -23.48 -6.90
CA ASN E 142 9.91 -23.93 -6.71
C ASN E 142 8.95 -22.84 -7.12
N VAL E 143 8.07 -23.15 -8.06
CA VAL E 143 7.06 -22.20 -8.49
C VAL E 143 6.11 -21.85 -7.34
N ALA E 144 5.59 -22.89 -6.68
CA ALA E 144 4.60 -22.73 -5.62
C ALA E 144 4.61 -23.91 -4.65
N THR E 145 4.09 -23.67 -3.45
CA THR E 145 3.91 -24.73 -2.44
C THR E 145 2.49 -24.69 -1.89
N ASN E 146 2.09 -25.78 -1.23
CA ASN E 146 0.72 -25.93 -0.73
C ASN E 146 0.37 -24.98 0.40
N THR E 147 -0.78 -24.33 0.28
CA THR E 147 -1.34 -23.54 1.37
C THR E 147 -1.86 -24.52 2.42
N ASP E 148 -1.65 -24.21 3.69
CA ASP E 148 -1.94 -25.13 4.79
C ASP E 148 -3.35 -25.74 4.75
N GLY E 149 -3.40 -27.05 4.56
CA GLY E 149 -4.66 -27.80 4.52
C GLY E 149 -5.41 -27.74 3.19
N LYS E 150 -4.77 -27.17 2.17
CA LYS E 150 -5.42 -26.98 0.84
C LYS E 150 -4.84 -27.89 -0.24
N ASN E 151 -5.68 -28.26 -1.20
CA ASN E 151 -5.26 -29.13 -2.31
C ASN E 151 -4.59 -28.40 -3.47
N TYR E 152 -4.41 -27.08 -3.34
CA TYR E 152 -3.75 -26.28 -4.37
C TYR E 152 -2.58 -25.47 -3.79
N CYS E 153 -1.64 -25.13 -4.65
CA CYS E 153 -0.43 -24.38 -4.27
C CYS E 153 -0.62 -22.88 -4.40
N GLY E 154 -1.13 -22.27 -3.33
CA GLY E 154 -1.43 -20.85 -3.29
C GLY E 154 -0.31 -19.96 -2.76
N LEU E 155 0.78 -20.57 -2.31
CA LEU E 155 1.97 -19.83 -1.90
C LEU E 155 3.08 -19.90 -2.95
N PRO E 156 3.69 -18.75 -3.29
CA PRO E 156 4.81 -18.80 -4.22
C PRO E 156 6.04 -19.40 -3.54
N GLY E 157 6.89 -20.07 -4.31
CA GLY E 157 8.17 -20.53 -3.79
C GLY E 157 9.24 -19.59 -4.29
N GLU E 158 10.51 -19.91 -4.01
CA GLU E 158 11.60 -19.17 -4.62
C GLU E 158 11.97 -19.82 -5.97
N TYR E 159 12.04 -19.01 -7.02
CA TYR E 159 12.39 -19.53 -8.34
C TYR E 159 12.90 -18.49 -9.33
N TRP E 160 13.50 -19.00 -10.40
CA TRP E 160 13.78 -18.25 -11.61
C TRP E 160 13.06 -18.98 -12.73
N LEU E 161 12.15 -18.29 -13.43
CA LEU E 161 11.35 -18.95 -14.47
C LEU E 161 12.21 -19.61 -15.57
N GLY E 162 13.25 -18.90 -16.01
CA GLY E 162 14.13 -19.40 -17.04
C GLY E 162 14.28 -18.36 -18.14
N ASN E 163 15.50 -18.18 -18.59
CA ASN E 163 15.81 -17.18 -19.62
C ASN E 163 15.04 -17.36 -20.93
N ASP E 164 14.89 -18.60 -21.39
CA ASP E 164 14.18 -18.90 -22.64
C ASP E 164 12.70 -18.56 -22.50
N LYS E 165 12.12 -18.96 -21.37
CA LYS E 165 10.71 -18.68 -21.08
C LYS E 165 10.45 -17.17 -20.94
N ILE E 166 11.27 -16.49 -20.14
CA ILE E 166 11.18 -15.04 -19.95
C ILE E 166 11.31 -14.31 -21.28
N SER E 167 12.36 -14.64 -22.03
CA SER E 167 12.57 -14.05 -23.35
C SER E 167 11.32 -14.15 -24.23
N GLN E 168 10.77 -15.36 -24.36
CA GLN E 168 9.63 -15.58 -25.25
C GLN E 168 8.41 -14.78 -24.78
N LEU E 169 8.21 -14.68 -23.47
CA LEU E 169 7.11 -13.92 -22.89
C LEU E 169 7.20 -12.42 -23.20
N THR E 170 8.39 -11.83 -23.07
CA THR E 170 8.56 -10.38 -23.27
C THR E 170 8.42 -9.94 -24.73
N ARG E 171 8.64 -10.88 -25.64
CA ARG E 171 8.61 -10.59 -27.08
C ARG E 171 7.26 -10.92 -27.75
N MET E 172 6.32 -11.43 -26.97
CA MET E 172 4.95 -11.69 -27.44
C MET E 172 4.22 -10.40 -27.79
N GLY E 173 4.57 -9.33 -27.07
CA GLY E 173 4.05 -7.98 -27.31
C GLY E 173 4.62 -7.05 -26.26
N PRO E 174 4.21 -5.77 -26.27
CA PRO E 174 4.68 -4.81 -25.26
C PRO E 174 4.44 -5.36 -23.85
N THR E 175 5.48 -5.31 -23.01
CA THR E 175 5.47 -5.97 -21.71
C THR E 175 6.10 -5.05 -20.65
N GLU E 176 5.39 -4.86 -19.54
CA GLU E 176 5.90 -4.10 -18.38
C GLU E 176 6.48 -5.01 -17.28
N LEU E 177 7.40 -4.45 -16.52
CA LEU E 177 8.08 -5.19 -15.45
C LEU E 177 7.85 -4.48 -14.12
N LEU E 178 7.52 -5.26 -13.10
CA LEU E 178 7.36 -4.74 -11.74
C LEU E 178 8.27 -5.52 -10.81
N ILE E 179 9.22 -4.80 -10.23
CA ILE E 179 10.14 -5.35 -9.25
C ILE E 179 9.71 -4.80 -7.90
N GLU E 180 9.57 -5.69 -6.92
CA GLU E 180 9.18 -5.31 -5.58
C GLU E 180 10.18 -5.87 -4.61
N MET E 181 10.46 -5.12 -3.55
CA MET E 181 11.39 -5.56 -2.54
C MET E 181 10.98 -5.08 -1.14
N GLU E 182 11.56 -5.73 -0.14
CA GLU E 182 11.26 -5.45 1.25
C GLU E 182 12.50 -5.69 2.09
N ASP E 183 12.78 -4.75 2.98
CA ASP E 183 13.89 -4.91 3.91
C ASP E 183 13.47 -5.72 5.15
N TRP E 184 14.43 -6.00 6.03
CA TRP E 184 14.19 -6.87 7.17
C TRP E 184 13.38 -6.23 8.30
N LYS E 185 12.95 -5.00 8.07
CA LYS E 185 12.15 -4.21 9.01
C LYS E 185 10.71 -4.10 8.50
N GLY E 186 10.47 -4.60 7.29
CA GLY E 186 9.12 -4.61 6.71
C GLY E 186 8.79 -3.42 5.83
N ASP E 187 9.79 -2.55 5.61
CA ASP E 187 9.64 -1.44 4.67
C ASP E 187 9.66 -1.97 3.24
N LYS E 188 8.84 -1.39 2.37
CA LYS E 188 8.71 -1.84 0.99
C LYS E 188 8.87 -0.70 0.00
N VAL E 189 9.63 -0.96 -1.07
CA VAL E 189 9.69 -0.07 -2.23
C VAL E 189 9.52 -0.88 -3.53
N LYS E 190 9.36 -0.19 -4.65
CA LYS E 190 9.16 -0.86 -5.93
C LYS E 190 9.81 -0.13 -7.09
N ALA E 191 10.26 -0.89 -8.09
CA ALA E 191 10.74 -0.34 -9.35
C ALA E 191 9.89 -0.87 -10.50
N HIS E 192 9.23 0.03 -11.20
CA HIS E 192 8.37 -0.32 -12.32
C HIS E 192 8.99 0.13 -13.64
N TYR E 193 9.07 -0.79 -14.60
CA TYR E 193 9.52 -0.45 -15.95
C TYR E 193 8.41 -0.75 -16.94
N GLY E 194 7.84 0.31 -17.53
CA GLY E 194 6.76 0.18 -18.50
C GLY E 194 7.08 -0.65 -19.73
N GLY E 195 8.36 -0.66 -20.12
CA GLY E 195 8.86 -1.50 -21.21
C GLY E 195 9.97 -2.43 -20.77
N PHE E 196 9.93 -3.68 -21.24
CA PHE E 196 10.86 -4.71 -20.80
C PHE E 196 10.94 -5.83 -21.84
N THR E 197 12.12 -5.99 -22.43
CA THR E 197 12.39 -7.10 -23.36
C THR E 197 13.67 -7.86 -22.97
N VAL E 198 13.64 -9.17 -23.17
CA VAL E 198 14.85 -10.00 -23.06
C VAL E 198 15.02 -10.78 -24.36
N GLN E 199 16.13 -10.55 -25.04
CA GLN E 199 16.40 -11.25 -26.31
C GLN E 199 16.66 -12.76 -26.12
N ASN E 200 16.81 -13.49 -27.23
CA ASN E 200 17.00 -14.95 -27.17
C ASN E 200 18.42 -15.33 -26.75
N GLU E 201 18.70 -16.63 -26.66
CA GLU E 201 19.99 -17.12 -26.18
C GLU E 201 21.14 -16.72 -27.11
N ALA E 202 20.92 -16.82 -28.41
CA ALA E 202 21.90 -16.40 -29.40
C ALA E 202 22.28 -14.94 -29.22
N ASN E 203 21.34 -14.14 -28.72
CA ASN E 203 21.57 -12.73 -28.42
C ASN E 203 21.97 -12.52 -26.95
N LYS E 204 22.44 -13.60 -26.32
CA LYS E 204 22.92 -13.57 -24.93
C LYS E 204 21.91 -13.04 -23.91
N TYR E 205 20.63 -13.23 -24.21
CA TYR E 205 19.52 -12.77 -23.38
C TYR E 205 19.58 -11.28 -23.03
N GLN E 206 20.12 -10.50 -23.96
CA GLN E 206 20.26 -9.05 -23.77
C GLN E 206 18.97 -8.41 -23.26
N ILE E 207 19.12 -7.51 -22.29
CA ILE E 207 17.98 -6.86 -21.65
C ILE E 207 17.82 -5.42 -22.12
N SER E 208 16.58 -4.99 -22.21
CA SER E 208 16.22 -3.61 -22.48
C SER E 208 15.02 -3.27 -21.61
N VAL E 209 15.14 -2.17 -20.85
CA VAL E 209 14.05 -1.65 -20.02
C VAL E 209 13.90 -0.15 -20.26
N ASN E 210 12.66 0.34 -20.19
CA ASN E 210 12.39 1.77 -20.22
C ASN E 210 11.14 2.16 -19.41
N LYS E 211 10.76 3.44 -19.50
CA LYS E 211 9.60 4.00 -18.80
C LYS E 211 9.56 3.65 -17.32
N TYR E 212 10.59 4.08 -16.60
CA TYR E 212 10.71 3.82 -15.16
C TYR E 212 9.76 4.69 -14.34
N ARG E 213 9.26 4.11 -13.26
CA ARG E 213 8.63 4.85 -12.16
C ARG E 213 8.73 3.98 -10.90
N GLY E 214 8.64 4.61 -9.73
CA GLY E 214 8.68 3.84 -8.48
C GLY E 214 9.38 4.55 -7.34
N THR E 215 9.80 3.77 -6.35
CA THR E 215 10.35 4.29 -5.11
C THR E 215 11.70 3.67 -4.76
N ALA E 216 12.10 2.62 -5.47
CA ALA E 216 13.35 1.92 -5.17
C ALA E 216 14.59 2.61 -5.75
N GLY E 217 14.37 3.44 -6.78
CA GLY E 217 15.46 4.05 -7.52
C GLY E 217 15.75 3.29 -8.80
N ASN E 218 16.04 4.03 -9.87
CA ASN E 218 16.30 3.47 -11.18
C ASN E 218 17.69 2.81 -11.33
N ALA E 219 17.89 1.70 -10.63
CA ALA E 219 19.16 0.97 -10.72
C ALA E 219 19.47 0.47 -12.13
N LEU E 220 18.47 -0.03 -12.84
CA LEU E 220 18.68 -0.68 -14.14
C LEU E 220 19.09 0.26 -15.27
N MET E 221 18.53 1.46 -15.28
CA MET E 221 18.79 2.42 -16.37
C MET E 221 19.87 3.45 -16.04
N ASP E 222 20.06 3.78 -14.77
CA ASP E 222 20.98 4.87 -14.38
C ASP E 222 22.21 4.40 -13.61
N GLY E 223 22.11 3.23 -12.98
CA GLY E 223 23.21 2.73 -12.19
C GLY E 223 23.12 3.26 -10.77
N ALA E 224 24.10 2.89 -9.95
CA ALA E 224 24.09 3.19 -8.51
C ALA E 224 24.26 4.68 -8.23
N SER E 225 23.27 5.25 -7.56
CA SER E 225 23.24 6.67 -7.20
C SER E 225 24.42 7.12 -6.32
N GLN E 226 24.96 6.20 -5.53
CA GLN E 226 26.11 6.50 -4.67
C GLN E 226 27.45 6.55 -5.43
N LEU E 227 27.46 6.08 -6.68
CA LEU E 227 28.64 6.16 -7.52
C LEU E 227 28.56 7.40 -8.42
N MET E 228 29.73 7.87 -8.87
CA MET E 228 29.83 9.12 -9.63
C MET E 228 30.59 8.91 -10.94
N GLY E 229 30.30 9.72 -11.94
CA GLY E 229 30.99 9.69 -13.23
C GLY E 229 30.85 8.38 -13.97
N GLU E 230 31.92 7.96 -14.63
CA GLU E 230 31.95 6.68 -15.36
C GLU E 230 31.67 5.45 -14.50
N ASN E 231 31.84 5.59 -13.18
CA ASN E 231 31.61 4.50 -12.23
C ASN E 231 30.14 4.13 -12.09
N ARG E 232 29.28 5.15 -12.17
CA ARG E 232 27.84 4.92 -12.18
C ARG E 232 27.43 4.24 -13.49
N THR E 233 27.91 4.78 -14.61
CA THR E 233 27.64 4.23 -15.95
C THR E 233 28.01 2.76 -16.00
N MET E 234 29.14 2.42 -15.37
CA MET E 234 29.63 1.04 -15.28
C MET E 234 28.64 0.06 -14.62
N THR E 235 27.60 0.60 -13.98
CA THR E 235 26.64 -0.24 -13.22
C THR E 235 25.23 -0.28 -13.83
N ILE E 236 25.06 0.37 -14.98
CA ILE E 236 23.80 0.36 -15.73
C ILE E 236 23.54 -1.05 -16.25
N HIS E 237 22.31 -1.54 -16.05
CA HIS E 237 21.95 -2.88 -16.50
C HIS E 237 21.25 -2.91 -17.84
N ASN E 238 20.56 -1.82 -18.16
CA ASN E 238 19.92 -1.64 -19.45
C ASN E 238 20.94 -1.85 -20.58
N GLY E 239 20.57 -2.68 -21.56
CA GLY E 239 21.45 -2.99 -22.68
C GLY E 239 22.45 -4.11 -22.44
N MET E 240 22.46 -4.66 -21.23
CA MET E 240 23.48 -5.65 -20.86
C MET E 240 23.12 -7.08 -21.28
N PHE E 241 24.14 -7.93 -21.38
CA PHE E 241 23.96 -9.36 -21.60
C PHE E 241 23.91 -10.10 -20.26
N PHE E 242 23.38 -11.32 -20.29
CA PHE E 242 23.30 -12.16 -19.10
C PHE E 242 24.59 -12.94 -18.89
N SER E 243 25.10 -12.93 -17.65
CA SER E 243 26.25 -13.77 -17.27
C SER E 243 25.90 -14.68 -16.10
N THR E 244 26.44 -15.89 -16.14
CA THR E 244 26.51 -16.76 -14.96
C THR E 244 28.00 -17.00 -14.67
N TYR E 245 28.33 -17.67 -13.57
CA TYR E 245 29.74 -17.82 -13.24
C TYR E 245 30.54 -18.76 -14.16
N ASP E 246 29.83 -19.59 -14.92
CA ASP E 246 30.44 -20.45 -15.93
C ASP E 246 30.31 -19.88 -17.34
N ARG E 247 29.72 -18.68 -17.47
CA ARG E 247 29.53 -18.04 -18.78
C ARG E 247 29.65 -16.51 -18.73
N ASP E 248 30.80 -16.02 -19.17
CA ASP E 248 31.13 -14.60 -19.06
C ASP E 248 30.70 -13.76 -20.28
N ASN E 249 29.62 -13.00 -20.11
CA ASN E 249 29.15 -12.04 -21.11
C ASN E 249 29.05 -10.63 -20.54
N ASP E 250 29.91 -10.32 -19.56
CA ASP E 250 29.84 -9.03 -18.87
C ASP E 250 30.62 -7.89 -19.54
N GLY E 251 30.61 -6.73 -18.89
CA GLY E 251 31.23 -5.52 -19.42
C GLY E 251 32.74 -5.46 -19.39
N TRP E 252 33.39 -6.34 -18.65
CA TRP E 252 34.85 -6.37 -18.57
C TRP E 252 35.48 -7.14 -19.72
N LEU E 253 36.08 -6.41 -20.66
CA LEU E 253 36.73 -7.00 -21.83
C LEU E 253 37.99 -7.77 -21.43
N THR E 254 38.78 -7.18 -20.54
CA THR E 254 40.07 -7.74 -20.10
C THR E 254 39.97 -9.21 -19.71
N SER E 255 40.86 -10.03 -20.28
CA SER E 255 40.92 -11.46 -19.99
C SER E 255 41.54 -11.70 -18.61
N ASP E 256 41.40 -10.72 -17.73
CA ASP E 256 41.83 -10.81 -16.33
C ASP E 256 40.70 -11.46 -15.53
N PRO E 257 40.91 -12.70 -15.06
CA PRO E 257 39.90 -13.49 -14.33
C PRO E 257 39.50 -12.89 -12.98
N ARG E 258 40.31 -11.97 -12.48
CA ARG E 258 40.08 -11.33 -11.16
C ARG E 258 38.89 -10.35 -11.19
N LYS E 259 38.56 -9.86 -12.38
CA LYS E 259 37.55 -8.82 -12.56
C LYS E 259 36.18 -9.36 -13.02
N GLN E 260 36.05 -10.69 -13.08
CA GLN E 260 34.80 -11.35 -13.49
C GLN E 260 33.66 -11.04 -12.53
N CYS E 261 32.53 -10.59 -13.08
CA CYS E 261 31.38 -10.12 -12.29
C CYS E 261 30.64 -11.23 -11.55
N SER E 262 30.50 -12.38 -12.21
CA SER E 262 29.89 -13.55 -11.58
C SER E 262 30.98 -14.57 -11.28
N LYS E 263 31.24 -14.78 -9.98
CA LYS E 263 32.18 -15.78 -9.51
C LYS E 263 31.41 -16.92 -8.86
N GLU E 264 32.10 -18.01 -8.52
CA GLU E 264 31.45 -19.21 -7.98
C GLU E 264 30.39 -18.90 -6.93
N ASP E 265 29.23 -19.51 -7.11
CA ASP E 265 28.04 -19.33 -6.26
C ASP E 265 27.41 -17.93 -6.34
N GLY E 266 27.87 -17.13 -7.29
CA GLY E 266 27.22 -15.86 -7.60
C GLY E 266 25.99 -16.08 -8.49
N GLY E 267 25.02 -15.18 -8.36
CA GLY E 267 23.80 -15.27 -9.17
C GLY E 267 24.01 -14.93 -10.63
N GLY E 268 23.12 -15.41 -11.49
CA GLY E 268 23.09 -14.98 -12.87
C GLY E 268 22.37 -13.66 -12.97
N TRP E 269 22.98 -12.69 -13.66
CA TRP E 269 22.38 -11.37 -13.80
C TRP E 269 22.91 -10.64 -15.03
N TRP E 270 22.23 -9.56 -15.38
CA TRP E 270 22.62 -8.72 -16.51
C TRP E 270 23.74 -7.77 -16.07
N TYR E 271 24.88 -8.36 -15.73
CA TYR E 271 26.03 -7.64 -15.18
C TYR E 271 26.66 -6.74 -16.21
N ASN E 272 27.14 -5.59 -15.74
CA ASN E 272 27.94 -4.65 -16.52
C ASN E 272 29.37 -4.69 -15.96
N ARG E 273 29.72 -3.67 -15.17
CA ARG E 273 31.03 -3.57 -14.52
C ARG E 273 30.91 -2.98 -13.09
N CYS E 274 30.20 -3.64 -12.16
CA CYS E 274 29.50 -4.91 -12.38
C CYS E 274 27.98 -4.75 -12.28
N HIS E 275 27.52 -4.10 -11.21
CA HIS E 275 26.08 -3.99 -10.94
C HIS E 275 25.66 -2.84 -10.01
N ALA E 276 24.39 -2.48 -10.09
CA ALA E 276 23.74 -1.54 -9.17
C ALA E 276 22.60 -2.29 -8.48
N ALA E 277 22.26 -3.45 -9.03
CA ALA E 277 21.22 -4.30 -8.50
C ALA E 277 21.51 -5.77 -8.82
N ASN E 278 21.07 -6.66 -7.94
CA ASN E 278 21.15 -8.11 -8.16
C ASN E 278 20.11 -8.89 -7.34
N PRO E 279 18.88 -9.01 -7.87
CA PRO E 279 17.83 -9.82 -7.26
C PRO E 279 18.24 -11.28 -7.10
N ASN E 280 19.17 -11.72 -7.93
CA ASN E 280 19.61 -13.12 -7.92
C ASN E 280 20.86 -13.39 -7.07
N GLY E 281 21.19 -12.46 -6.17
CA GLY E 281 22.34 -12.62 -5.27
C GLY E 281 22.16 -13.65 -4.16
N ARG E 282 23.16 -13.73 -3.28
CA ARG E 282 23.10 -14.65 -2.13
C ARG E 282 22.20 -14.08 -1.04
N TYR E 283 21.38 -14.93 -0.46
CA TYR E 283 20.43 -14.55 0.59
C TYR E 283 21.08 -14.52 1.99
N TYR E 284 21.70 -13.39 2.33
CA TYR E 284 22.21 -13.19 3.69
C TYR E 284 21.06 -12.96 4.65
N TRP E 285 21.04 -13.71 5.75
CA TRP E 285 20.02 -13.54 6.77
C TRP E 285 20.27 -12.26 7.57
N GLY E 286 19.22 -11.48 7.77
CA GLY E 286 19.29 -10.29 8.62
C GLY E 286 19.44 -8.97 7.89
N GLY E 287 19.98 -9.01 6.66
CA GLY E 287 20.09 -7.80 5.84
C GLY E 287 21.52 -7.32 5.64
N GLN E 288 22.08 -6.70 6.67
CA GLN E 288 23.45 -6.21 6.66
C GLN E 288 24.43 -7.36 6.50
N TYR E 289 25.42 -7.18 5.65
CA TYR E 289 26.53 -8.12 5.52
C TYR E 289 27.81 -7.34 5.21
N THR E 290 28.95 -8.00 5.28
CA THR E 290 30.25 -7.34 5.11
C THR E 290 31.17 -8.17 4.22
N TRP E 291 32.20 -7.52 3.66
CA TRP E 291 33.17 -8.17 2.77
C TRP E 291 33.77 -9.46 3.35
N ASP E 292 33.94 -9.51 4.67
CA ASP E 292 34.51 -10.69 5.34
C ASP E 292 33.48 -11.79 5.66
N MET E 293 32.24 -11.59 5.23
CA MET E 293 31.22 -12.63 5.26
C MET E 293 31.06 -13.28 3.88
N ALA E 294 31.44 -12.52 2.84
CA ALA E 294 31.22 -12.90 1.45
C ALA E 294 32.32 -13.81 0.92
N LYS E 295 31.93 -14.81 0.13
CA LYS E 295 32.87 -15.83 -0.38
C LYS E 295 34.13 -15.24 -1.04
N HIS E 296 33.95 -14.23 -1.88
CA HIS E 296 35.05 -13.62 -2.62
C HIS E 296 35.33 -12.20 -2.16
N GLY E 297 34.75 -11.81 -1.02
CA GLY E 297 34.87 -10.46 -0.50
C GLY E 297 34.21 -9.42 -1.39
N THR E 298 33.10 -9.80 -2.03
CA THR E 298 32.35 -8.88 -2.90
C THR E 298 30.89 -8.73 -2.45
N ALA E 299 30.23 -7.69 -2.97
CA ALA E 299 28.84 -7.40 -2.64
C ALA E 299 27.88 -8.28 -3.46
N ASP E 300 27.87 -9.57 -3.15
CA ASP E 300 27.14 -10.58 -3.93
C ASP E 300 25.74 -10.90 -3.37
N GLY E 301 25.19 -10.03 -2.54
CA GLY E 301 23.88 -10.24 -1.94
C GLY E 301 22.70 -9.90 -2.83
N VAL E 302 21.50 -9.97 -2.24
CA VAL E 302 20.26 -9.59 -2.91
C VAL E 302 20.15 -8.07 -2.80
N VAL E 303 20.75 -7.40 -3.78
CA VAL E 303 21.08 -5.99 -3.65
C VAL E 303 20.26 -5.06 -4.55
N TRP E 304 19.89 -3.90 -4.01
CA TRP E 304 19.40 -2.77 -4.80
C TRP E 304 20.02 -1.50 -4.25
N MET E 305 21.20 -1.16 -4.77
CA MET E 305 22.06 -0.09 -4.23
C MET E 305 21.36 1.24 -4.04
N ASN E 306 20.46 1.56 -4.97
CA ASN E 306 19.74 2.83 -4.97
C ASN E 306 18.84 2.99 -3.76
N TRP E 307 18.51 1.87 -3.12
CA TRP E 307 17.72 1.89 -1.90
C TRP E 307 18.57 1.67 -0.65
N LYS E 308 19.49 0.71 -0.70
CA LYS E 308 20.15 0.24 0.51
C LYS E 308 21.67 0.02 0.40
N GLY E 309 22.29 0.41 -0.71
CA GLY E 309 23.73 0.27 -0.86
C GLY E 309 24.20 -1.14 -1.18
N SER E 310 25.52 -1.33 -1.21
CA SER E 310 26.12 -2.58 -1.68
C SER E 310 26.03 -3.72 -0.65
N TRP E 311 25.94 -3.36 0.62
CA TRP E 311 26.11 -4.33 1.70
C TRP E 311 24.84 -4.57 2.50
N TYR E 312 23.70 -4.46 1.82
CA TYR E 312 22.40 -4.84 2.40
C TYR E 312 21.70 -5.85 1.49
N SER E 313 21.23 -6.95 2.09
CA SER E 313 20.55 -8.01 1.34
C SER E 313 19.07 -8.01 1.70
N MET E 314 18.21 -7.95 0.67
CA MET E 314 16.75 -7.84 0.87
C MET E 314 16.16 -9.06 1.57
N ARG E 315 15.01 -8.86 2.21
CA ARG E 315 14.26 -9.95 2.80
C ARG E 315 13.34 -10.56 1.73
N LYS E 316 12.67 -9.69 0.98
CA LYS E 316 11.85 -10.09 -0.15
C LYS E 316 12.27 -9.33 -1.41
N MET E 317 12.21 -10.04 -2.53
CA MET E 317 12.56 -9.50 -3.84
C MET E 317 11.84 -10.31 -4.91
N SER E 318 11.17 -9.65 -5.83
CA SER E 318 10.43 -10.34 -6.89
C SER E 318 10.43 -9.58 -8.20
N MET E 319 10.22 -10.31 -9.30
CA MET E 319 10.08 -9.70 -10.61
C MET E 319 8.85 -10.28 -11.26
N LYS E 320 7.94 -9.40 -11.69
CA LYS E 320 6.67 -9.79 -12.30
C LYS E 320 6.50 -9.07 -13.62
N ILE E 321 5.92 -9.78 -14.60
CA ILE E 321 5.66 -9.16 -15.89
C ILE E 321 4.18 -9.21 -16.27
N ARG E 322 3.76 -8.29 -17.12
CA ARG E 322 2.38 -8.21 -17.58
C ARG E 322 2.36 -7.51 -18.94
N PRO E 323 1.43 -7.90 -19.83
CA PRO E 323 1.25 -7.12 -21.06
C PRO E 323 0.96 -5.66 -20.73
N PHE E 324 1.73 -4.75 -21.36
CA PHE E 324 1.53 -3.31 -21.19
C PHE E 324 0.44 -2.82 -22.12
N PHE E 325 -0.42 -1.94 -21.60
CA PHE E 325 -1.52 -1.35 -22.36
C PHE E 325 -1.61 0.16 -22.24
N SER F 19 55.82 -22.43 28.72
CA SER F 19 55.67 -23.64 29.58
C SER F 19 55.35 -24.88 28.73
N ILE F 20 56.29 -25.84 28.74
CA ILE F 20 56.16 -27.10 27.98
C ILE F 20 55.80 -26.84 26.52
N ARG F 21 56.73 -26.22 25.79
CA ARG F 21 56.53 -25.81 24.39
C ARG F 21 55.26 -24.98 24.25
N TYR F 22 54.40 -25.38 23.32
CA TYR F 22 53.05 -24.83 23.18
C TYR F 22 52.03 -25.95 23.00
N LEU F 23 52.33 -26.86 22.08
CA LEU F 23 51.41 -27.94 21.68
C LEU F 23 50.06 -27.38 21.22
N GLN F 24 50.07 -26.13 20.78
CA GLN F 24 48.92 -25.48 20.16
C GLN F 24 48.86 -25.86 18.68
N GLU F 25 49.01 -27.16 18.44
CA GLU F 25 48.82 -27.73 17.11
C GLU F 25 47.33 -27.87 16.81
N ILE F 26 46.50 -27.42 17.74
CA ILE F 26 45.05 -27.39 17.53
C ILE F 26 44.69 -26.38 16.43
N TYR F 27 45.56 -25.39 16.21
CA TYR F 27 45.44 -24.49 15.07
C TYR F 27 45.56 -25.26 13.75
N ASN F 28 46.59 -26.10 13.65
CA ASN F 28 46.79 -26.95 12.48
C ASN F 28 45.76 -28.08 12.41
N SER F 29 45.23 -28.46 13.56
CA SER F 29 44.15 -29.43 13.64
C SER F 29 42.84 -28.77 13.17
N ASN F 30 42.69 -27.49 13.49
CA ASN F 30 41.53 -26.70 13.08
C ASN F 30 41.49 -26.45 11.58
N ASN F 31 42.62 -26.04 11.01
CA ASN F 31 42.76 -25.88 9.56
C ASN F 31 42.42 -27.13 8.77
N GLN F 32 42.85 -28.30 9.27
CA GLN F 32 42.54 -29.57 8.64
C GLN F 32 41.07 -29.96 8.79
N LYS F 33 40.49 -29.65 9.96
CA LYS F 33 39.07 -29.85 10.20
C LYS F 33 38.23 -29.03 9.22
N ILE F 34 38.61 -27.76 9.04
CA ILE F 34 37.96 -26.85 8.10
C ILE F 34 38.05 -27.36 6.65
N VAL F 35 39.19 -27.94 6.28
CA VAL F 35 39.36 -28.53 4.95
C VAL F 35 38.35 -29.67 4.73
N ASN F 36 38.30 -30.60 5.68
CA ASN F 36 37.37 -31.73 5.64
C ASN F 36 35.90 -31.30 5.69
N LEU F 37 35.62 -30.21 6.42
CA LEU F 37 34.28 -29.67 6.53
C LEU F 37 33.81 -29.03 5.20
N LYS F 38 34.69 -28.25 4.56
CA LYS F 38 34.41 -27.65 3.26
C LYS F 38 34.17 -28.71 2.18
N GLU F 39 34.86 -29.84 2.30
CA GLU F 39 34.63 -30.99 1.44
C GLU F 39 33.22 -31.53 1.67
N LYS F 40 32.86 -31.69 2.94
CA LYS F 40 31.54 -32.16 3.34
C LYS F 40 30.42 -31.20 2.89
N VAL F 41 30.72 -29.91 2.91
CA VAL F 41 29.77 -28.86 2.52
C VAL F 41 29.48 -28.89 1.01
N ALA F 42 30.51 -29.21 0.22
CA ALA F 42 30.34 -29.38 -1.23
C ALA F 42 29.35 -30.50 -1.54
N GLN F 43 29.40 -31.57 -0.73
CA GLN F 43 28.47 -32.69 -0.85
C GLN F 43 27.04 -32.25 -0.58
N LEU F 44 26.87 -31.36 0.40
CA LEU F 44 25.56 -30.84 0.79
C LEU F 44 24.96 -29.95 -0.30
N GLU F 45 25.79 -29.06 -0.86
CA GLU F 45 25.35 -28.19 -1.95
C GLU F 45 24.81 -29.03 -3.11
N ALA F 46 25.50 -30.11 -3.45
CA ALA F 46 25.06 -31.07 -4.47
C ALA F 46 23.71 -31.74 -4.15
N GLN F 47 23.34 -31.79 -2.87
CA GLN F 47 22.06 -32.34 -2.44
C GLN F 47 20.92 -31.31 -2.49
N CYS F 48 21.28 -30.03 -2.61
CA CYS F 48 20.28 -28.97 -2.49
C CYS F 48 20.13 -28.13 -3.77
N GLN F 49 20.07 -28.81 -4.90
CA GLN F 49 19.90 -28.15 -6.20
C GLN F 49 18.48 -28.34 -6.78
N GLU F 50 17.94 -29.55 -6.64
CA GLU F 50 16.64 -29.90 -7.22
C GLU F 50 15.46 -29.27 -6.49
N PRO F 51 14.36 -28.98 -7.23
CA PRO F 51 13.16 -28.48 -6.56
C PRO F 51 12.41 -29.57 -5.79
N CYS F 52 11.41 -29.17 -5.01
CA CYS F 52 10.51 -30.12 -4.37
C CYS F 52 9.87 -31.05 -5.40
N LYS F 53 9.64 -32.29 -5.01
CA LYS F 53 8.96 -33.26 -5.88
C LYS F 53 7.45 -32.99 -5.86
N ASP F 54 6.88 -32.72 -7.03
CA ASP F 54 5.45 -32.56 -7.17
C ASP F 54 4.82 -33.91 -7.48
N THR F 55 3.84 -34.30 -6.67
CA THR F 55 3.10 -35.55 -6.90
C THR F 55 2.21 -35.46 -8.13
N VAL F 56 1.87 -34.22 -8.53
CA VAL F 56 0.98 -33.99 -9.66
C VAL F 56 1.74 -33.92 -10.99
N GLN F 57 1.52 -34.93 -11.83
CA GLN F 57 2.18 -35.03 -13.14
C GLN F 57 1.13 -35.15 -14.25
N ILE F 58 1.44 -34.61 -15.42
CA ILE F 58 0.58 -34.74 -16.59
C ILE F 58 1.13 -35.81 -17.55
N HIS F 59 0.28 -36.75 -17.95
CA HIS F 59 0.65 -37.79 -18.91
C HIS F 59 0.98 -37.20 -20.29
N ASP F 60 1.80 -37.93 -21.05
CA ASP F 60 2.34 -37.46 -22.32
C ASP F 60 1.42 -37.72 -23.51
N ILE F 61 0.61 -38.78 -23.43
CA ILE F 61 -0.32 -39.10 -24.51
C ILE F 61 -1.42 -38.04 -24.60
N THR F 62 -1.64 -37.55 -25.81
CA THR F 62 -2.69 -36.60 -26.10
C THR F 62 -3.60 -37.13 -27.20
N GLY F 63 -4.72 -36.44 -27.42
CA GLY F 63 -5.69 -36.85 -28.44
C GLY F 63 -6.80 -35.82 -28.57
N LYS F 64 -7.85 -36.18 -29.29
CA LYS F 64 -9.00 -35.31 -29.49
C LYS F 64 -9.87 -35.23 -28.24
N ASP F 65 -9.95 -36.35 -27.52
CA ASP F 65 -10.65 -36.45 -26.24
C ASP F 65 -10.07 -37.63 -25.46
N CYS F 66 -10.68 -37.98 -24.33
CA CYS F 66 -10.19 -39.08 -23.49
C CYS F 66 -10.34 -40.46 -24.15
N GLN F 67 -11.33 -40.62 -25.03
CA GLN F 67 -11.52 -41.88 -25.73
C GLN F 67 -10.44 -42.11 -26.78
N ASP F 68 -10.09 -41.05 -27.50
CA ASP F 68 -8.97 -41.05 -28.43
C ASP F 68 -7.67 -41.43 -27.70
N ILE F 69 -7.47 -40.89 -26.50
CA ILE F 69 -6.32 -41.19 -25.66
C ILE F 69 -6.27 -42.66 -25.22
N ALA F 70 -7.42 -43.19 -24.80
CA ALA F 70 -7.55 -44.58 -24.43
C ALA F 70 -7.27 -45.53 -25.61
N ASN F 71 -7.68 -45.13 -26.81
CA ASN F 71 -7.45 -45.91 -28.02
C ASN F 71 -5.98 -45.89 -28.46
N LYS F 72 -5.24 -44.91 -27.95
CA LYS F 72 -3.80 -44.78 -28.22
C LYS F 72 -2.94 -45.55 -27.22
N GLY F 73 -3.58 -46.29 -26.31
CA GLY F 73 -2.86 -47.17 -25.39
C GLY F 73 -2.77 -46.71 -23.95
N ALA F 74 -3.16 -45.48 -23.67
CA ALA F 74 -3.22 -44.98 -22.29
C ALA F 74 -4.19 -45.83 -21.49
N LYS F 75 -3.85 -46.09 -20.23
CA LYS F 75 -4.55 -47.09 -19.42
C LYS F 75 -4.92 -46.59 -18.04
N GLN F 76 -4.26 -45.53 -17.59
CA GLN F 76 -4.51 -45.02 -16.25
C GLN F 76 -5.35 -43.74 -16.28
N SER F 77 -6.34 -43.67 -15.40
CA SER F 77 -7.11 -42.46 -15.16
C SER F 77 -6.20 -41.35 -14.63
N GLY F 78 -6.37 -40.14 -15.14
CA GLY F 78 -5.60 -38.98 -14.65
C GLY F 78 -5.63 -37.78 -15.57
N LEU F 79 -4.59 -36.95 -15.46
CA LEU F 79 -4.50 -35.69 -16.21
C LEU F 79 -3.86 -35.85 -17.58
N TYR F 80 -4.56 -35.35 -18.60
CA TYR F 80 -4.10 -35.37 -19.98
C TYR F 80 -4.50 -34.09 -20.69
N PHE F 81 -3.66 -33.59 -21.59
CA PHE F 81 -4.06 -32.57 -22.55
C PHE F 81 -4.86 -33.20 -23.68
N ILE F 82 -5.96 -32.56 -24.08
CA ILE F 82 -6.63 -32.92 -25.33
C ILE F 82 -6.83 -31.69 -26.22
N LYS F 83 -7.09 -31.95 -27.49
CA LYS F 83 -7.38 -30.87 -28.41
C LYS F 83 -8.33 -31.38 -29.48
N PRO F 84 -9.64 -31.20 -29.27
CA PRO F 84 -10.58 -31.47 -30.36
C PRO F 84 -10.15 -30.68 -31.59
N LEU F 85 -10.46 -31.17 -32.79
CA LEU F 85 -10.02 -30.51 -34.01
C LEU F 85 -10.35 -29.01 -34.07
N LYS F 86 -11.60 -28.65 -33.75
CA LYS F 86 -12.04 -27.25 -33.80
C LYS F 86 -11.50 -26.34 -32.67
N ALA F 87 -10.79 -26.92 -31.70
CA ALA F 87 -10.27 -26.16 -30.57
C ALA F 87 -9.05 -25.32 -30.97
N ASN F 88 -8.96 -24.09 -30.46
CA ASN F 88 -7.87 -23.20 -30.85
C ASN F 88 -6.54 -23.51 -30.15
N GLN F 89 -6.64 -24.14 -28.99
CA GLN F 89 -5.50 -24.48 -28.16
C GLN F 89 -5.85 -25.77 -27.42
N GLN F 90 -4.85 -26.61 -27.13
CA GLN F 90 -5.08 -27.75 -26.25
C GLN F 90 -5.43 -27.27 -24.84
N PHE F 91 -6.03 -28.16 -24.06
CA PHE F 91 -6.37 -27.86 -22.67
C PHE F 91 -6.33 -29.15 -21.86
N LEU F 92 -6.09 -28.99 -20.56
CA LEU F 92 -5.99 -30.10 -19.62
C LEU F 92 -7.36 -30.61 -19.21
N VAL F 93 -7.49 -31.94 -19.12
CA VAL F 93 -8.69 -32.60 -18.58
C VAL F 93 -8.34 -33.76 -17.65
N TYR F 94 -9.34 -34.20 -16.88
CA TYR F 94 -9.27 -35.46 -16.18
C TYR F 94 -9.98 -36.54 -17.02
N CYS F 95 -9.24 -37.61 -17.31
CA CYS F 95 -9.75 -38.79 -18.03
C CYS F 95 -10.01 -39.94 -17.06
N GLU F 96 -11.19 -40.55 -17.17
CA GLU F 96 -11.46 -41.79 -16.48
C GLU F 96 -11.33 -42.93 -17.48
N ILE F 97 -10.26 -43.71 -17.32
CA ILE F 97 -10.01 -44.85 -18.20
C ILE F 97 -10.21 -46.15 -17.42
N ASP F 98 -11.22 -46.92 -17.81
CA ASP F 98 -11.54 -48.19 -17.17
C ASP F 98 -10.83 -49.36 -17.86
N GLY F 99 -11.06 -50.58 -17.37
CA GLY F 99 -10.39 -51.77 -17.91
C GLY F 99 -10.79 -52.15 -19.33
N SER F 100 -12.00 -51.77 -19.71
CA SER F 100 -12.57 -52.11 -21.02
C SER F 100 -12.18 -51.16 -22.17
N GLY F 101 -11.21 -50.28 -21.93
CA GLY F 101 -10.74 -49.33 -22.95
C GLY F 101 -11.61 -48.09 -23.14
N ASN F 102 -12.51 -47.83 -22.20
CA ASN F 102 -13.37 -46.65 -22.26
C ASN F 102 -12.70 -45.47 -21.59
N GLY F 103 -12.60 -44.36 -22.33
CA GLY F 103 -12.06 -43.11 -21.80
C GLY F 103 -13.09 -42.01 -21.72
N TRP F 104 -13.58 -41.76 -20.50
CA TRP F 104 -14.52 -40.68 -20.23
C TRP F 104 -13.76 -39.38 -20.01
N THR F 105 -14.29 -38.30 -20.59
CA THR F 105 -13.84 -36.95 -20.24
C THR F 105 -14.79 -36.37 -19.21
N VAL F 106 -14.26 -36.14 -18.01
CA VAL F 106 -15.04 -35.61 -16.90
C VAL F 106 -15.09 -34.08 -17.02
N PHE F 107 -16.30 -33.51 -16.94
CA PHE F 107 -16.47 -32.05 -17.01
C PHE F 107 -17.01 -31.39 -15.73
N GLN F 108 -17.50 -32.19 -14.79
CA GLN F 108 -17.97 -31.69 -13.50
C GLN F 108 -17.72 -32.72 -12.40
N LYS F 109 -17.29 -32.23 -11.24
CA LYS F 109 -17.02 -33.07 -10.08
C LYS F 109 -17.34 -32.33 -8.79
N ARG F 110 -18.21 -32.90 -7.96
CA ARG F 110 -18.44 -32.44 -6.58
C ARG F 110 -18.09 -33.58 -5.64
N LEU F 111 -17.47 -33.25 -4.50
CA LEU F 111 -16.95 -34.28 -3.57
C LEU F 111 -16.95 -33.85 -2.10
N ASP F 112 -16.77 -32.57 -1.82
CA ASP F 112 -16.52 -32.12 -0.44
C ASP F 112 -16.92 -30.69 -0.12
N GLY F 113 -17.35 -29.93 -1.12
CA GLY F 113 -17.76 -28.54 -0.90
C GLY F 113 -16.62 -27.53 -0.83
N SER F 114 -15.44 -27.92 -1.27
CA SER F 114 -14.25 -27.07 -1.27
C SER F 114 -14.26 -25.94 -2.31
N VAL F 115 -14.95 -26.15 -3.43
CA VAL F 115 -15.00 -25.14 -4.48
C VAL F 115 -16.39 -24.48 -4.50
N ASP F 116 -16.41 -23.15 -4.61
CA ASP F 116 -17.65 -22.37 -4.62
C ASP F 116 -18.16 -22.35 -6.07
N PHE F 117 -19.37 -22.87 -6.27
CA PHE F 117 -19.95 -22.96 -7.60
C PHE F 117 -20.84 -21.75 -7.98
N LYS F 118 -20.90 -20.76 -7.09
CA LYS F 118 -21.49 -19.47 -7.41
C LYS F 118 -20.43 -18.66 -8.17
N LYS F 119 -20.47 -18.79 -9.48
CA LYS F 119 -19.48 -18.22 -10.37
C LYS F 119 -20.22 -17.53 -11.50
N ASN F 120 -19.51 -16.67 -12.21
CA ASN F 120 -20.10 -15.84 -13.23
C ASN F 120 -19.99 -16.48 -14.61
N TRP F 121 -20.50 -15.79 -15.62
CA TRP F 121 -20.57 -16.31 -16.98
C TRP F 121 -19.20 -16.71 -17.54
N ILE F 122 -18.24 -15.80 -17.44
CA ILE F 122 -16.88 -16.05 -17.91
C ILE F 122 -16.25 -17.27 -17.25
N GLN F 123 -16.39 -17.35 -15.93
CA GLN F 123 -15.88 -18.47 -15.14
C GLN F 123 -16.49 -19.83 -15.53
N TYR F 124 -17.81 -19.85 -15.77
CA TYR F 124 -18.47 -21.08 -16.25
C TYR F 124 -18.08 -21.44 -17.69
N LYS F 125 -17.76 -20.42 -18.49
CA LYS F 125 -17.30 -20.61 -19.86
C LYS F 125 -15.87 -21.16 -19.91
N GLU F 126 -15.00 -20.64 -19.04
CA GLU F 126 -13.56 -20.93 -19.13
C GLU F 126 -13.15 -22.07 -18.20
N GLY F 127 -13.97 -22.29 -17.17
CA GLY F 127 -13.73 -23.37 -16.20
C GLY F 127 -13.21 -22.81 -14.89
N PHE F 128 -13.41 -23.57 -13.81
CA PHE F 128 -12.90 -23.19 -12.50
C PHE F 128 -12.71 -24.45 -11.64
N GLY F 129 -12.10 -24.29 -10.47
CA GLY F 129 -11.72 -25.42 -9.64
C GLY F 129 -10.37 -25.97 -10.04
N HIS F 130 -10.05 -27.18 -9.60
CA HIS F 130 -8.74 -27.77 -9.82
C HIS F 130 -8.78 -29.21 -10.34
N LEU F 131 -7.80 -29.54 -11.16
CA LEU F 131 -7.64 -30.89 -11.71
C LEU F 131 -6.59 -31.69 -10.93
N SER F 132 -6.94 -32.93 -10.59
CA SER F 132 -6.05 -33.82 -9.84
C SER F 132 -5.92 -35.17 -10.54
N PRO F 133 -4.72 -35.77 -10.52
CA PRO F 133 -4.50 -37.10 -11.09
C PRO F 133 -5.31 -38.17 -10.37
N THR F 134 -5.65 -37.90 -9.11
CA THR F 134 -6.33 -38.84 -8.23
C THR F 134 -7.85 -38.77 -8.36
N GLY F 135 -8.35 -37.75 -9.08
CA GLY F 135 -9.79 -37.51 -9.20
C GLY F 135 -10.43 -37.18 -7.88
N THR F 136 -9.75 -36.35 -7.08
CA THR F 136 -10.17 -36.06 -5.71
C THR F 136 -10.45 -34.57 -5.47
N THR F 137 -10.68 -33.83 -6.55
CA THR F 137 -10.89 -32.38 -6.48
C THR F 137 -12.18 -31.99 -7.20
N GLU F 138 -12.73 -30.85 -6.78
CA GLU F 138 -13.93 -30.32 -7.38
C GLU F 138 -13.61 -29.32 -8.49
N PHE F 139 -14.40 -29.36 -9.56
CA PHE F 139 -14.15 -28.53 -10.73
C PHE F 139 -15.32 -28.43 -11.70
N TRP F 140 -15.28 -27.39 -12.52
CA TRP F 140 -16.13 -27.26 -13.70
C TRP F 140 -15.17 -27.01 -14.86
N LEU F 141 -15.17 -27.90 -15.85
CA LEU F 141 -14.20 -27.82 -16.96
C LEU F 141 -14.31 -26.54 -17.79
N GLY F 142 -15.53 -26.09 -18.02
CA GLY F 142 -15.77 -24.89 -18.81
C GLY F 142 -16.66 -25.21 -19.99
N ASN F 143 -17.70 -24.38 -20.15
CA ASN F 143 -18.69 -24.54 -21.21
C ASN F 143 -18.11 -24.59 -22.63
N GLU F 144 -17.11 -23.76 -22.90
CA GLU F 144 -16.49 -23.72 -24.22
C GLU F 144 -15.85 -25.06 -24.54
N LYS F 145 -15.11 -25.60 -23.56
CA LYS F 145 -14.51 -26.91 -23.69
C LYS F 145 -15.54 -28.03 -23.87
N ILE F 146 -16.61 -28.00 -23.07
CA ILE F 146 -17.68 -29.00 -23.17
C ILE F 146 -18.38 -28.92 -24.54
N HIS F 147 -18.62 -27.69 -25.01
CA HIS F 147 -19.07 -27.46 -26.37
C HIS F 147 -18.13 -28.12 -27.38
N LEU F 148 -16.82 -27.87 -27.24
CA LEU F 148 -15.83 -28.34 -28.22
C LEU F 148 -15.70 -29.87 -28.24
N ILE F 149 -15.74 -30.49 -27.07
CA ILE F 149 -15.66 -31.96 -27.01
C ILE F 149 -16.89 -32.58 -27.66
N SER F 150 -18.06 -32.11 -27.26
CA SER F 150 -19.34 -32.75 -27.61
C SER F 150 -19.87 -32.45 -29.01
N THR F 151 -19.23 -31.54 -29.72
CA THR F 151 -19.71 -31.14 -31.07
C THR F 151 -18.68 -31.37 -32.18
N GLN F 152 -17.72 -32.25 -31.92
CA GLN F 152 -16.78 -32.74 -32.93
C GLN F 152 -17.55 -33.40 -34.07
N SER F 153 -17.17 -33.08 -35.30
CA SER F 153 -17.86 -33.56 -36.50
C SER F 153 -17.99 -35.07 -36.54
N ALA F 154 -19.20 -35.54 -36.86
CA ALA F 154 -19.54 -36.95 -37.05
C ALA F 154 -19.12 -37.82 -35.86
N ILE F 155 -19.27 -37.29 -34.66
CA ILE F 155 -18.97 -38.02 -33.44
C ILE F 155 -20.10 -37.79 -32.43
N PRO F 156 -21.15 -38.63 -32.49
CA PRO F 156 -22.23 -38.61 -31.50
C PRO F 156 -21.69 -38.87 -30.10
N TYR F 157 -22.16 -38.10 -29.14
CA TYR F 157 -21.64 -38.16 -27.79
C TYR F 157 -22.70 -38.59 -26.77
N ALA F 158 -22.24 -39.09 -25.63
CA ALA F 158 -23.14 -39.47 -24.55
C ALA F 158 -22.71 -38.82 -23.25
N LEU F 159 -23.67 -38.59 -22.38
CA LEU F 159 -23.44 -38.07 -21.04
C LEU F 159 -23.85 -39.11 -19.99
N ARG F 160 -22.95 -39.36 -19.04
CA ARG F 160 -23.29 -40.09 -17.84
C ARG F 160 -23.20 -39.18 -16.62
N VAL F 161 -24.27 -39.17 -15.83
CA VAL F 161 -24.30 -38.49 -14.52
C VAL F 161 -24.19 -39.58 -13.45
N GLU F 162 -23.29 -39.41 -12.49
CA GLU F 162 -23.13 -40.37 -11.39
C GLU F 162 -23.34 -39.64 -10.06
N LEU F 163 -24.24 -40.17 -9.23
CA LEU F 163 -24.55 -39.56 -7.94
C LEU F 163 -24.19 -40.47 -6.77
N GLU F 164 -23.83 -39.87 -5.65
CA GLU F 164 -23.67 -40.60 -4.40
C GLU F 164 -24.40 -39.88 -3.27
N ASP F 165 -25.22 -40.60 -2.51
CA ASP F 165 -25.83 -40.02 -1.32
C ASP F 165 -24.87 -40.10 -0.12
N TRP F 166 -25.33 -39.66 1.05
CA TRP F 166 -24.51 -39.63 2.25
C TRP F 166 -24.52 -40.96 3.02
N ASN F 167 -25.21 -41.95 2.45
CA ASN F 167 -25.27 -43.31 2.98
C ASN F 167 -24.54 -44.32 2.07
N GLY F 168 -23.69 -43.80 1.18
CA GLY F 168 -22.84 -44.67 0.34
C GLY F 168 -23.51 -45.33 -0.85
N ARG F 169 -24.78 -45.02 -1.08
CA ARG F 169 -25.48 -45.47 -2.29
C ARG F 169 -25.11 -44.62 -3.50
N THR F 170 -25.01 -45.25 -4.66
CA THR F 170 -24.71 -44.57 -5.91
C THR F 170 -25.78 -44.86 -6.95
N SER F 171 -25.98 -43.91 -7.87
CA SER F 171 -26.93 -44.07 -8.97
C SER F 171 -26.38 -43.42 -10.24
N THR F 172 -27.02 -43.67 -11.36
CA THR F 172 -26.54 -43.24 -12.66
C THR F 172 -27.69 -42.76 -13.56
N ALA F 173 -27.36 -41.85 -14.48
CA ALA F 173 -28.29 -41.43 -15.53
C ALA F 173 -27.51 -41.13 -16.80
N ASP F 174 -27.91 -41.79 -17.89
CA ASP F 174 -27.23 -41.65 -19.16
C ASP F 174 -28.08 -40.90 -20.16
N TYR F 175 -27.43 -40.02 -20.92
CA TYR F 175 -28.11 -39.25 -21.96
C TYR F 175 -27.39 -39.45 -23.28
N ALA F 176 -28.15 -39.83 -24.31
CA ALA F 176 -27.60 -40.14 -25.63
C ALA F 176 -27.68 -38.94 -26.56
N MET F 177 -26.63 -38.78 -27.37
CA MET F 177 -26.54 -37.67 -28.33
C MET F 177 -26.55 -36.31 -27.62
N PHE F 178 -25.83 -36.26 -26.51
CA PHE F 178 -25.55 -35.07 -25.72
C PHE F 178 -24.71 -34.07 -26.51
N LYS F 179 -25.21 -32.83 -26.61
CA LYS F 179 -24.41 -31.71 -27.12
C LYS F 179 -24.61 -30.48 -26.24
N VAL F 180 -23.56 -29.67 -26.17
CA VAL F 180 -23.66 -28.30 -25.66
C VAL F 180 -23.27 -27.41 -26.82
N GLY F 181 -24.10 -26.39 -27.09
CA GLY F 181 -23.94 -25.55 -28.25
C GLY F 181 -22.95 -24.42 -28.01
N PRO F 182 -22.74 -23.55 -29.02
CA PRO F 182 -21.78 -22.45 -28.94
C PRO F 182 -22.21 -21.32 -28.01
N GLU F 183 -21.28 -20.42 -27.67
CA GLU F 183 -21.60 -19.28 -26.82
C GLU F 183 -22.71 -18.42 -27.41
N ALA F 184 -22.74 -18.32 -28.74
CA ALA F 184 -23.77 -17.56 -29.46
C ALA F 184 -25.18 -18.02 -29.12
N ASP F 185 -25.35 -19.32 -28.85
CA ASP F 185 -26.62 -19.87 -28.39
C ASP F 185 -26.61 -20.23 -26.89
N LYS F 186 -25.79 -19.51 -26.13
CA LYS F 186 -25.74 -19.61 -24.68
C LYS F 186 -25.49 -21.02 -24.15
N TYR F 187 -24.66 -21.79 -24.86
CA TYR F 187 -24.23 -23.13 -24.41
C TYR F 187 -25.41 -24.05 -24.08
N ARG F 188 -26.38 -24.06 -24.98
CA ARG F 188 -27.61 -24.82 -24.84
C ARG F 188 -27.36 -26.32 -24.76
N LEU F 189 -28.02 -26.94 -23.78
CA LEU F 189 -27.96 -28.38 -23.57
C LEU F 189 -29.03 -29.05 -24.44
N THR F 190 -28.63 -30.04 -25.22
CA THR F 190 -29.58 -30.92 -25.92
C THR F 190 -29.16 -32.38 -25.80
N TYR F 191 -30.13 -33.29 -25.86
CA TYR F 191 -29.86 -34.72 -26.05
C TYR F 191 -31.02 -35.34 -26.81
N ALA F 192 -30.78 -36.49 -27.43
CA ALA F 192 -31.83 -37.19 -28.19
C ALA F 192 -32.79 -37.96 -27.28
N TYR F 193 -32.25 -38.65 -26.27
CA TYR F 193 -33.09 -39.42 -25.35
C TYR F 193 -32.35 -39.78 -24.07
N PHE F 194 -33.11 -39.97 -23.00
CA PHE F 194 -32.63 -40.57 -21.77
C PHE F 194 -32.37 -42.05 -22.06
N ALA F 195 -31.12 -42.48 -21.90
CA ALA F 195 -30.71 -43.84 -22.25
C ALA F 195 -30.71 -44.81 -21.07
N GLY F 196 -31.17 -44.36 -19.90
CA GLY F 196 -31.34 -45.28 -18.77
C GLY F 196 -30.49 -44.95 -17.55
N GLY F 197 -30.77 -45.66 -16.47
CA GLY F 197 -30.04 -45.52 -15.21
C GLY F 197 -30.97 -45.39 -14.02
N ASP F 198 -30.49 -45.83 -12.85
CA ASP F 198 -31.30 -45.86 -11.63
C ASP F 198 -31.48 -44.53 -10.89
N ALA F 199 -30.77 -43.47 -11.30
CA ALA F 199 -31.02 -42.13 -10.77
C ALA F 199 -32.35 -41.57 -11.27
N GLY F 200 -32.83 -42.10 -12.39
CA GLY F 200 -34.00 -41.58 -13.09
C GLY F 200 -33.66 -40.38 -13.97
N ASP F 201 -34.65 -39.91 -14.72
CA ASP F 201 -34.47 -38.88 -15.73
C ASP F 201 -34.91 -37.52 -15.19
N ALA F 202 -34.05 -36.90 -14.39
CA ALA F 202 -34.37 -35.57 -13.85
C ALA F 202 -34.40 -34.50 -14.94
N PHE F 203 -33.63 -34.70 -16.02
CA PHE F 203 -33.63 -33.76 -17.14
C PHE F 203 -34.99 -33.68 -17.88
N ASP F 204 -35.88 -34.61 -17.58
CA ASP F 204 -37.24 -34.60 -18.16
C ASP F 204 -38.18 -33.73 -17.32
N GLY F 205 -37.66 -33.17 -16.22
CA GLY F 205 -38.49 -32.40 -15.31
C GLY F 205 -39.18 -33.26 -14.28
N PHE F 206 -39.77 -32.63 -13.28
CA PHE F 206 -40.41 -33.38 -12.21
C PHE F 206 -41.74 -32.72 -11.85
N ASP F 207 -42.76 -33.56 -11.71
CA ASP F 207 -44.09 -33.15 -11.24
C ASP F 207 -44.04 -32.81 -9.75
N PHE F 208 -43.60 -31.58 -9.43
CA PHE F 208 -43.52 -31.12 -8.03
C PHE F 208 -44.88 -30.95 -7.34
N GLY F 209 -45.96 -30.91 -8.12
CA GLY F 209 -47.30 -31.03 -7.57
C GLY F 209 -48.11 -29.76 -7.36
N ASP F 210 -47.51 -28.58 -7.53
CA ASP F 210 -48.23 -27.33 -7.25
C ASP F 210 -49.00 -26.72 -8.43
N ASP F 211 -48.60 -27.10 -9.64
CA ASP F 211 -49.23 -26.62 -10.88
C ASP F 211 -49.02 -27.71 -11.93
N PRO F 212 -49.98 -27.87 -12.86
CA PRO F 212 -49.80 -28.86 -13.94
C PRO F 212 -48.54 -28.64 -14.78
N SER F 213 -48.05 -27.39 -14.85
CA SER F 213 -46.88 -27.06 -15.67
C SER F 213 -45.51 -27.30 -15.03
N ASP F 214 -45.47 -27.70 -13.75
CA ASP F 214 -44.20 -27.89 -13.02
C ASP F 214 -43.17 -28.78 -13.74
N LYS F 215 -43.65 -29.91 -14.29
CA LYS F 215 -42.75 -30.84 -14.96
C LYS F 215 -42.10 -30.20 -16.19
N PHE F 216 -42.92 -29.55 -17.03
CA PHE F 216 -42.38 -28.85 -18.19
C PHE F 216 -41.36 -27.77 -17.79
N PHE F 217 -41.72 -26.98 -16.79
CA PHE F 217 -40.88 -25.87 -16.35
C PHE F 217 -39.64 -26.27 -15.54
N THR F 218 -39.49 -27.56 -15.25
CA THR F 218 -38.29 -28.04 -14.59
C THR F 218 -37.51 -29.03 -15.45
N SER F 219 -37.88 -29.16 -16.73
CA SER F 219 -37.12 -29.94 -17.70
C SER F 219 -35.89 -29.19 -18.17
N HIS F 220 -34.90 -29.92 -18.70
CA HIS F 220 -33.61 -29.32 -19.00
C HIS F 220 -33.16 -29.43 -20.45
N ASN F 221 -33.74 -30.37 -21.19
CA ASN F 221 -33.46 -30.52 -22.60
C ASN F 221 -33.84 -29.26 -23.38
N GLY F 222 -32.87 -28.74 -24.14
CA GLY F 222 -33.07 -27.51 -24.91
C GLY F 222 -32.86 -26.23 -24.12
N MET F 223 -32.40 -26.33 -22.87
CA MET F 223 -32.23 -25.14 -22.04
C MET F 223 -30.89 -24.50 -22.29
N GLN F 224 -30.88 -23.17 -22.34
CA GLN F 224 -29.63 -22.41 -22.43
C GLN F 224 -28.96 -22.40 -21.05
N PHE F 225 -27.67 -22.10 -21.02
CA PHE F 225 -26.96 -21.95 -19.76
C PHE F 225 -27.20 -20.57 -19.16
N SER F 226 -27.32 -20.50 -17.84
CA SER F 226 -27.53 -19.25 -17.11
C SER F 226 -26.57 -19.14 -15.95
N THR F 227 -26.11 -17.92 -15.69
CA THR F 227 -25.41 -17.55 -14.46
C THR F 227 -26.12 -16.31 -13.95
N TRP F 228 -25.75 -15.83 -12.76
CA TRP F 228 -26.37 -14.63 -12.20
C TRP F 228 -26.25 -13.40 -13.11
N ASP F 229 -25.13 -13.26 -13.82
CA ASP F 229 -24.89 -12.08 -14.68
C ASP F 229 -25.26 -12.31 -16.15
N ASN F 230 -25.86 -13.46 -16.43
CA ASN F 230 -26.25 -13.82 -17.80
C ASN F 230 -27.45 -14.77 -17.72
N ASP F 231 -28.64 -14.16 -17.58
CA ASP F 231 -29.89 -14.83 -17.33
C ASP F 231 -30.54 -15.23 -18.66
N ASN F 232 -30.59 -16.54 -18.92
CA ASN F 232 -31.15 -17.09 -20.15
C ASN F 232 -32.21 -18.17 -19.88
N ASP F 233 -32.88 -18.07 -18.73
CA ASP F 233 -33.83 -19.10 -18.30
C ASP F 233 -35.26 -18.75 -18.75
N LYS F 234 -36.24 -19.54 -18.31
CA LYS F 234 -37.63 -19.33 -18.73
C LYS F 234 -38.46 -18.68 -17.62
N PHE F 235 -37.79 -17.92 -16.77
CA PHE F 235 -38.36 -17.37 -15.54
C PHE F 235 -38.28 -15.86 -15.64
N GLU F 236 -39.34 -15.19 -15.18
CA GLU F 236 -39.41 -13.73 -15.10
C GLU F 236 -38.28 -13.19 -14.23
N GLY F 237 -37.95 -13.92 -13.17
CA GLY F 237 -36.78 -13.58 -12.35
C GLY F 237 -35.55 -14.33 -12.82
N ASN F 238 -34.60 -14.52 -11.92
CA ASN F 238 -33.25 -14.96 -12.24
C ASN F 238 -32.95 -16.21 -11.43
N CYS F 239 -33.21 -17.38 -12.04
CA CYS F 239 -33.00 -18.69 -11.40
C CYS F 239 -31.58 -18.87 -10.89
N ALA F 240 -30.60 -18.59 -11.75
CA ALA F 240 -29.20 -18.79 -11.41
C ALA F 240 -28.75 -17.95 -10.22
N GLU F 241 -29.23 -16.70 -10.16
CA GLU F 241 -28.92 -15.80 -9.05
C GLU F 241 -29.60 -16.25 -7.78
N GLN F 242 -30.87 -16.65 -7.88
CA GLN F 242 -31.63 -17.04 -6.71
C GLN F 242 -31.12 -18.34 -6.10
N ASP F 243 -30.72 -19.27 -6.96
CA ASP F 243 -30.23 -20.57 -6.52
C ASP F 243 -28.70 -20.64 -6.33
N GLY F 244 -27.99 -19.58 -6.73
CA GLY F 244 -26.56 -19.47 -6.46
C GLY F 244 -25.64 -20.39 -7.23
N SER F 245 -25.93 -20.57 -8.52
CA SER F 245 -25.18 -21.51 -9.36
C SER F 245 -25.07 -21.01 -10.80
N GLY F 246 -24.41 -21.80 -11.64
CA GLY F 246 -24.56 -21.73 -13.08
C GLY F 246 -25.17 -23.05 -13.53
N TRP F 247 -26.23 -23.00 -14.33
CA TRP F 247 -26.92 -24.22 -14.75
C TRP F 247 -27.84 -23.95 -15.94
N TRP F 248 -28.25 -25.03 -16.60
CA TRP F 248 -29.22 -24.95 -17.68
C TRP F 248 -30.59 -24.80 -17.05
N MET F 249 -30.87 -23.59 -16.58
CA MET F 249 -32.09 -23.25 -15.88
C MET F 249 -33.29 -23.08 -16.80
N ASN F 250 -34.44 -23.48 -16.27
CA ASN F 250 -35.73 -23.37 -16.93
C ASN F 250 -36.56 -22.47 -16.02
N LYS F 251 -37.37 -23.08 -15.17
CA LYS F 251 -38.14 -22.31 -14.16
C LYS F 251 -38.48 -23.21 -12.94
N CYS F 252 -37.48 -23.68 -12.21
CA CYS F 252 -36.06 -23.46 -12.48
C CYS F 252 -35.30 -24.76 -12.81
N HIS F 253 -35.47 -25.80 -11.99
CA HIS F 253 -34.74 -27.06 -12.20
C HIS F 253 -35.31 -28.27 -11.46
N ALA F 254 -34.99 -29.46 -11.99
CA ALA F 254 -35.30 -30.74 -11.35
C ALA F 254 -34.00 -31.49 -11.08
N GLY F 255 -32.96 -31.14 -11.83
CA GLY F 255 -31.60 -31.65 -11.66
C GLY F 255 -30.72 -30.41 -11.59
N HIS F 256 -29.81 -30.39 -10.62
CA HIS F 256 -29.08 -29.16 -10.27
C HIS F 256 -27.76 -29.53 -9.62
N LEU F 257 -26.81 -29.99 -10.42
CA LEU F 257 -25.60 -30.57 -9.85
C LEU F 257 -24.52 -29.55 -9.51
N ASN F 258 -24.74 -28.29 -9.92
CA ASN F 258 -23.83 -27.19 -9.63
C ASN F 258 -24.33 -26.38 -8.44
N GLY F 259 -25.29 -26.95 -7.71
CA GLY F 259 -25.90 -26.31 -6.55
C GLY F 259 -25.01 -26.21 -5.33
N VAL F 260 -25.60 -25.77 -4.22
CA VAL F 260 -24.88 -25.52 -2.97
C VAL F 260 -24.61 -26.86 -2.28
N TYR F 261 -23.37 -27.06 -1.85
CA TYR F 261 -22.95 -28.27 -1.13
C TYR F 261 -23.43 -28.25 0.32
N TYR F 262 -24.57 -28.88 0.58
CA TYR F 262 -25.06 -29.05 1.94
C TYR F 262 -24.51 -30.33 2.55
N GLN F 263 -23.98 -30.21 3.76
CA GLN F 263 -23.40 -31.34 4.47
C GLN F 263 -24.52 -32.18 5.08
N GLY F 264 -24.37 -33.51 4.99
CA GLY F 264 -25.33 -34.44 5.58
C GLY F 264 -26.48 -34.80 4.66
N GLY F 265 -26.64 -34.07 3.57
CA GLY F 265 -27.69 -34.35 2.58
C GLY F 265 -28.95 -33.55 2.79
N THR F 266 -29.66 -33.85 3.88
CA THR F 266 -30.92 -33.19 4.22
C THR F 266 -30.69 -31.71 4.51
N TYR F 267 -31.54 -30.86 3.94
CA TYR F 267 -31.54 -29.44 4.25
C TYR F 267 -32.96 -28.92 4.15
N SER F 268 -33.24 -27.79 4.78
CA SER F 268 -34.60 -27.24 4.76
C SER F 268 -34.69 -25.91 4.01
N LYS F 269 -35.91 -25.45 3.84
CA LYS F 269 -36.19 -24.16 3.20
C LYS F 269 -35.45 -23.02 3.92
N ALA F 270 -35.43 -23.08 5.25
CA ALA F 270 -34.81 -22.07 6.09
C ALA F 270 -33.29 -21.96 5.94
N SER F 271 -32.66 -23.04 5.48
CA SER F 271 -31.22 -23.07 5.17
C SER F 271 -30.85 -22.33 3.88
N THR F 272 -31.82 -22.18 2.99
CA THR F 272 -31.58 -21.55 1.70
C THR F 272 -31.61 -20.03 1.84
N PRO F 273 -30.81 -19.30 1.04
CA PRO F 273 -30.84 -17.84 1.12
C PRO F 273 -32.17 -17.22 0.69
N ASN F 274 -32.90 -17.89 -0.20
CA ASN F 274 -34.05 -17.28 -0.87
C ASN F 274 -35.38 -18.05 -0.77
N GLY F 275 -35.37 -19.16 -0.05
CA GLY F 275 -36.59 -19.94 0.18
C GLY F 275 -36.88 -21.03 -0.84
N TYR F 276 -36.05 -21.12 -1.89
CA TYR F 276 -36.18 -22.15 -2.91
C TYR F 276 -35.05 -23.17 -2.77
N ASP F 277 -35.33 -24.43 -3.09
CA ASP F 277 -34.33 -25.49 -3.06
C ASP F 277 -33.18 -25.16 -4.02
N ASN F 278 -31.96 -25.19 -3.49
CA ASN F 278 -30.79 -24.84 -4.28
C ASN F 278 -29.59 -25.76 -4.03
N GLY F 279 -29.87 -26.94 -3.48
CA GLY F 279 -28.82 -27.92 -3.20
C GLY F 279 -28.45 -28.71 -4.46
N ILE F 280 -27.56 -29.69 -4.30
CA ILE F 280 -27.13 -30.56 -5.38
C ILE F 280 -28.19 -31.65 -5.50
N ILE F 281 -29.24 -31.36 -6.28
CA ILE F 281 -30.41 -32.22 -6.34
C ILE F 281 -30.55 -33.03 -7.63
N TRP F 282 -31.31 -34.12 -7.54
CA TRP F 282 -31.72 -34.91 -8.68
C TRP F 282 -33.07 -35.49 -8.27
N ALA F 283 -34.14 -34.80 -8.67
CA ALA F 283 -35.47 -35.00 -8.10
C ALA F 283 -36.09 -36.37 -8.34
N THR F 284 -35.58 -37.08 -9.36
CA THR F 284 -36.07 -38.42 -9.66
C THR F 284 -35.43 -39.50 -8.76
N TRP F 285 -34.32 -39.16 -8.10
CA TRP F 285 -33.68 -40.06 -7.14
C TRP F 285 -33.99 -39.70 -5.69
N LYS F 286 -33.81 -38.43 -5.34
CA LYS F 286 -34.06 -37.97 -3.97
C LYS F 286 -34.93 -36.72 -3.99
N THR F 287 -35.58 -36.44 -2.85
CA THR F 287 -36.32 -35.19 -2.65
C THR F 287 -35.44 -33.96 -2.95
N ARG F 288 -36.08 -32.87 -3.37
CA ARG F 288 -35.37 -31.61 -3.62
C ARG F 288 -34.75 -31.01 -2.35
N TRP F 289 -35.13 -31.55 -1.19
CA TRP F 289 -34.52 -31.18 0.10
C TRP F 289 -33.42 -32.16 0.50
N TYR F 290 -32.87 -32.85 -0.50
CA TYR F 290 -31.72 -33.69 -0.31
C TYR F 290 -30.63 -33.36 -1.32
N SER F 291 -29.45 -33.01 -0.81
CA SER F 291 -28.30 -32.61 -1.59
C SER F 291 -27.24 -33.74 -1.62
N MET F 292 -26.78 -34.09 -2.81
CA MET F 292 -25.83 -35.22 -3.00
C MET F 292 -24.50 -35.02 -2.30
N LYS F 293 -23.85 -36.12 -1.96
CA LYS F 293 -22.52 -36.07 -1.37
C LYS F 293 -21.46 -35.94 -2.48
N LYS F 294 -21.71 -36.61 -3.59
CA LYS F 294 -20.79 -36.61 -4.72
C LYS F 294 -21.56 -36.67 -6.02
N THR F 295 -21.07 -35.92 -7.01
CA THR F 295 -21.58 -36.01 -8.38
C THR F 295 -20.41 -36.06 -9.34
N THR F 296 -20.66 -36.66 -10.50
CA THR F 296 -19.73 -36.66 -11.60
C THR F 296 -20.53 -36.49 -12.89
N MET F 297 -20.12 -35.54 -13.72
CA MET F 297 -20.63 -35.43 -15.07
C MET F 297 -19.47 -35.70 -16.02
N LYS F 298 -19.65 -36.67 -16.89
CA LYS F 298 -18.58 -37.15 -17.75
C LYS F 298 -19.14 -37.56 -19.10
N ILE F 299 -18.32 -37.38 -20.13
CA ILE F 299 -18.77 -37.63 -21.49
C ILE F 299 -17.87 -38.60 -22.27
N ILE F 300 -18.50 -39.35 -23.18
CA ILE F 300 -17.85 -40.40 -23.94
C ILE F 300 -18.55 -40.53 -25.29
N PRO F 301 -17.80 -40.88 -26.37
CA PRO F 301 -18.48 -41.16 -27.63
C PRO F 301 -19.59 -42.18 -27.42
N PHE F 302 -20.75 -41.92 -28.01
CA PHE F 302 -21.94 -42.76 -27.84
C PHE F 302 -21.72 -44.25 -28.19
N ASN F 303 -20.92 -44.53 -29.22
CA ASN F 303 -20.66 -45.92 -29.62
C ASN F 303 -19.93 -46.77 -28.56
N ARG F 304 -19.46 -46.12 -27.49
CA ARG F 304 -18.81 -46.81 -26.39
C ARG F 304 -19.83 -47.33 -25.37
N LEU F 305 -21.04 -46.79 -25.41
CA LEU F 305 -22.15 -47.30 -24.59
C LEU F 305 -22.68 -48.60 -25.18
N THR F 306 -23.30 -49.43 -24.34
CA THR F 306 -23.86 -50.71 -24.79
C THR F 306 -25.06 -50.51 -25.71
N GLY G 1 -30.41 -6.50 1.77
CA GLY G 1 -31.34 -7.63 1.55
C GLY G 1 -32.49 -7.58 2.53
N HIS G 2 -33.41 -8.53 2.37
CA HIS G 2 -34.59 -8.69 3.22
C HIS G 2 -34.25 -9.36 4.57
N ARG G 3 -35.12 -9.20 5.56
CA ARG G 3 -35.02 -9.95 6.83
C ARG G 3 -36.27 -10.79 7.04
N PRO G 4 -36.20 -12.10 6.81
CA PRO G 4 -37.37 -12.97 6.92
C PRO G 4 -38.02 -12.99 8.31
N GLY H 1 -35.84 -26.54 -8.12
CA GLY H 1 -37.32 -26.67 -8.04
C GLY H 1 -38.06 -25.78 -9.02
N HIS H 2 -39.39 -25.80 -8.91
CA HIS H 2 -40.32 -24.99 -9.68
C HIS H 2 -40.45 -23.60 -9.04
N ARG H 3 -41.35 -22.77 -9.59
CA ARG H 3 -41.72 -21.49 -8.97
C ARG H 3 -43.20 -21.11 -9.13
N PRO H 4 -43.78 -20.36 -8.17
CA PRO H 4 -45.23 -20.05 -8.23
C PRO H 4 -45.65 -19.32 -9.51
#